data_1NRV
# 
_entry.id   1NRV 
# 
_audit_conform.dict_name       mmcif_pdbx.dic 
_audit_conform.dict_version    5.376 
_audit_conform.dict_location   http://mmcif.pdb.org/dictionaries/ascii/mmcif_pdbx.dic 
# 
loop_
_database_2.database_id 
_database_2.database_code 
_database_2.pdbx_database_accession 
_database_2.pdbx_DOI 
PDB   1NRV         pdb_00001nrv 10.2210/pdb1nrv/pdb 
RCSB  RCSB018149   ?            ?                   
WWPDB D_1000018149 ?            ?                   
# 
_pdbx_database_status.status_code                     REL 
_pdbx_database_status.entry_id                        1NRV 
_pdbx_database_status.recvd_initial_deposition_date   2003-01-25 
_pdbx_database_status.deposit_site                    RCSB 
_pdbx_database_status.process_site                    RCSB 
_pdbx_database_status.status_code_sf                  REL 
_pdbx_database_status.SG_entry                        . 
_pdbx_database_status.pdb_format_compatible           Y 
_pdbx_database_status.status_code_mr                  ? 
_pdbx_database_status.status_code_cs                  ? 
_pdbx_database_status.status_code_nmr_data            ? 
_pdbx_database_status.methods_development_category    ? 
# 
loop_
_audit_author.name 
_audit_author.pdbx_ordinal 
'Stein, E.G.'   1 
'Hubbard, S.R.' 2 
# 
_citation.id                        primary 
_citation.title                     
'Structural basis for dimerization of the Grb10 Src homology 2 domain. Implications for ligand specificity.' 
_citation.journal_abbrev            J.Biol.Chem. 
_citation.journal_volume            278 
_citation.page_first                13257 
_citation.page_last                 13264 
_citation.year                      2003 
_citation.journal_id_ASTM           JBCHA3 
_citation.country                   US 
_citation.journal_id_ISSN           0021-9258 
_citation.journal_id_CSD            0071 
_citation.book_publisher            ? 
_citation.pdbx_database_id_PubMed   12551896 
_citation.pdbx_database_id_DOI      10.1074/jbc.M212026200 
# 
loop_
_citation_author.citation_id 
_citation_author.name 
_citation_author.ordinal 
_citation_author.identifier_ORCID 
primary 'Stein, E.G.'   1 ? 
primary 'Ghirlando, R.' 2 ? 
primary 'Hubbard, S.R.' 3 ? 
# 
_cell.entry_id           1NRV 
_cell.length_a           28.82 
_cell.length_b           49.04 
_cell.length_c           79.61 
_cell.angle_alpha        90.00 
_cell.angle_beta         96.62 
_cell.angle_gamma        90.00 
_cell.pdbx_unique_axis   ? 
_cell.Z_PDB              4 
# 
_symmetry.entry_id                         1NRV 
_symmetry.space_group_name_H-M             'P 1 21 1' 
_symmetry.pdbx_full_space_group_name_H-M   ? 
_symmetry.Int_Tables_number                4 
_symmetry.cell_setting                     ? 
# 
loop_
_entity.id 
_entity.type 
_entity.src_method 
_entity.pdbx_description 
_entity.formula_weight 
_entity.pdbx_number_of_molecules 
_entity.pdbx_ec 
_entity.pdbx_mutation 
_entity.pdbx_fragment 
_entity.details 
1 polymer man 'Growth factor receptor-bound protein 10' 12361.202 2   ? ? 'SH2 domain' ? 
2 water   nat water                                     18.015    179 ? ? ?            ? 
# 
_entity_name_com.entity_id   1 
_entity_name_com.name        'GRB10 adapter protein' 
# 
_entity_poly.entity_id                      1 
_entity_poly.type                           'polypeptide(L)' 
_entity_poly.nstd_linkage                   no 
_entity_poly.nstd_monomer                   no 
_entity_poly.pdbx_seq_one_letter_code       
;IHRTQHWFHGRISREESHRIIKQQGLVDGLFLLRDSQSNPKAFVLTLCHHQKIKNFQILPCEDDGQTFFSLDDGNTKFSD
LIQLVDFYQLNKGVLPCKLKHHCIR
;
_entity_poly.pdbx_seq_one_letter_code_can   
;IHRTQHWFHGRISREESHRIIKQQGLVDGLFLLRDSQSNPKAFVLTLCHHQKIKNFQILPCEDDGQTFFSLDDGNTKFSD
LIQLVDFYQLNKGVLPCKLKHHCIR
;
_entity_poly.pdbx_strand_id                 A,B 
_entity_poly.pdbx_target_identifier         ? 
# 
loop_
_entity_poly_seq.entity_id 
_entity_poly_seq.num 
_entity_poly_seq.mon_id 
_entity_poly_seq.hetero 
1 1   ILE n 
1 2   HIS n 
1 3   ARG n 
1 4   THR n 
1 5   GLN n 
1 6   HIS n 
1 7   TRP n 
1 8   PHE n 
1 9   HIS n 
1 10  GLY n 
1 11  ARG n 
1 12  ILE n 
1 13  SER n 
1 14  ARG n 
1 15  GLU n 
1 16  GLU n 
1 17  SER n 
1 18  HIS n 
1 19  ARG n 
1 20  ILE n 
1 21  ILE n 
1 22  LYS n 
1 23  GLN n 
1 24  GLN n 
1 25  GLY n 
1 26  LEU n 
1 27  VAL n 
1 28  ASP n 
1 29  GLY n 
1 30  LEU n 
1 31  PHE n 
1 32  LEU n 
1 33  LEU n 
1 34  ARG n 
1 35  ASP n 
1 36  SER n 
1 37  GLN n 
1 38  SER n 
1 39  ASN n 
1 40  PRO n 
1 41  LYS n 
1 42  ALA n 
1 43  PHE n 
1 44  VAL n 
1 45  LEU n 
1 46  THR n 
1 47  LEU n 
1 48  CYS n 
1 49  HIS n 
1 50  HIS n 
1 51  GLN n 
1 52  LYS n 
1 53  ILE n 
1 54  LYS n 
1 55  ASN n 
1 56  PHE n 
1 57  GLN n 
1 58  ILE n 
1 59  LEU n 
1 60  PRO n 
1 61  CYS n 
1 62  GLU n 
1 63  ASP n 
1 64  ASP n 
1 65  GLY n 
1 66  GLN n 
1 67  THR n 
1 68  PHE n 
1 69  PHE n 
1 70  SER n 
1 71  LEU n 
1 72  ASP n 
1 73  ASP n 
1 74  GLY n 
1 75  ASN n 
1 76  THR n 
1 77  LYS n 
1 78  PHE n 
1 79  SER n 
1 80  ASP n 
1 81  LEU n 
1 82  ILE n 
1 83  GLN n 
1 84  LEU n 
1 85  VAL n 
1 86  ASP n 
1 87  PHE n 
1 88  TYR n 
1 89  GLN n 
1 90  LEU n 
1 91  ASN n 
1 92  LYS n 
1 93  GLY n 
1 94  VAL n 
1 95  LEU n 
1 96  PRO n 
1 97  CYS n 
1 98  LYS n 
1 99  LEU n 
1 100 LYS n 
1 101 HIS n 
1 102 HIS n 
1 103 CYS n 
1 104 ILE n 
1 105 ARG n 
# 
_entity_src_gen.entity_id                          1 
_entity_src_gen.pdbx_src_id                        1 
_entity_src_gen.pdbx_alt_source_flag               sample 
_entity_src_gen.pdbx_seq_type                      ? 
_entity_src_gen.pdbx_beg_seq_num                   ? 
_entity_src_gen.pdbx_end_seq_num                   ? 
_entity_src_gen.gene_src_common_name               human 
_entity_src_gen.gene_src_genus                     Homo 
_entity_src_gen.pdbx_gene_src_gene                 'GRB10 OR GRBIR OR KIAA0207' 
_entity_src_gen.gene_src_species                   ? 
_entity_src_gen.gene_src_strain                    ? 
_entity_src_gen.gene_src_tissue                    ? 
_entity_src_gen.gene_src_tissue_fraction           ? 
_entity_src_gen.gene_src_details                   ? 
_entity_src_gen.pdbx_gene_src_fragment             ? 
_entity_src_gen.pdbx_gene_src_scientific_name      'Homo sapiens' 
_entity_src_gen.pdbx_gene_src_ncbi_taxonomy_id     9606 
_entity_src_gen.pdbx_gene_src_variant              ? 
_entity_src_gen.pdbx_gene_src_cell_line            ? 
_entity_src_gen.pdbx_gene_src_atcc                 ? 
_entity_src_gen.pdbx_gene_src_organ                ? 
_entity_src_gen.pdbx_gene_src_organelle            ? 
_entity_src_gen.pdbx_gene_src_cell                 ? 
_entity_src_gen.pdbx_gene_src_cellular_location    ? 
_entity_src_gen.host_org_common_name               ? 
_entity_src_gen.pdbx_host_org_scientific_name      'Escherichia coli BL21' 
_entity_src_gen.pdbx_host_org_ncbi_taxonomy_id     511693 
_entity_src_gen.host_org_genus                     Escherichia 
_entity_src_gen.pdbx_host_org_gene                 ? 
_entity_src_gen.pdbx_host_org_organ                ? 
_entity_src_gen.host_org_species                   'Escherichia coli' 
_entity_src_gen.pdbx_host_org_tissue               ? 
_entity_src_gen.pdbx_host_org_tissue_fraction      ? 
_entity_src_gen.pdbx_host_org_strain               BL21 
_entity_src_gen.pdbx_host_org_variant              ? 
_entity_src_gen.pdbx_host_org_cell_line            ? 
_entity_src_gen.pdbx_host_org_atcc                 ? 
_entity_src_gen.pdbx_host_org_culture_collection   ? 
_entity_src_gen.pdbx_host_org_cell                 ? 
_entity_src_gen.pdbx_host_org_organelle            ? 
_entity_src_gen.pdbx_host_org_cellular_location    ? 
_entity_src_gen.pdbx_host_org_vector_type          PLASMID 
_entity_src_gen.pdbx_host_org_vector               ? 
_entity_src_gen.host_org_details                   ? 
_entity_src_gen.expression_system_id               ? 
_entity_src_gen.plasmid_name                       pET21 
_entity_src_gen.plasmid_details                    ? 
_entity_src_gen.pdbx_description                   ? 
# 
_struct_ref.id                         1 
_struct_ref.db_name                    UNP 
_struct_ref.db_code                    GRB10_HUMAN 
_struct_ref.pdbx_db_accession          Q13322 
_struct_ref.entity_id                  1 
_struct_ref.pdbx_seq_one_letter_code   
;IHRTQHWFHGRISREESHRIIKQQGLVDGLFLLRDSQSNPKAFVLTLCHHQKIKNFQILPCEDDGQTFFSLDDGNTKFSD
LIQLVDFYQLNKGVLPCKLKHHCIR
;
_struct_ref.pdbx_align_begin           487 
_struct_ref.pdbx_db_isoform            ? 
# 
loop_
_struct_ref_seq.align_id 
_struct_ref_seq.ref_id 
_struct_ref_seq.pdbx_PDB_id_code 
_struct_ref_seq.pdbx_strand_id 
_struct_ref_seq.seq_align_beg 
_struct_ref_seq.pdbx_seq_align_beg_ins_code 
_struct_ref_seq.seq_align_end 
_struct_ref_seq.pdbx_seq_align_end_ins_code 
_struct_ref_seq.pdbx_db_accession 
_struct_ref_seq.db_align_beg 
_struct_ref_seq.pdbx_db_align_beg_ins_code 
_struct_ref_seq.db_align_end 
_struct_ref_seq.pdbx_db_align_end_ins_code 
_struct_ref_seq.pdbx_auth_seq_align_beg 
_struct_ref_seq.pdbx_auth_seq_align_end 
1 1 1NRV A 1 ? 105 ? Q13322 487 ? 591 ? 429 533 
2 1 1NRV B 1 ? 105 ? Q13322 487 ? 591 ? 429 533 
# 
loop_
_chem_comp.id 
_chem_comp.type 
_chem_comp.mon_nstd_flag 
_chem_comp.name 
_chem_comp.pdbx_synonyms 
_chem_comp.formula 
_chem_comp.formula_weight 
ALA 'L-peptide linking' y ALANINE         ? 'C3 H7 N O2'     89.093  
ARG 'L-peptide linking' y ARGININE        ? 'C6 H15 N4 O2 1' 175.209 
ASN 'L-peptide linking' y ASPARAGINE      ? 'C4 H8 N2 O3'    132.118 
ASP 'L-peptide linking' y 'ASPARTIC ACID' ? 'C4 H7 N O4'     133.103 
CYS 'L-peptide linking' y CYSTEINE        ? 'C3 H7 N O2 S'   121.158 
GLN 'L-peptide linking' y GLUTAMINE       ? 'C5 H10 N2 O3'   146.144 
GLU 'L-peptide linking' y 'GLUTAMIC ACID' ? 'C5 H9 N O4'     147.129 
GLY 'peptide linking'   y GLYCINE         ? 'C2 H5 N O2'     75.067  
HIS 'L-peptide linking' y HISTIDINE       ? 'C6 H10 N3 O2 1' 156.162 
HOH non-polymer         . WATER           ? 'H2 O'           18.015  
ILE 'L-peptide linking' y ISOLEUCINE      ? 'C6 H13 N O2'    131.173 
LEU 'L-peptide linking' y LEUCINE         ? 'C6 H13 N O2'    131.173 
LYS 'L-peptide linking' y LYSINE          ? 'C6 H15 N2 O2 1' 147.195 
PHE 'L-peptide linking' y PHENYLALANINE   ? 'C9 H11 N O2'    165.189 
PRO 'L-peptide linking' y PROLINE         ? 'C5 H9 N O2'     115.130 
SER 'L-peptide linking' y SERINE          ? 'C3 H7 N O3'     105.093 
THR 'L-peptide linking' y THREONINE       ? 'C4 H9 N O3'     119.119 
TRP 'L-peptide linking' y TRYPTOPHAN      ? 'C11 H12 N2 O2'  204.225 
TYR 'L-peptide linking' y TYROSINE        ? 'C9 H11 N O3'    181.189 
VAL 'L-peptide linking' y VALINE          ? 'C5 H11 N O2'    117.146 
# 
_exptl.entry_id          1NRV 
_exptl.method            'X-RAY DIFFRACTION' 
_exptl.crystals_number   1 
# 
_exptl_crystal.id                    1 
_exptl_crystal.density_meas          ? 
_exptl_crystal.density_Matthews      2.17 
_exptl_crystal.density_percent_sol   42.76 
_exptl_crystal.description           ? 
# 
_exptl_crystal_grow.crystal_id      1 
_exptl_crystal_grow.method          'VAPOR DIFFUSION, HANGING DROP' 
_exptl_crystal_grow.temp            277 
_exptl_crystal_grow.temp_details    ? 
_exptl_crystal_grow.pH              7.5 
_exptl_crystal_grow.pdbx_details    '12% PEG 8000, pH 7.5, VAPOR DIFFUSION, HANGING DROP, temperature 277K' 
_exptl_crystal_grow.pdbx_pH_range   . 
# 
_diffrn.id                     1 
_diffrn.ambient_temp           110 
_diffrn.ambient_temp_details   ? 
_diffrn.crystal_id             1 
# 
_diffrn_detector.diffrn_id              1 
_diffrn_detector.detector               CCD 
_diffrn_detector.type                   CUSTOM-MADE 
_diffrn_detector.pdbx_collection_date   2001-05-09 
_diffrn_detector.details                ? 
# 
_diffrn_radiation.diffrn_id                        1 
_diffrn_radiation.wavelength_id                    1 
_diffrn_radiation.pdbx_monochromatic_or_laue_m_l   M 
_diffrn_radiation.monochromator                    ? 
_diffrn_radiation.pdbx_diffrn_protocol             'SINGLE WAVELENGTH' 
_diffrn_radiation.pdbx_scattering_type             x-ray 
# 
_diffrn_radiation_wavelength.id           1 
_diffrn_radiation_wavelength.wavelength   0.9790 
_diffrn_radiation_wavelength.wt           1.0 
# 
_diffrn_source.diffrn_id                   1 
_diffrn_source.source                      SYNCHROTRON 
_diffrn_source.type                        'NSLS BEAMLINE X12C' 
_diffrn_source.pdbx_synchrotron_site       NSLS 
_diffrn_source.pdbx_synchrotron_beamline   X12C 
_diffrn_source.pdbx_wavelength             ? 
_diffrn_source.pdbx_wavelength_list        0.9790 
# 
_reflns.entry_id                     1NRV 
_reflns.observed_criterion_sigma_F   0 
_reflns.observed_criterion_sigma_I   0 
_reflns.d_resolution_high            1.65 
_reflns.d_resolution_low             30.0 
_reflns.number_all                   27261 
_reflns.number_obs                   26168 
_reflns.percent_possible_obs         99.6 
_reflns.pdbx_Rmerge_I_obs            0.045 
_reflns.pdbx_Rsym_value              ? 
_reflns.pdbx_netI_over_sigmaI        10.5 
_reflns.B_iso_Wilson_estimate        17.9 
_reflns.pdbx_redundancy              2.84 
_reflns.R_free_details               ? 
_reflns.limit_h_max                  ? 
_reflns.limit_h_min                  ? 
_reflns.limit_k_max                  ? 
_reflns.limit_k_min                  ? 
_reflns.limit_l_max                  ? 
_reflns.limit_l_min                  ? 
_reflns.observed_criterion_F_max     ? 
_reflns.observed_criterion_F_min     ? 
_reflns.pdbx_diffrn_id               1 
_reflns.pdbx_ordinal                 1 
# 
_reflns_shell.d_res_high             1.65 
_reflns_shell.d_res_low              1.69 
_reflns_shell.percent_possible_all   99.2 
_reflns_shell.Rmerge_I_obs           0.37 
_reflns_shell.pdbx_Rsym_value        ? 
_reflns_shell.meanI_over_sigI_obs    ? 
_reflns_shell.pdbx_redundancy        ? 
_reflns_shell.percent_possible_obs   ? 
_reflns_shell.number_unique_all      ? 
_reflns_shell.pdbx_diffrn_id         ? 
_reflns_shell.pdbx_ordinal           1 
# 
_refine.entry_id                                 1NRV 
_refine.ls_d_res_high                            1.65 
_refine.ls_d_res_low                             28.63 
_refine.pdbx_ls_sigma_F                          0 
_refine.pdbx_ls_sigma_I                          0 
_refine.ls_number_reflns_all                     25051 
_refine.ls_number_reflns_obs                     23841 
_refine.ls_number_reflns_R_free                  1210 
_refine.ls_percent_reflns_obs                    94.3 
_refine.ls_R_factor_all                          0.225 
_refine.ls_R_factor_obs                          0.224 
_refine.ls_R_factor_R_work                       0.224 
_refine.ls_R_factor_R_free                       0.242 
_refine.ls_redundancy_reflns_obs                 ? 
_refine.pdbx_data_cutoff_high_absF               ? 
_refine.pdbx_data_cutoff_low_absF                ? 
_refine.ls_number_parameters                     ? 
_refine.ls_number_restraints                     ? 
_refine.ls_percent_reflns_R_free                 ? 
_refine.ls_R_factor_R_free_error                 ? 
_refine.ls_R_factor_R_free_error_details         ? 
_refine.pdbx_method_to_determine_struct          'MOLECULAR REPLACEMENT' 
_refine.pdbx_starting_model                      'PDB ENTRY 1A81' 
_refine.pdbx_ls_cross_valid_method               THROUGHOUT 
_refine.pdbx_R_Free_selection_details            RANDOM 
_refine.pdbx_stereochem_target_val_spec_case     ? 
_refine.pdbx_stereochemistry_target_values       'Engh & Huber' 
_refine.solvent_model_details                    ? 
_refine.solvent_model_param_bsol                 ? 
_refine.solvent_model_param_ksol                 ? 
_refine.occupancy_max                            ? 
_refine.occupancy_min                            ? 
_refine.pdbx_isotropic_thermal_model             RESTRAINED 
_refine.B_iso_mean                               20.4 
_refine.aniso_B[1][1]                            1.65 
_refine.aniso_B[1][2]                            0.00 
_refine.aniso_B[1][3]                            -0.79 
_refine.aniso_B[2][2]                            0.11 
_refine.aniso_B[2][3]                            0.00 
_refine.aniso_B[3][3]                            -1.76 
_refine.details                                  ? 
_refine.B_iso_min                                ? 
_refine.B_iso_max                                ? 
_refine.correlation_coeff_Fo_to_Fc               ? 
_refine.correlation_coeff_Fo_to_Fc_free          ? 
_refine.pdbx_solvent_vdw_probe_radii             ? 
_refine.pdbx_solvent_ion_probe_radii             ? 
_refine.pdbx_solvent_shrinkage_radii             ? 
_refine.overall_SU_R_Cruickshank_DPI             ? 
_refine.overall_SU_R_free                        ? 
_refine.overall_SU_B                             ? 
_refine.overall_SU_ML                            ? 
_refine.pdbx_overall_ESU_R                       ? 
_refine.pdbx_overall_ESU_R_Free                  ? 
_refine.pdbx_data_cutoff_high_rms_absF           ? 
_refine.pdbx_refine_id                           'X-RAY DIFFRACTION' 
_refine.pdbx_diffrn_id                           1 
_refine.pdbx_TLS_residual_ADP_flag               ? 
_refine.pdbx_overall_phase_error                 ? 
_refine.pdbx_overall_SU_R_free_Cruickshank_DPI   ? 
_refine.pdbx_overall_SU_R_Blow_DPI               ? 
_refine.pdbx_overall_SU_R_free_Blow_DPI          ? 
# 
_refine_analyze.entry_id                        1NRV 
_refine_analyze.Luzzati_coordinate_error_obs    ? 
_refine_analyze.Luzzati_sigma_a_obs             ? 
_refine_analyze.Luzzati_d_res_low_obs           ? 
_refine_analyze.Luzzati_coordinate_error_free   0.24 
_refine_analyze.Luzzati_sigma_a_free            0.14 
_refine_analyze.Luzzati_d_res_low_free          ? 
_refine_analyze.number_disordered_residues      ? 
_refine_analyze.occupancy_sum_non_hydrogen      ? 
_refine_analyze.occupancy_sum_hydrogen          ? 
_refine_analyze.pdbx_Luzzati_d_res_high_obs     ? 
_refine_analyze.pdbx_refine_id                  'X-RAY DIFFRACTION' 
# 
_refine_hist.pdbx_refine_id                   'X-RAY DIFFRACTION' 
_refine_hist.cycle_id                         LAST 
_refine_hist.pdbx_number_atoms_protein        1664 
_refine_hist.pdbx_number_atoms_nucleic_acid   0 
_refine_hist.pdbx_number_atoms_ligand         0 
_refine_hist.number_atoms_solvent             179 
_refine_hist.number_atoms_total               1843 
_refine_hist.d_res_high                       1.65 
_refine_hist.d_res_low                        28.63 
# 
loop_
_refine_ls_restr.type 
_refine_ls_restr.dev_ideal 
_refine_ls_restr.dev_ideal_target 
_refine_ls_restr.weight 
_refine_ls_restr.number 
_refine_ls_restr.pdbx_refine_id 
_refine_ls_restr.pdbx_restraint_function 
c_bond_d           0.005 ? ? ? 'X-RAY DIFFRACTION' ? 
c_angle_deg        1.2   ? ? ? 'X-RAY DIFFRACTION' ? 
c_dihedral_angle_d 23.7  ? ? ? 'X-RAY DIFFRACTION' ? 
c_improper_angle_d 0.71  ? ? ? 'X-RAY DIFFRACTION' ? 
c_mcbond_it        1.25  ? ? ? 'X-RAY DIFFRACTION' ? 
c_mcangle_it       1.90  ? ? ? 'X-RAY DIFFRACTION' ? 
c_scbond_it        2.24  ? ? ? 'X-RAY DIFFRACTION' ? 
c_scangle_it       3.34  ? ? ? 'X-RAY DIFFRACTION' ? 
# 
_refine_ls_shell.pdbx_total_number_of_bins_used   ? 
_refine_ls_shell.d_res_high                       1.65 
_refine_ls_shell.d_res_low                        1.75 
_refine_ls_shell.number_reflns_R_work             ? 
_refine_ls_shell.R_factor_R_work                  0.258 
_refine_ls_shell.percent_reflns_obs               79.0 
_refine_ls_shell.R_factor_R_free                  0.259 
_refine_ls_shell.R_factor_R_free_error            0.020 
_refine_ls_shell.percent_reflns_R_free            ? 
_refine_ls_shell.number_reflns_R_free             167 
_refine_ls_shell.number_reflns_obs                3331 
_refine_ls_shell.redundancy_reflns_obs            ? 
_refine_ls_shell.number_reflns_all                ? 
_refine_ls_shell.pdbx_refine_id                   'X-RAY DIFFRACTION' 
_refine_ls_shell.R_factor_all                     ? 
# 
_struct.entry_id                  1NRV 
_struct.title                     'Crystal structure of the SH2 domain of Grb10' 
_struct.pdbx_model_details        ? 
_struct.pdbx_CASP_flag            ? 
_struct.pdbx_model_type_details   ? 
# 
_struct_keywords.entry_id        1NRV 
_struct_keywords.pdbx_keywords   'SIGNALING PROTEIN' 
_struct_keywords.text            'DIMER, SIGNALING PROTEIN' 
# 
loop_
_struct_asym.id 
_struct_asym.pdbx_blank_PDB_chainid_flag 
_struct_asym.pdbx_modified 
_struct_asym.entity_id 
_struct_asym.details 
A N N 1 ? 
B N N 1 ? 
C N N 2 ? 
D N N 2 ? 
# 
_struct_biol.id                    1 
_struct_biol.details               'THE BIOLOGICAL ASSEMBLY IS THE DIMER IN THE ASYMMETRIC UNIT.' 
_struct_biol.pdbx_parent_biol_id   ? 
# 
loop_
_struct_conf.conf_type_id 
_struct_conf.id 
_struct_conf.pdbx_PDB_helix_id 
_struct_conf.beg_label_comp_id 
_struct_conf.beg_label_asym_id 
_struct_conf.beg_label_seq_id 
_struct_conf.pdbx_beg_PDB_ins_code 
_struct_conf.end_label_comp_id 
_struct_conf.end_label_asym_id 
_struct_conf.end_label_seq_id 
_struct_conf.pdbx_end_PDB_ins_code 
_struct_conf.beg_auth_comp_id 
_struct_conf.beg_auth_asym_id 
_struct_conf.beg_auth_seq_id 
_struct_conf.end_auth_comp_id 
_struct_conf.end_auth_asym_id 
_struct_conf.end_auth_seq_id 
_struct_conf.pdbx_PDB_helix_class 
_struct_conf.details 
_struct_conf.pdbx_PDB_helix_length 
HELX_P HELX_P1 1 SER A 13 ? GLN A 24 ? SER A 441 GLN A 452 1 ? 12 
HELX_P HELX_P2 2 ASP A 80 ? GLN A 89 ? ASP A 508 GLN A 517 1 ? 10 
HELX_P HELX_P3 3 SER B 13 ? GLN B 24 ? SER B 441 GLN B 452 1 ? 12 
HELX_P HELX_P4 4 ASP B 80 ? GLN B 89 ? ASP B 508 GLN B 517 1 ? 10 
# 
_struct_conf_type.id          HELX_P 
_struct_conf_type.criteria    ? 
_struct_conf_type.reference   ? 
# 
loop_
_struct_sheet.id 
_struct_sheet.type 
_struct_sheet.number_strands 
_struct_sheet.details 
A ? 5 ? 
B ? 5 ? 
# 
loop_
_struct_sheet_order.sheet_id 
_struct_sheet_order.range_id_1 
_struct_sheet_order.range_id_2 
_struct_sheet_order.offset 
_struct_sheet_order.sense 
A 1 2 ? anti-parallel 
A 2 3 ? anti-parallel 
A 3 4 ? anti-parallel 
A 4 5 ? parallel      
B 1 2 ? anti-parallel 
B 2 3 ? anti-parallel 
B 3 4 ? anti-parallel 
B 4 5 ? parallel      
# 
loop_
_struct_sheet_range.sheet_id 
_struct_sheet_range.id 
_struct_sheet_range.beg_label_comp_id 
_struct_sheet_range.beg_label_asym_id 
_struct_sheet_range.beg_label_seq_id 
_struct_sheet_range.pdbx_beg_PDB_ins_code 
_struct_sheet_range.end_label_comp_id 
_struct_sheet_range.end_label_asym_id 
_struct_sheet_range.end_label_seq_id 
_struct_sheet_range.pdbx_end_PDB_ins_code 
_struct_sheet_range.beg_auth_comp_id 
_struct_sheet_range.beg_auth_asym_id 
_struct_sheet_range.beg_auth_seq_id 
_struct_sheet_range.end_auth_comp_id 
_struct_sheet_range.end_auth_asym_id 
_struct_sheet_range.end_auth_seq_id 
A 1 PHE A 69  ? SER A 70  ? PHE A 497 SER A 498 
A 2 LYS A 52  ? PRO A 60  ? LYS A 480 PRO A 488 
A 3 PHE A 43  ? HIS A 49  ? PHE A 471 HIS A 477 
A 4 LEU A 30  ? ASP A 35  ? LEU A 458 ASP A 463 
A 5 HIS A 101 ? HIS A 102 ? HIS A 529 HIS A 530 
B 1 PHE B 69  ? SER B 70  ? PHE B 497 SER B 498 
B 2 LYS B 52  ? PRO B 60  ? LYS B 480 PRO B 488 
B 3 PHE B 43  ? HIS B 49  ? PHE B 471 HIS B 477 
B 4 LEU B 30  ? ASP B 35  ? LEU B 458 ASP B 463 
B 5 HIS B 101 ? HIS B 102 ? HIS B 529 HIS B 530 
# 
loop_
_pdbx_struct_sheet_hbond.sheet_id 
_pdbx_struct_sheet_hbond.range_id_1 
_pdbx_struct_sheet_hbond.range_id_2 
_pdbx_struct_sheet_hbond.range_1_label_atom_id 
_pdbx_struct_sheet_hbond.range_1_label_comp_id 
_pdbx_struct_sheet_hbond.range_1_label_asym_id 
_pdbx_struct_sheet_hbond.range_1_label_seq_id 
_pdbx_struct_sheet_hbond.range_1_PDB_ins_code 
_pdbx_struct_sheet_hbond.range_1_auth_atom_id 
_pdbx_struct_sheet_hbond.range_1_auth_comp_id 
_pdbx_struct_sheet_hbond.range_1_auth_asym_id 
_pdbx_struct_sheet_hbond.range_1_auth_seq_id 
_pdbx_struct_sheet_hbond.range_2_label_atom_id 
_pdbx_struct_sheet_hbond.range_2_label_comp_id 
_pdbx_struct_sheet_hbond.range_2_label_asym_id 
_pdbx_struct_sheet_hbond.range_2_label_seq_id 
_pdbx_struct_sheet_hbond.range_2_PDB_ins_code 
_pdbx_struct_sheet_hbond.range_2_auth_atom_id 
_pdbx_struct_sheet_hbond.range_2_auth_comp_id 
_pdbx_struct_sheet_hbond.range_2_auth_asym_id 
_pdbx_struct_sheet_hbond.range_2_auth_seq_id 
A 1 2 O SER A 70 ? O SER A 498 N LEU A 59  ? N LEU A 487 
A 2 3 O LYS A 54 ? O LYS A 482 N LEU A 47  ? N LEU A 475 
A 3 4 O THR A 46 ? O THR A 474 N LEU A 32  ? N LEU A 460 
A 4 5 N PHE A 31 ? N PHE A 459 O HIS A 101 ? O HIS A 529 
B 1 2 O SER B 70 ? O SER B 498 N LEU B 59  ? N LEU B 487 
B 2 3 O LYS B 54 ? O LYS B 482 N LEU B 47  ? N LEU B 475 
B 3 4 O VAL B 44 ? O VAL B 472 N ARG B 34  ? N ARG B 462 
B 4 5 N PHE B 31 ? N PHE B 459 O HIS B 101 ? O HIS B 529 
# 
_atom_sites.entry_id                    1NRV 
_atom_sites.fract_transf_matrix[1][1]   0.03463610 
_atom_sites.fract_transf_matrix[1][2]   -0.00409575 
_atom_sites.fract_transf_matrix[1][3]   0.00193226 
_atom_sites.fract_transf_matrix[2][1]   0.00043362 
_atom_sites.fract_transf_matrix[2][2]   0.01158231 
_atom_sites.fract_transf_matrix[2][3]   0.01677784 
_atom_sites.fract_transf_matrix[3][1]   -0.00016093 
_atom_sites.fract_transf_matrix[3][2]   -0.01040426 
_atom_sites.fract_transf_matrix[3][3]   0.00718657 
_atom_sites.fract_transf_vector[1]      0.235884 
_atom_sites.fract_transf_vector[2]      -0.150600 
_atom_sites.fract_transf_vector[3]      0.261329 
# 
loop_
_atom_type.symbol 
C 
N 
O 
S 
# 
loop_
_atom_site.group_PDB 
_atom_site.id 
_atom_site.type_symbol 
_atom_site.label_atom_id 
_atom_site.label_alt_id 
_atom_site.label_comp_id 
_atom_site.label_asym_id 
_atom_site.label_entity_id 
_atom_site.label_seq_id 
_atom_site.pdbx_PDB_ins_code 
_atom_site.Cartn_x 
_atom_site.Cartn_y 
_atom_site.Cartn_z 
_atom_site.occupancy 
_atom_site.B_iso_or_equiv 
_atom_site.pdbx_formal_charge 
_atom_site.auth_seq_id 
_atom_site.auth_comp_id 
_atom_site.auth_asym_id 
_atom_site.auth_atom_id 
_atom_site.pdbx_PDB_model_num 
ATOM   1    N N   . ILE A 1 1   ? -12.969 2.001   11.841  1.00 23.84 ? 429 ILE A N   1 
ATOM   2    C CA  . ILE A 1 1   ? -13.661 1.351   10.689  1.00 23.54 ? 429 ILE A CA  1 
ATOM   3    C C   . ILE A 1 1   ? -13.175 -0.078  10.449  1.00 20.84 ? 429 ILE A C   1 
ATOM   4    O O   . ILE A 1 1   ? -13.797 -0.837  9.709   1.00 20.70 ? 429 ILE A O   1 
ATOM   5    C CB  . ILE A 1 1   ? -13.449 2.151   9.380   1.00 27.34 ? 429 ILE A CB  1 
ATOM   6    C CG1 . ILE A 1 1   ? -11.955 2.283   9.085   1.00 28.53 ? 429 ILE A CG1 1 
ATOM   7    C CG2 . ILE A 1 1   ? -14.110 3.519   9.495   1.00 29.98 ? 429 ILE A CG2 1 
ATOM   8    C CD1 . ILE A 1 1   ? -11.642 2.957   7.752   1.00 32.23 ? 429 ILE A CD1 1 
ATOM   9    N N   . HIS A 1 2   ? -12.061 -0.445  11.076  1.00 18.99 ? 430 HIS A N   1 
ATOM   10   C CA  . HIS A 1 2   ? -11.498 -1.785  10.905  1.00 16.21 ? 430 HIS A CA  1 
ATOM   11   C C   . HIS A 1 2   ? -12.117 -2.810  11.848  1.00 14.80 ? 430 HIS A C   1 
ATOM   12   O O   . HIS A 1 2   ? -11.920 -4.013  11.684  1.00 14.02 ? 430 HIS A O   1 
ATOM   13   C CB  . HIS A 1 2   ? -9.989  -1.757  11.163  1.00 17.03 ? 430 HIS A CB  1 
ATOM   14   C CG  . HIS A 1 2   ? -9.630  -1.320  12.550  1.00 16.98 ? 430 HIS A CG  1 
ATOM   15   N ND1 . HIS A 1 2   ? -9.454  0.005   12.890  1.00 18.70 ? 430 HIS A ND1 1 
ATOM   16   C CD2 . HIS A 1 2   ? -9.484  -2.024  13.698  1.00 16.00 ? 430 HIS A CD2 1 
ATOM   17   C CE1 . HIS A 1 2   ? -9.218  0.098   14.188  1.00 20.35 ? 430 HIS A CE1 1 
ATOM   18   N NE2 . HIS A 1 2   ? -9.231  -1.120  14.701  1.00 16.95 ? 430 HIS A NE2 1 
ATOM   19   N N   . ARG A 1 3   ? -12.865 -2.336  12.836  1.00 14.51 ? 431 ARG A N   1 
ATOM   20   C CA  . ARG A 1 3   ? -13.457 -3.228  13.830  1.00 15.23 ? 431 ARG A CA  1 
ATOM   21   C C   . ARG A 1 3   ? -14.252 -4.420  13.316  1.00 13.29 ? 431 ARG A C   1 
ATOM   22   O O   . ARG A 1 3   ? -14.161 -5.509  13.886  1.00 14.86 ? 431 ARG A O   1 
ATOM   23   C CB  . ARG A 1 3   ? -14.317 -2.422  14.798  1.00 18.57 ? 431 ARG A CB  1 
ATOM   24   C CG  . ARG A 1 3   ? -13.532 -1.402  15.593  1.00 23.40 ? 431 ARG A CG  1 
ATOM   25   C CD  . ARG A 1 3   ? -14.469 -0.599  16.470  1.00 26.89 ? 431 ARG A CD  1 
ATOM   26   N NE  . ARG A 1 3   ? -13.764 0.417   17.239  1.00 33.90 ? 431 ARG A NE  1 
ATOM   27   C CZ  . ARG A 1 3   ? -14.365 1.265   18.066  1.00 36.08 ? 431 ARG A CZ  1 
ATOM   28   N NH1 . ARG A 1 3   ? -15.681 1.211   18.225  1.00 37.32 ? 431 ARG A NH1 1 
ATOM   29   N NH2 . ARG A 1 3   ? -13.655 2.165   18.733  1.00 36.28 ? 431 ARG A NH2 1 
ATOM   30   N N   . THR A 1 4   ? -15.025 -4.230  12.250  1.00 12.18 ? 432 THR A N   1 
ATOM   31   C CA  . THR A 1 4   ? -15.821 -5.322  11.709  1.00 12.45 ? 432 THR A CA  1 
ATOM   32   C C   . THR A 1 4   ? -15.118 -6.114  10.606  1.00 11.77 ? 432 THR A C   1 
ATOM   33   O O   . THR A 1 4   ? -15.716 -6.999  9.999   1.00 13.46 ? 432 THR A O   1 
ATOM   34   C CB  . THR A 1 4   ? -17.193 -4.822  11.176  1.00 12.96 ? 432 THR A CB  1 
ATOM   35   O OG1 . THR A 1 4   ? -16.999 -3.700  10.314  1.00 15.10 ? 432 THR A OG1 1 
ATOM   36   C CG2 . THR A 1 4   ? -18.107 -4.423  12.344  1.00 15.25 ? 432 THR A CG2 1 
ATOM   37   N N   . GLN A 1 5   ? -13.853 -5.805  10.346  1.00 12.72 ? 433 GLN A N   1 
ATOM   38   C CA  . GLN A 1 5   ? -13.121 -6.543  9.326   1.00 13.60 ? 433 GLN A CA  1 
ATOM   39   C C   . GLN A 1 5   ? -12.939 -7.984  9.793   1.00 13.27 ? 433 GLN A C   1 
ATOM   40   O O   . GLN A 1 5   ? -12.749 -8.252  10.979  1.00 11.70 ? 433 GLN A O   1 
ATOM   41   C CB  . GLN A 1 5   ? -11.771 -5.874  9.044   1.00 14.18 ? 433 GLN A CB  1 
ATOM   42   C CG  . GLN A 1 5   ? -11.916 -4.585  8.259   1.00 16.60 ? 433 GLN A CG  1 
ATOM   43   C CD  . GLN A 1 5   ? -12.465 -4.832  6.864   1.00 20.83 ? 433 GLN A CD  1 
ATOM   44   O OE1 . GLN A 1 5   ? -11.844 -5.527  6.058   1.00 20.18 ? 433 GLN A OE1 1 
ATOM   45   N NE2 . GLN A 1 5   ? -13.637 -4.274  6.578   1.00 21.19 ? 433 GLN A NE2 1 
ATOM   46   N N   . HIS A 1 6   ? -13.001 -8.916  8.850   1.00 12.50 ? 434 HIS A N   1 
ATOM   47   C CA  . HIS A 1 6   ? -12.892 -10.325 9.171   1.00 12.67 ? 434 HIS A CA  1 
ATOM   48   C C   . HIS A 1 6   ? -11.590 -10.725 9.852   1.00 10.92 ? 434 HIS A C   1 
ATOM   49   O O   . HIS A 1 6   ? -11.559 -11.698 10.600  1.00 10.62 ? 434 HIS A O   1 
ATOM   50   C CB  . HIS A 1 6   ? -13.102 -11.143 7.902   1.00 16.35 ? 434 HIS A CB  1 
ATOM   51   C CG  . HIS A 1 6   ? -14.478 -11.002 7.330   1.00 19.02 ? 434 HIS A CG  1 
ATOM   52   N ND1 . HIS A 1 6   ? -14.731 -11.027 5.975   1.00 23.17 ? 434 HIS A ND1 1 
ATOM   53   C CD2 . HIS A 1 6   ? -15.679 -10.835 7.934   1.00 21.28 ? 434 HIS A CD2 1 
ATOM   54   C CE1 . HIS A 1 6   ? -16.028 -10.881 5.769   1.00 22.41 ? 434 HIS A CE1 1 
ATOM   55   N NE2 . HIS A 1 6   ? -16.626 -10.763 6.941   1.00 22.94 ? 434 HIS A NE2 1 
ATOM   56   N N   . TRP A 1 7   ? -10.525 -9.976  9.593   1.00 11.05 ? 435 TRP A N   1 
ATOM   57   C CA  . TRP A 1 7   ? -9.232  -10.282 10.193  1.00 10.48 ? 435 TRP A CA  1 
ATOM   58   C C   . TRP A 1 7   ? -8.961  -9.562  11.503  1.00 11.24 ? 435 TRP A C   1 
ATOM   59   O O   . TRP A 1 7   ? -7.911  -9.766  12.104  1.00 10.72 ? 435 TRP A O   1 
ATOM   60   C CB  . TRP A 1 7   ? -8.093  -9.973  9.215   1.00 11.30 ? 435 TRP A CB  1 
ATOM   61   C CG  . TRP A 1 7   ? -8.307  -8.748  8.383   1.00 12.24 ? 435 TRP A CG  1 
ATOM   62   C CD1 . TRP A 1 7   ? -8.653  -8.711  7.062   1.00 11.31 ? 435 TRP A CD1 1 
ATOM   63   C CD2 . TRP A 1 7   ? -8.168  -7.384  8.801   1.00 10.78 ? 435 TRP A CD2 1 
ATOM   64   N NE1 . TRP A 1 7   ? -8.733  -7.414  6.631   1.00 11.51 ? 435 TRP A NE1 1 
ATOM   65   C CE2 . TRP A 1 7   ? -8.440  -6.578  7.674   1.00 11.28 ? 435 TRP A CE2 1 
ATOM   66   C CE3 . TRP A 1 7   ? -7.836  -6.767  10.016  1.00 11.16 ? 435 TRP A CE3 1 
ATOM   67   C CZ2 . TRP A 1 7   ? -8.394  -5.175  7.725   1.00 11.55 ? 435 TRP A CZ2 1 
ATOM   68   C CZ3 . TRP A 1 7   ? -7.789  -5.377  10.066  1.00 10.92 ? 435 TRP A CZ3 1 
ATOM   69   C CH2 . TRP A 1 7   ? -8.066  -4.595  8.927   1.00 13.06 ? 435 TRP A CH2 1 
ATOM   70   N N   . PHE A 1 8   ? -9.889  -8.722  11.953  1.00 11.57 ? 436 PHE A N   1 
ATOM   71   C CA  . PHE A 1 8   ? -9.667  -8.001  13.203  1.00 11.26 ? 436 PHE A CA  1 
ATOM   72   C C   . PHE A 1 8   ? -10.348 -8.680  14.379  1.00 12.53 ? 436 PHE A C   1 
ATOM   73   O O   . PHE A 1 8   ? -11.577 -8.824  14.402  1.00 11.99 ? 436 PHE A O   1 
ATOM   74   C CB  . PHE A 1 8   ? -10.155 -6.563  13.107  1.00 11.20 ? 436 PHE A CB  1 
ATOM   75   C CG  . PHE A 1 8   ? -9.673  -5.711  14.237  1.00 11.98 ? 436 PHE A CG  1 
ATOM   76   C CD1 . PHE A 1 8   ? -8.336  -5.338  14.308  1.00 13.69 ? 436 PHE A CD1 1 
ATOM   77   C CD2 . PHE A 1 8   ? -10.537 -5.324  15.257  1.00 14.81 ? 436 PHE A CD2 1 
ATOM   78   C CE1 . PHE A 1 8   ? -7.860  -4.593  15.381  1.00 15.41 ? 436 PHE A CE1 1 
ATOM   79   C CE2 . PHE A 1 8   ? -10.070 -4.577  16.340  1.00 13.39 ? 436 PHE A CE2 1 
ATOM   80   C CZ  . PHE A 1 8   ? -8.731  -4.213  16.400  1.00 14.41 ? 436 PHE A CZ  1 
ATOM   81   N N   . HIS A 1 9   ? -9.551  -9.086  15.363  1.00 10.32 ? 437 HIS A N   1 
ATOM   82   C CA  . HIS A 1 9   ? -10.094 -9.799  16.510  1.00 12.08 ? 437 HIS A CA  1 
ATOM   83   C C   . HIS A 1 9   ? -10.181 -9.012  17.813  1.00 12.39 ? 437 HIS A C   1 
ATOM   84   O O   . HIS A 1 9   ? -10.416 -9.590  18.882  1.00 15.34 ? 437 HIS A O   1 
ATOM   85   C CB  . HIS A 1 9   ? -9.307  -11.093 16.727  1.00 11.63 ? 437 HIS A CB  1 
ATOM   86   C CG  . HIS A 1 9   ? -9.465  -12.096 15.622  1.00 10.58 ? 437 HIS A CG  1 
ATOM   87   N ND1 . HIS A 1 9   ? -9.753  -13.423 15.861  1.00 11.85 ? 437 HIS A ND1 1 
ATOM   88   C CD2 . HIS A 1 9   ? -9.376  -11.969 14.276  1.00 10.43 ? 437 HIS A CD2 1 
ATOM   89   C CE1 . HIS A 1 9   ? -9.840  -14.070 14.711  1.00 10.43 ? 437 HIS A CE1 1 
ATOM   90   N NE2 . HIS A 1 9   ? -9.616  -13.210 13.734  1.00 11.15 ? 437 HIS A NE2 1 
ATOM   91   N N   . GLY A 1 10  ? -9.991  -7.701  17.731  1.00 13.69 ? 438 GLY A N   1 
ATOM   92   C CA  . GLY A 1 10  ? -10.103 -6.873  18.919  1.00 13.24 ? 438 GLY A CA  1 
ATOM   93   C C   . GLY A 1 10  ? -9.089  -7.082  20.024  1.00 14.58 ? 438 GLY A C   1 
ATOM   94   O O   . GLY A 1 10  ? -7.936  -7.427  19.771  1.00 14.16 ? 438 GLY A O   1 
ATOM   95   N N   . ARG A 1 11  ? -9.542  -6.891  21.263  1.00 15.31 ? 439 ARG A N   1 
ATOM   96   C CA  . ARG A 1 11  ? -8.682  -6.992  22.437  1.00 18.26 ? 439 ARG A CA  1 
ATOM   97   C C   . ARG A 1 11  ? -8.298  -8.369  22.956  1.00 19.25 ? 439 ARG A C   1 
ATOM   98   O O   . ARG A 1 11  ? -8.076  -8.530  24.160  1.00 21.92 ? 439 ARG A O   1 
ATOM   99   C CB  . ARG A 1 11  ? -9.292  -6.176  23.582  1.00 19.01 ? 439 ARG A CB  1 
ATOM   100  C CG  . ARG A 1 11  ? -8.931  -4.697  23.552  1.00 19.59 ? 439 ARG A CG  1 
ATOM   101  C CD  . ARG A 1 11  ? -7.473  -4.488  23.941  1.00 21.00 ? 439 ARG A CD  1 
ATOM   102  N NE  . ARG A 1 11  ? -7.203  -5.024  25.270  1.00 22.14 ? 439 ARG A NE  1 
ATOM   103  C CZ  . ARG A 1 11  ? -7.721  -4.535  26.393  1.00 23.06 ? 439 ARG A CZ  1 
ATOM   104  N NH1 . ARG A 1 11  ? -8.534  -3.488  26.355  1.00 23.43 ? 439 ARG A NH1 1 
ATOM   105  N NH2 . ARG A 1 11  ? -7.438  -5.103  27.557  1.00 21.92 ? 439 ARG A NH2 1 
ATOM   106  N N   . ILE A 1 12  ? -8.213  -9.364  22.077  1.00 18.38 ? 440 ILE A N   1 
ATOM   107  C CA  . ILE A 1 12  ? -7.815  -10.688 22.534  1.00 17.91 ? 440 ILE A CA  1 
ATOM   108  C C   . ILE A 1 12  ? -6.341  -10.636 22.916  1.00 18.17 ? 440 ILE A C   1 
ATOM   109  O O   . ILE A 1 12  ? -5.617  -9.720  22.512  1.00 18.13 ? 440 ILE A O   1 
ATOM   110  C CB  . ILE A 1 12  ? -8.021  -11.779 21.456  1.00 18.00 ? 440 ILE A CB  1 
ATOM   111  C CG1 . ILE A 1 12  ? -7.189  -11.471 20.210  1.00 17.76 ? 440 ILE A CG1 1 
ATOM   112  C CG2 . ILE A 1 12  ? -9.501  -11.884 21.106  1.00 18.14 ? 440 ILE A CG2 1 
ATOM   113  C CD1 . ILE A 1 12  ? -7.136  -12.623 19.224  1.00 21.62 ? 440 ILE A CD1 1 
ATOM   114  N N   . SER A 1 13  ? -5.902  -11.615 23.698  1.00 17.83 ? 441 SER A N   1 
ATOM   115  C CA  . SER A 1 13  ? -4.521  -11.670 24.150  1.00 17.44 ? 441 SER A CA  1 
ATOM   116  C C   . SER A 1 13  ? -3.631  -12.385 23.153  1.00 17.49 ? 441 SER A C   1 
ATOM   117  O O   . SER A 1 13  ? -4.106  -12.974 22.184  1.00 15.53 ? 441 SER A O   1 
ATOM   118  C CB  . SER A 1 13  ? -4.426  -12.415 25.480  1.00 17.14 ? 441 SER A CB  1 
ATOM   119  O OG  . SER A 1 13  ? -4.629  -13.808 25.280  1.00 19.20 ? 441 SER A OG  1 
ATOM   120  N N   . ARG A 1 14  ? -2.328  -12.331 23.410  1.00 16.45 ? 442 ARG A N   1 
ATOM   121  C CA  . ARG A 1 14  ? -1.356  -13.001 22.563  1.00 17.05 ? 442 ARG A CA  1 
ATOM   122  C C   . ARG A 1 14  ? -1.616  -14.504 22.621  1.00 16.17 ? 442 ARG A C   1 
ATOM   123  O O   . ARG A 1 14  ? -1.667  -15.178 21.591  1.00 16.84 ? 442 ARG A O   1 
ATOM   124  C CB  . ARG A 1 14  ? 0.063   -12.712 23.060  1.00 19.40 ? 442 ARG A CB  1 
ATOM   125  C CG  . ARG A 1 14  ? 1.145   -13.442 22.287  1.00 22.58 ? 442 ARG A CG  1 
ATOM   126  C CD  . ARG A 1 14  ? 2.524   -13.233 22.907  1.00 27.45 ? 442 ARG A CD  1 
ATOM   127  N NE  . ARG A 1 14  ? 3.569   -13.847 22.093  1.00 30.85 ? 442 ARG A NE  1 
ATOM   128  C CZ  . ARG A 1 14  ? 4.867   -13.804 22.376  1.00 34.40 ? 442 ARG A CZ  1 
ATOM   129  N NH1 . ARG A 1 14  ? 5.296   -13.173 23.464  1.00 35.53 ? 442 ARG A NH1 1 
ATOM   130  N NH2 . ARG A 1 14  ? 5.739   -14.396 21.569  1.00 34.72 ? 442 ARG A NH2 1 
ATOM   131  N N   . GLU A 1 15  ? -1.781  -15.018 23.838  1.00 16.90 ? 443 GLU A N   1 
ATOM   132  C CA  . GLU A 1 15  ? -2.025  -16.440 24.047  1.00 17.76 ? 443 GLU A CA  1 
ATOM   133  C C   . GLU A 1 15  ? -3.257  -16.904 23.272  1.00 16.73 ? 443 GLU A C   1 
ATOM   134  O O   . GLU A 1 15  ? -3.237  -17.960 22.639  1.00 15.56 ? 443 GLU A O   1 
ATOM   135  C CB  . GLU A 1 15  ? -2.212  -16.733 25.541  1.00 20.83 ? 443 GLU A CB  1 
ATOM   136  C CG  . GLU A 1 15  ? -1.129  -16.120 26.423  1.00 25.97 ? 443 GLU A CG  1 
ATOM   137  C CD  . GLU A 1 15  ? -1.201  -14.605 26.453  1.00 28.59 ? 443 GLU A CD  1 
ATOM   138  O OE1 . GLU A 1 15  ? -2.239  -14.073 26.890  1.00 32.34 ? 443 GLU A OE1 1 
ATOM   139  O OE2 . GLU A 1 15  ? -0.231  -13.938 26.035  1.00 33.23 ? 443 GLU A OE2 1 
ATOM   140  N N   . GLU A 1 16  ? -4.325  -16.114 23.325  1.00 15.81 ? 444 GLU A N   1 
ATOM   141  C CA  . GLU A 1 16  ? -5.557  -16.460 22.611  1.00 15.99 ? 444 GLU A CA  1 
ATOM   142  C C   . GLU A 1 16  ? -5.301  -16.461 21.105  1.00 15.08 ? 444 GLU A C   1 
ATOM   143  O O   . GLU A 1 16  ? -5.828  -17.306 20.382  1.00 14.99 ? 444 GLU A O   1 
ATOM   144  C CB  . GLU A 1 16  ? -6.677  -15.467 22.946  1.00 18.45 ? 444 GLU A CB  1 
ATOM   145  C CG  . GLU A 1 16  ? -7.962  -15.654 22.127  1.00 21.89 ? 444 GLU A CG  1 
ATOM   146  C CD  . GLU A 1 16  ? -8.640  -17.009 22.338  1.00 23.93 ? 444 GLU A CD  1 
ATOM   147  O OE1 . GLU A 1 16  ? -8.132  -17.838 23.123  1.00 23.24 ? 444 GLU A OE1 1 
ATOM   148  O OE2 . GLU A 1 16  ? -9.694  -17.246 21.709  1.00 26.77 ? 444 GLU A OE2 1 
ATOM   149  N N   . SER A 1 17  ? -4.491  -15.517 20.635  1.00 15.35 ? 445 SER A N   1 
ATOM   150  C CA  . SER A 1 17  ? -4.180  -15.437 19.210  1.00 14.01 ? 445 SER A CA  1 
ATOM   151  C C   . SER A 1 17  ? -3.467  -16.689 18.738  1.00 12.70 ? 445 SER A C   1 
ATOM   152  O O   . SER A 1 17  ? -3.797  -17.238 17.690  1.00 12.49 ? 445 SER A O   1 
ATOM   153  C CB  . SER A 1 17  ? -3.313  -14.214 18.905  1.00 14.18 ? 445 SER A CB  1 
ATOM   154  O OG  . SER A 1 17  ? -4.020  -13.022 19.174  1.00 20.47 ? 445 SER A OG  1 
ATOM   155  N N   . HIS A 1 18  ? -2.484  -17.147 19.505  1.00 13.84 ? 446 HIS A N   1 
ATOM   156  C CA  . HIS A 1 18  ? -1.760  -18.347 19.118  1.00 13.36 ? 446 HIS A CA  1 
ATOM   157  C C   . HIS A 1 18  ? -2.671  -19.572 19.201  1.00 13.64 ? 446 HIS A C   1 
ATOM   158  O O   . HIS A 1 18  ? -2.530  -20.499 18.409  1.00 13.18 ? 446 HIS A O   1 
ATOM   159  C CB  . HIS A 1 18  ? -0.516  -18.546 19.994  1.00 14.87 ? 446 HIS A CB  1 
ATOM   160  C CG  . HIS A 1 18  ? 0.595   -17.585 19.697  1.00 17.17 ? 446 HIS A CG  1 
ATOM   161  N ND1 . HIS A 1 18  ? 1.925   -17.949 19.743  1.00 19.56 ? 446 HIS A ND1 1 
ATOM   162  C CD2 . HIS A 1 18  ? 0.576   -16.279 19.340  1.00 16.55 ? 446 HIS A CD2 1 
ATOM   163  C CE1 . HIS A 1 18  ? 2.675   -16.910 19.423  1.00 19.83 ? 446 HIS A CE1 1 
ATOM   164  N NE2 . HIS A 1 18  ? 1.881   -15.884 19.173  1.00 18.39 ? 446 HIS A NE2 1 
ATOM   165  N N   . ARG A 1 19  ? -3.603  -19.574 20.155  1.00 14.06 ? 447 ARG A N   1 
ATOM   166  C CA  . ARG A 1 19  ? -4.542  -20.692 20.298  1.00 16.08 ? 447 ARG A CA  1 
ATOM   167  C C   . ARG A 1 19  ? -5.389  -20.786 19.029  1.00 15.05 ? 447 ARG A C   1 
ATOM   168  O O   . ARG A 1 19  ? -5.518  -21.856 18.432  1.00 15.69 ? 447 ARG A O   1 
ATOM   169  C CB  . ARG A 1 19  ? -5.474  -20.476 21.502  1.00 19.23 ? 447 ARG A CB  1 
ATOM   170  C CG  . ARG A 1 19  ? -6.449  -21.631 21.763  1.00 23.66 ? 447 ARG A CG  1 
ATOM   171  C CD  . ARG A 1 19  ? -7.559  -21.229 22.746  1.00 27.46 ? 447 ARG A CD  1 
ATOM   172  N NE  . ARG A 1 19  ? -8.477  -20.252 22.157  1.00 31.56 ? 447 ARG A NE  1 
ATOM   173  C CZ  . ARG A 1 19  ? -9.602  -20.559 21.514  1.00 33.86 ? 447 ARG A CZ  1 
ATOM   174  N NH1 . ARG A 1 19  ? -9.974  -21.823 21.381  1.00 36.36 ? 447 ARG A NH1 1 
ATOM   175  N NH2 . ARG A 1 19  ? -10.345 -19.603 20.970  1.00 33.40 ? 447 ARG A NH2 1 
ATOM   176  N N   . ILE A 1 20  ? -5.956  -19.650 18.627  1.00 14.64 ? 448 ILE A N   1 
ATOM   177  C CA  . ILE A 1 20  ? -6.806  -19.566 17.439  1.00 16.40 ? 448 ILE A CA  1 
ATOM   178  C C   . ILE A 1 20  ? -6.108  -20.030 16.166  1.00 15.28 ? 448 ILE A C   1 
ATOM   179  O O   . ILE A 1 20  ? -6.655  -20.823 15.393  1.00 12.72 ? 448 ILE A O   1 
ATOM   180  C CB  . ILE A 1 20  ? -7.287  -18.115 17.200  1.00 17.83 ? 448 ILE A CB  1 
ATOM   181  C CG1 . ILE A 1 20  ? -8.069  -17.613 18.417  1.00 21.22 ? 448 ILE A CG1 1 
ATOM   182  C CG2 . ILE A 1 20  ? -8.155  -18.058 15.949  1.00 20.74 ? 448 ILE A CG2 1 
ATOM   183  C CD1 . ILE A 1 20  ? -8.483  -16.157 18.320  1.00 21.03 ? 448 ILE A CD1 1 
ATOM   184  N N   . ILE A 1 21  ? -4.899  -19.527 15.946  1.00 14.25 ? 449 ILE A N   1 
ATOM   185  C CA  . ILE A 1 21  ? -4.155  -19.880 14.746  1.00 15.90 ? 449 ILE A CA  1 
ATOM   186  C C   . ILE A 1 21  ? -3.815  -21.368 14.722  1.00 14.92 ? 449 ILE A C   1 
ATOM   187  O O   . ILE A 1 21  ? -3.821  -21.994 13.662  1.00 14.02 ? 449 ILE A O   1 
ATOM   188  C CB  . ILE A 1 21  ? -2.877  -19.009 14.619  1.00 18.32 ? 449 ILE A CB  1 
ATOM   189  C CG1 . ILE A 1 21  ? -2.275  -19.163 13.221  1.00 20.57 ? 449 ILE A CG1 1 
ATOM   190  C CG2 . ILE A 1 21  ? -1.867  -19.405 15.676  1.00 20.76 ? 449 ILE A CG2 1 
ATOM   191  C CD1 . ILE A 1 21  ? -1.587  -17.896 12.724  1.00 22.61 ? 449 ILE A CD1 1 
ATOM   192  N N   . LYS A 1 22  ? -3.530  -21.940 15.888  1.00 14.93 ? 450 LYS A N   1 
ATOM   193  C CA  . LYS A 1 22  ? -3.216  -23.363 15.951  1.00 15.21 ? 450 LYS A CA  1 
ATOM   194  C C   . LYS A 1 22  ? -4.477  -24.187 15.707  1.00 16.48 ? 450 LYS A C   1 
ATOM   195  O O   . LYS A 1 22  ? -4.440  -25.201 15.010  1.00 14.38 ? 450 LYS A O   1 
ATOM   196  C CB  . LYS A 1 22  ? -2.615  -23.722 17.312  1.00 17.81 ? 450 LYS A CB  1 
ATOM   197  C CG  . LYS A 1 22  ? -1.274  -23.067 17.564  1.00 20.82 ? 450 LYS A CG  1 
ATOM   198  C CD  . LYS A 1 22  ? -0.780  -23.348 18.971  1.00 24.66 ? 450 LYS A CD  1 
ATOM   199  C CE  . LYS A 1 22  ? 0.509   -22.597 19.251  1.00 25.11 ? 450 LYS A CE  1 
ATOM   200  N NZ  . LYS A 1 22  ? 1.597   -23.029 18.329  1.00 30.69 ? 450 LYS A NZ  1 
ATOM   201  N N   . GLN A 1 23  ? -5.592  -23.747 16.284  1.00 16.38 ? 451 GLN A N   1 
ATOM   202  C CA  . GLN A 1 23  ? -6.862  -24.452 16.117  1.00 17.60 ? 451 GLN A CA  1 
ATOM   203  C C   . GLN A 1 23  ? -7.282  -24.469 14.662  1.00 15.59 ? 451 GLN A C   1 
ATOM   204  O O   . GLN A 1 23  ? -7.914  -25.426 14.198  1.00 16.16 ? 451 GLN A O   1 
ATOM   205  C CB  . GLN A 1 23  ? -7.972  -23.777 16.913  1.00 21.68 ? 451 GLN A CB  1 
ATOM   206  C CG  . GLN A 1 23  ? -7.752  -23.703 18.399  1.00 26.50 ? 451 GLN A CG  1 
ATOM   207  C CD  . GLN A 1 23  ? -8.945  -23.092 19.091  1.00 29.49 ? 451 GLN A CD  1 
ATOM   208  O OE1 . GLN A 1 23  ? -9.365  -21.981 18.762  1.00 30.47 ? 451 GLN A OE1 1 
ATOM   209  N NE2 . GLN A 1 23  ? -9.510  -23.819 20.051  1.00 31.22 ? 451 GLN A NE2 1 
ATOM   210  N N   . GLN A 1 24  ? -6.946  -23.404 13.939  1.00 13.52 ? 452 GLN A N   1 
ATOM   211  C CA  . GLN A 1 24  ? -7.315  -23.330 12.535  1.00 12.48 ? 452 GLN A CA  1 
ATOM   212  C C   . GLN A 1 24  ? -6.282  -23.904 11.568  1.00 14.14 ? 452 GLN A C   1 
ATOM   213  O O   . GLN A 1 24  ? -6.238  -23.547 10.390  1.00 13.54 ? 452 GLN A O   1 
ATOM   214  C CB  . GLN A 1 24  ? -7.739  -21.898 12.179  1.00 13.47 ? 452 GLN A CB  1 
ATOM   215  C CG  . GLN A 1 24  ? -9.144  -21.607 12.746  1.00 14.87 ? 452 GLN A CG  1 
ATOM   216  C CD  . GLN A 1 24  ? -9.631  -20.185 12.533  1.00 13.80 ? 452 GLN A CD  1 
ATOM   217  O OE1 . GLN A 1 24  ? -9.519  -19.630 11.444  1.00 16.42 ? 452 GLN A OE1 1 
ATOM   218  N NE2 . GLN A 1 24  ? -10.206 -19.598 13.580  1.00 15.60 ? 452 GLN A NE2 1 
ATOM   219  N N   . GLY A 1 25  ? -5.453  -24.803 12.091  1.00 13.83 ? 453 GLY A N   1 
ATOM   220  C CA  . GLY A 1 25  ? -4.492  -25.513 11.258  1.00 14.75 ? 453 GLY A CA  1 
ATOM   221  C C   . GLY A 1 25  ? -3.093  -25.017 10.957  1.00 14.22 ? 453 GLY A C   1 
ATOM   222  O O   . GLY A 1 25  ? -2.374  -25.682 10.200  1.00 14.81 ? 453 GLY A O   1 
ATOM   223  N N   . LEU A 1 26  ? -2.689  -23.881 11.518  1.00 14.09 ? 454 LEU A N   1 
ATOM   224  C CA  . LEU A 1 26  ? -1.346  -23.360 11.260  1.00 14.79 ? 454 LEU A CA  1 
ATOM   225  C C   . LEU A 1 26  ? -1.051  -23.362 9.758   1.00 14.02 ? 454 LEU A C   1 
ATOM   226  O O   . LEU A 1 26  ? 0.032   -23.756 9.328   1.00 13.97 ? 454 LEU A O   1 
ATOM   227  C CB  . LEU A 1 26  ? -0.297  -24.218 11.980  1.00 17.23 ? 454 LEU A CB  1 
ATOM   228  C CG  . LEU A 1 26  ? -0.205  -24.123 13.506  1.00 20.30 ? 454 LEU A CG  1 
ATOM   229  C CD1 . LEU A 1 26  ? 0.817   -25.129 14.026  1.00 20.18 ? 454 LEU A CD1 1 
ATOM   230  C CD2 . LEU A 1 26  ? 0.184   -22.707 13.903  1.00 20.49 ? 454 LEU A CD2 1 
ATOM   231  N N   . VAL A 1 27  ? -2.021  -22.920 8.968   1.00 10.31 ? 455 VAL A N   1 
ATOM   232  C CA  . VAL A 1 27  ? -1.880  -22.876 7.516   1.00 10.95 ? 455 VAL A CA  1 
ATOM   233  C C   . VAL A 1 27  ? -1.013  -21.689 7.103   1.00 10.90 ? 455 VAL A C   1 
ATOM   234  O O   . VAL A 1 27  ? -1.124  -20.611 7.681   1.00 10.01 ? 455 VAL A O   1 
ATOM   235  C CB  . VAL A 1 27  ? -3.265  -22.743 6.848   1.00 12.43 ? 455 VAL A CB  1 
ATOM   236  C CG1 . VAL A 1 27  ? -3.112  -22.643 5.340   1.00 13.59 ? 455 VAL A CG1 1 
ATOM   237  C CG2 . VAL A 1 27  ? -4.137  -23.930 7.224   1.00 15.04 ? 455 VAL A CG2 1 
ATOM   238  N N   . ASP A 1 28  ? -0.149  -21.883 6.108   1.00 9.51  ? 456 ASP A N   1 
ATOM   239  C CA  . ASP A 1 28  ? 0.702   -20.788 5.658   1.00 10.46 ? 456 ASP A CA  1 
ATOM   240  C C   . ASP A 1 28  ? -0.132  -19.571 5.287   1.00 11.00 ? 456 ASP A C   1 
ATOM   241  O O   . ASP A 1 28  ? -1.101  -19.680 4.528   1.00 11.76 ? 456 ASP A O   1 
ATOM   242  C CB  . ASP A 1 28  ? 1.524   -21.181 4.423   1.00 11.25 ? 456 ASP A CB  1 
ATOM   243  C CG  . ASP A 1 28  ? 2.650   -22.138 4.739   1.00 11.07 ? 456 ASP A CG  1 
ATOM   244  O OD1 . ASP A 1 28  ? 3.034   -22.259 5.916   1.00 11.75 ? 456 ASP A OD1 1 
ATOM   245  O OD2 . ASP A 1 28  ? 3.164   -22.763 3.791   1.00 13.93 ? 456 ASP A OD2 1 
ATOM   246  N N   . GLY A 1 29  ? 0.238   -18.412 5.821   1.00 8.85  ? 457 GLY A N   1 
ATOM   247  C CA  . GLY A 1 29  ? -0.478  -17.194 5.476   1.00 10.39 ? 457 GLY A CA  1 
ATOM   248  C C   . GLY A 1 29  ? -1.695  -16.870 6.310   1.00 8.09  ? 457 GLY A C   1 
ATOM   249  O O   . GLY A 1 29  ? -2.354  -15.860 6.078   1.00 8.81  ? 457 GLY A O   1 
ATOM   250  N N   . LEU A 1 30  ? -1.999  -17.725 7.279   1.00 8.36  ? 458 LEU A N   1 
ATOM   251  C CA  . LEU A 1 30  ? -3.136  -17.494 8.157   1.00 8.59  ? 458 LEU A CA  1 
ATOM   252  C C   . LEU A 1 30  ? -2.736  -16.320 9.039   1.00 8.85  ? 458 LEU A C   1 
ATOM   253  O O   . LEU A 1 30  ? -1.603  -16.263 9.519   1.00 9.75  ? 458 LEU A O   1 
ATOM   254  C CB  . LEU A 1 30  ? -3.392  -18.739 9.002   1.00 9.45  ? 458 LEU A CB  1 
ATOM   255  C CG  . LEU A 1 30  ? -4.659  -18.838 9.846   1.00 13.31 ? 458 LEU A CG  1 
ATOM   256  C CD1 . LEU A 1 30  ? -5.896  -18.648 8.985   1.00 13.71 ? 458 LEU A CD1 1 
ATOM   257  C CD2 . LEU A 1 30  ? -4.672  -20.217 10.511  1.00 12.12 ? 458 LEU A CD2 1 
ATOM   258  N N   . PHE A 1 31  ? -3.651  -15.385 9.263   1.00 7.41  ? 459 PHE A N   1 
ATOM   259  C CA  . PHE A 1 31  ? -3.295  -14.218 10.057  1.00 8.76  ? 459 PHE A CA  1 
ATOM   260  C C   . PHE A 1 31  ? -4.476  -13.540 10.729  1.00 8.25  ? 459 PHE A C   1 
ATOM   261  O O   . PHE A 1 31  ? -5.633  -13.775 10.383  1.00 9.93  ? 459 PHE A O   1 
ATOM   262  C CB  . PHE A 1 31  ? -2.611  -13.176 9.166   1.00 7.79  ? 459 PHE A CB  1 
ATOM   263  C CG  . PHE A 1 31  ? -3.566  -12.447 8.237   1.00 9.37  ? 459 PHE A CG  1 
ATOM   264  C CD1 . PHE A 1 31  ? -4.034  -13.055 7.072   1.00 9.47  ? 459 PHE A CD1 1 
ATOM   265  C CD2 . PHE A 1 31  ? -4.032  -11.173 8.558   1.00 8.09  ? 459 PHE A CD2 1 
ATOM   266  C CE1 . PHE A 1 31  ? -4.954  -12.404 6.247   1.00 10.83 ? 459 PHE A CE1 1 
ATOM   267  C CE2 . PHE A 1 31  ? -4.949  -10.511 7.745   1.00 9.22  ? 459 PHE A CE2 1 
ATOM   268  C CZ  . PHE A 1 31  ? -5.417  -11.127 6.581   1.00 8.38  ? 459 PHE A CZ  1 
ATOM   269  N N   . LEU A 1 32  ? -4.160  -12.691 11.697  1.00 7.74  ? 460 LEU A N   1 
ATOM   270  C CA  . LEU A 1 32  ? -5.171  -11.896 12.383  1.00 7.40  ? 460 LEU A CA  1 
ATOM   271  C C   . LEU A 1 32  ? -4.489  -10.655 12.956  1.00 8.51  ? 460 LEU A C   1 
ATOM   272  O O   . LEU A 1 32  ? -3.263  -10.621 13.136  1.00 7.82  ? 460 LEU A O   1 
ATOM   273  C CB  . LEU A 1 32  ? -5.843  -12.698 13.509  1.00 9.24  ? 460 LEU A CB  1 
ATOM   274  C CG  . LEU A 1 32  ? -5.037  -13.114 14.747  1.00 9.48  ? 460 LEU A CG  1 
ATOM   275  C CD1 . LEU A 1 32  ? -4.753  -11.918 15.660  1.00 11.81 ? 460 LEU A CD1 1 
ATOM   276  C CD2 . LEU A 1 32  ? -5.844  -14.156 15.511  1.00 9.36  ? 460 LEU A CD2 1 
ATOM   277  N N   . LEU A 1 33  ? -5.287  -9.630  13.228  1.00 8.61  ? 461 LEU A N   1 
ATOM   278  C CA  . LEU A 1 33  ? -4.780  -8.408  13.834  1.00 9.14  ? 461 LEU A CA  1 
ATOM   279  C C   . LEU A 1 33  ? -5.551  -8.250  15.130  1.00 9.29  ? 461 LEU A C   1 
ATOM   280  O O   . LEU A 1 33  ? -6.713  -8.645  15.211  1.00 8.78  ? 461 LEU A O   1 
ATOM   281  C CB  . LEU A 1 33  ? -5.021  -7.191  12.937  1.00 8.89  ? 461 LEU A CB  1 
ATOM   282  C CG  . LEU A 1 33  ? -3.994  -6.943  11.825  1.00 8.95  ? 461 LEU A CG  1 
ATOM   283  C CD1 . LEU A 1 33  ? -4.236  -7.916  10.664  1.00 8.09  ? 461 LEU A CD1 1 
ATOM   284  C CD2 . LEU A 1 33  ? -4.110  -5.506  11.339  1.00 10.93 ? 461 LEU A CD2 1 
ATOM   285  N N   . ARG A 1 34  ? -4.905  -7.683  16.140  1.00 8.21  ? 462 ARG A N   1 
ATOM   286  C CA  . ARG A 1 34  ? -5.551  -7.480  17.429  1.00 7.78  ? 462 ARG A CA  1 
ATOM   287  C C   . ARG A 1 34  ? -5.059  -6.194  18.064  1.00 9.48  ? 462 ARG A C   1 
ATOM   288  O O   . ARG A 1 34  ? -4.012  -5.666  17.692  1.00 9.84  ? 462 ARG A O   1 
ATOM   289  C CB  . ARG A 1 34  ? -5.231  -8.652  18.363  1.00 10.18 ? 462 ARG A CB  1 
ATOM   290  C CG  . ARG A 1 34  ? -3.732  -8.922  18.530  1.00 9.82  ? 462 ARG A CG  1 
ATOM   291  C CD  . ARG A 1 34  ? -3.516  -10.214 19.312  1.00 15.25 ? 462 ARG A CD  1 
ATOM   292  N NE  . ARG A 1 34  ? -2.174  -10.780 19.161  1.00 19.35 ? 462 ARG A NE  1 
ATOM   293  C CZ  . ARG A 1 34  ? -1.133  -10.476 19.930  1.00 20.66 ? 462 ARG A CZ  1 
ATOM   294  N NH1 . ARG A 1 34  ? -1.262  -9.597  20.920  1.00 19.25 ? 462 ARG A NH1 1 
ATOM   295  N NH2 . ARG A 1 34  ? 0.036   -11.074 19.720  1.00 19.08 ? 462 ARG A NH2 1 
ATOM   296  N N   . ASP A 1 35  ? -5.828  -5.692  19.027  1.00 8.92  ? 463 ASP A N   1 
ATOM   297  C CA  . ASP A 1 35  ? -5.456  -4.494  19.761  1.00 9.01  ? 463 ASP A CA  1 
ATOM   298  C C   . ASP A 1 35  ? -4.361  -4.859  20.753  1.00 9.71  ? 463 ASP A C   1 
ATOM   299  O O   . ASP A 1 35  ? -4.358  -5.957  21.314  1.00 11.41 ? 463 ASP A O   1 
ATOM   300  C CB  . ASP A 1 35  ? -6.646  -3.960  20.574  1.00 9.53  ? 463 ASP A CB  1 
ATOM   301  C CG  . ASP A 1 35  ? -7.759  -3.404  19.712  1.00 11.91 ? 463 ASP A CG  1 
ATOM   302  O OD1 . ASP A 1 35  ? -7.502  -2.435  18.969  1.00 11.03 ? 463 ASP A OD1 1 
ATOM   303  O OD2 . ASP A 1 35  ? -8.891  -3.934  19.798  1.00 13.65 ? 463 ASP A OD2 1 
ATOM   304  N N   . SER A 1 36  ? -3.432  -3.938  20.967  1.00 8.61  ? 464 SER A N   1 
ATOM   305  C CA  . SER A 1 36  ? -2.382  -4.155  21.954  1.00 12.07 ? 464 SER A CA  1 
ATOM   306  C C   . SER A 1 36  ? -3.048  -4.104  23.326  1.00 13.56 ? 464 SER A C   1 
ATOM   307  O O   . SER A 1 36  ? -3.972  -3.319  23.532  1.00 13.22 ? 464 SER A O   1 
ATOM   308  C CB  . SER A 1 36  ? -1.347  -3.037  21.873  1.00 10.58 ? 464 SER A CB  1 
ATOM   309  O OG  . SER A 1 36  ? -0.568  -2.989  23.058  1.00 9.99  ? 464 SER A OG  1 
ATOM   310  N N   . GLN A 1 37  ? -2.586  -4.926  24.262  1.00 14.73 ? 465 GLN A N   1 
ATOM   311  C CA  . GLN A 1 37  ? -3.151  -4.907  25.608  1.00 16.43 ? 465 GLN A CA  1 
ATOM   312  C C   . GLN A 1 37  ? -2.369  -3.929  26.485  1.00 15.36 ? 465 GLN A C   1 
ATOM   313  O O   . GLN A 1 37  ? -2.746  -3.682  27.631  1.00 15.14 ? 465 GLN A O   1 
ATOM   314  C CB  . GLN A 1 37  ? -3.115  -6.302  26.243  1.00 20.33 ? 465 GLN A CB  1 
ATOM   315  C CG  . GLN A 1 37  ? -4.046  -7.318  25.591  1.00 26.67 ? 465 GLN A CG  1 
ATOM   316  C CD  . GLN A 1 37  ? -4.218  -8.573  26.430  1.00 31.19 ? 465 GLN A CD  1 
ATOM   317  O OE1 . GLN A 1 37  ? -3.250  -9.270  26.736  1.00 33.69 ? 465 GLN A OE1 1 
ATOM   318  N NE2 . GLN A 1 37  ? -5.456  -8.865  26.808  1.00 34.02 ? 465 GLN A NE2 1 
ATOM   319  N N   . SER A 1 38  ? -1.290  -3.371  25.940  1.00 14.04 ? 466 SER A N   1 
ATOM   320  C CA  . SER A 1 38  ? -0.441  -2.428  26.675  1.00 14.72 ? 466 SER A CA  1 
ATOM   321  C C   . SER A 1 38  ? -0.528  -0.991  26.189  1.00 13.96 ? 466 SER A C   1 
ATOM   322  O O   . SER A 1 38  ? -0.485  -0.054  26.987  1.00 14.99 ? 466 SER A O   1 
ATOM   323  C CB  . SER A 1 38  ? 1.026   -2.870  26.600  1.00 14.59 ? 466 SER A CB  1 
ATOM   324  O OG  . SER A 1 38  ? 1.216   -4.102  27.262  1.00 19.07 ? 466 SER A OG  1 
ATOM   325  N N   . ASN A 1 39  ? -0.645  -0.822  24.874  1.00 13.00 ? 467 ASN A N   1 
ATOM   326  C CA  . ASN A 1 39  ? -0.707  0.495   24.259  1.00 13.08 ? 467 ASN A CA  1 
ATOM   327  C C   . ASN A 1 39  ? -2.056  0.651   23.552  1.00 13.33 ? 467 ASN A C   1 
ATOM   328  O O   . ASN A 1 39  ? -2.301  0.015   22.536  1.00 11.55 ? 467 ASN A O   1 
ATOM   329  C CB  . ASN A 1 39  ? 0.442   0.618   23.253  1.00 11.99 ? 467 ASN A CB  1 
ATOM   330  C CG  . ASN A 1 39  ? 0.576   2.012   22.670  1.00 12.04 ? 467 ASN A CG  1 
ATOM   331  O OD1 . ASN A 1 39  ? -0.375  2.797   22.669  1.00 13.65 ? 467 ASN A OD1 1 
ATOM   332  N ND2 . ASN A 1 39  ? 1.760   2.319   22.150  1.00 12.37 ? 467 ASN A ND2 1 
ATOM   333  N N   . PRO A 1 40  ? -2.944  1.507   24.083  1.00 13.72 ? 468 PRO A N   1 
ATOM   334  C CA  . PRO A 1 40  ? -4.273  1.743   23.505  1.00 14.54 ? 468 PRO A CA  1 
ATOM   335  C C   . PRO A 1 40  ? -4.292  2.231   22.055  1.00 14.23 ? 468 PRO A C   1 
ATOM   336  O O   . PRO A 1 40  ? -5.352  2.257   21.425  1.00 15.28 ? 468 PRO A O   1 
ATOM   337  C CB  . PRO A 1 40  ? -4.884  2.779   24.455  1.00 16.25 ? 468 PRO A CB  1 
ATOM   338  C CG  . PRO A 1 40  ? -4.205  2.501   25.752  1.00 17.79 ? 468 PRO A CG  1 
ATOM   339  C CD  . PRO A 1 40  ? -2.773  2.282   25.324  1.00 14.32 ? 468 PRO A CD  1 
ATOM   340  N N   . LYS A 1 41  ? -3.137  2.617   21.522  1.00 12.89 ? 469 LYS A N   1 
ATOM   341  C CA  . LYS A 1 41  ? -3.071  3.115   20.151  1.00 13.81 ? 469 LYS A CA  1 
ATOM   342  C C   . LYS A 1 41  ? -2.284  2.201   19.217  1.00 12.53 ? 469 LYS A C   1 
ATOM   343  O O   . LYS A 1 41  ? -2.034  2.559   18.061  1.00 12.64 ? 469 LYS A O   1 
ATOM   344  C CB  . LYS A 1 41  ? -2.437  4.505   20.125  1.00 15.67 ? 469 LYS A CB  1 
ATOM   345  C CG  . LYS A 1 41  ? -3.177  5.544   20.959  1.00 20.94 ? 469 LYS A CG  1 
ATOM   346  C CD  . LYS A 1 41  ? -2.492  6.896   20.876  1.00 25.67 ? 469 LYS A CD  1 
ATOM   347  C CE  . LYS A 1 41  ? -3.187  7.915   21.768  1.00 30.24 ? 469 LYS A CE  1 
ATOM   348  N NZ  . LYS A 1 41  ? -2.554  9.267   21.687  1.00 32.63 ? 469 LYS A NZ  1 
ATOM   349  N N   . ALA A 1 42  ? -1.898  1.033   19.717  1.00 12.25 ? 470 ALA A N   1 
ATOM   350  C CA  . ALA A 1 42  ? -1.124  0.084   18.918  1.00 11.51 ? 470 ALA A CA  1 
ATOM   351  C C   . ALA A 1 42  ? -1.865  -1.218  18.650  1.00 11.01 ? 470 ALA A C   1 
ATOM   352  O O   . ALA A 1 42  ? -2.838  -1.550  19.323  1.00 9.97  ? 470 ALA A O   1 
ATOM   353  C CB  . ALA A 1 42  ? 0.186   -0.217  19.610  1.00 11.53 ? 470 ALA A CB  1 
ATOM   354  N N   . PHE A 1 43  ? -1.375  -1.958  17.663  1.00 10.04 ? 471 PHE A N   1 
ATOM   355  C CA  . PHE A 1 43  ? -1.973  -3.224  17.275  1.00 10.04 ? 471 PHE A CA  1 
ATOM   356  C C   . PHE A 1 43  ? -0.875  -4.268  17.102  1.00 10.01 ? 471 PHE A C   1 
ATOM   357  O O   . PHE A 1 43  ? 0.317   -3.948  17.104  1.00 8.33  ? 471 PHE A O   1 
ATOM   358  C CB  . PHE A 1 43  ? -2.714  -3.065  15.942  1.00 11.09 ? 471 PHE A CB  1 
ATOM   359  C CG  . PHE A 1 43  ? -3.727  -1.948  15.934  1.00 11.50 ? 471 PHE A CG  1 
ATOM   360  C CD1 . PHE A 1 43  ? -5.003  -2.145  16.452  1.00 12.87 ? 471 PHE A CD1 1 
ATOM   361  C CD2 . PHE A 1 43  ? -3.397  -0.698  15.416  1.00 13.64 ? 471 PHE A CD2 1 
ATOM   362  C CE1 . PHE A 1 43  ? -5.943  -1.106  16.457  1.00 13.77 ? 471 PHE A CE1 1 
ATOM   363  C CE2 . PHE A 1 43  ? -4.328  0.348   15.415  1.00 15.07 ? 471 PHE A CE2 1 
ATOM   364  C CZ  . PHE A 1 43  ? -5.604  0.137   15.938  1.00 16.90 ? 471 PHE A CZ  1 
ATOM   365  N N   . VAL A 1 44  ? -1.288  -5.521  16.957  1.00 8.95  ? 472 VAL A N   1 
ATOM   366  C CA  . VAL A 1 44  ? -0.345  -6.603  16.725  1.00 9.68  ? 472 VAL A CA  1 
ATOM   367  C C   . VAL A 1 44  ? -0.877  -7.502  15.615  1.00 8.98  ? 472 VAL A C   1 
ATOM   368  O O   . VAL A 1 44  ? -2.056  -7.858  15.599  1.00 8.57  ? 472 VAL A O   1 
ATOM   369  C CB  . VAL A 1 44  ? -0.124  -7.464  17.992  1.00 8.71  ? 472 VAL A CB  1 
ATOM   370  C CG1 . VAL A 1 44  ? 0.850   -8.599  17.688  1.00 11.15 ? 472 VAL A CG1 1 
ATOM   371  C CG2 . VAL A 1 44  ? 0.407   -6.590  19.124  1.00 10.66 ? 472 VAL A CG2 1 
ATOM   372  N N   . LEU A 1 45  ? 0.007   -7.846  14.684  1.00 7.21  ? 473 LEU A N   1 
ATOM   373  C CA  . LEU A 1 45  ? -0.318  -8.744  13.588  1.00 9.81  ? 473 LEU A CA  1 
ATOM   374  C C   . LEU A 1 45  ? 0.288   -10.084 13.974  1.00 9.37  ? 473 LEU A C   1 
ATOM   375  O O   . LEU A 1 45  ? 1.470   -10.157 14.331  1.00 9.33  ? 473 LEU A O   1 
ATOM   376  C CB  . LEU A 1 45  ? 0.329   -8.264  12.281  1.00 8.69  ? 473 LEU A CB  1 
ATOM   377  C CG  . LEU A 1 45  ? 0.475   -9.331  11.184  1.00 10.95 ? 473 LEU A CG  1 
ATOM   378  C CD1 . LEU A 1 45  ? -0.892  -9.665  10.595  1.00 12.43 ? 473 LEU A CD1 1 
ATOM   379  C CD2 . LEU A 1 45  ? 1.427   -8.832  10.096  1.00 10.53 ? 473 LEU A CD2 1 
ATOM   380  N N   . THR A 1 46  ? -0.518  -11.135 13.914  1.00 7.11  ? 474 THR A N   1 
ATOM   381  C CA  . THR A 1 46  ? -0.049  -12.486 14.217  1.00 7.74  ? 474 THR A CA  1 
ATOM   382  C C   . THR A 1 46  ? -0.254  -13.283 12.930  1.00 8.94  ? 474 THR A C   1 
ATOM   383  O O   . THR A 1 46  ? -1.344  -13.295 12.363  1.00 9.33  ? 474 THR A O   1 
ATOM   384  C CB  . THR A 1 46  ? -0.837  -13.081 15.387  1.00 7.86  ? 474 THR A CB  1 
ATOM   385  O OG1 . THR A 1 46  ? -0.619  -12.259 16.545  1.00 9.35  ? 474 THR A OG1 1 
ATOM   386  C CG2 . THR A 1 46  ? -0.380  -14.507 15.682  1.00 8.62  ? 474 THR A CG2 1 
ATOM   387  N N   . LEU A 1 47  ? 0.807   -13.943 12.473  1.00 8.61  ? 475 LEU A N   1 
ATOM   388  C CA  . LEU A 1 47  ? 0.769   -14.686 11.223  1.00 9.04  ? 475 LEU A CA  1 
ATOM   389  C C   . LEU A 1 47  ? 1.576   -15.969 11.380  1.00 11.15 ? 475 LEU A C   1 
ATOM   390  O O   . LEU A 1 47  ? 2.462   -16.058 12.230  1.00 12.67 ? 475 LEU A O   1 
ATOM   391  C CB  . LEU A 1 47  ? 1.411   -13.810 10.143  1.00 12.94 ? 475 LEU A CB  1 
ATOM   392  C CG  . LEU A 1 47  ? 1.795   -14.363 8.772   1.00 17.47 ? 475 LEU A CG  1 
ATOM   393  C CD1 . LEU A 1 47  ? 0.549   -14.487 7.943   1.00 18.62 ? 475 LEU A CD1 1 
ATOM   394  C CD2 . LEU A 1 47  ? 2.788   -13.421 8.075   1.00 19.52 ? 475 LEU A CD2 1 
ATOM   395  N N   . CYS A 1 48  ? 1.258   -16.974 10.575  1.00 10.36 ? 476 CYS A N   1 
ATOM   396  C CA  . CYS A 1 48  ? 2.047   -18.187 10.631  1.00 11.52 ? 476 CYS A CA  1 
ATOM   397  C C   . CYS A 1 48  ? 2.550   -18.555 9.240   1.00 10.30 ? 476 CYS A C   1 
ATOM   398  O O   . CYS A 1 48  ? 1.907   -18.298 8.207   1.00 8.53  ? 476 CYS A O   1 
ATOM   399  C CB  . CYS A 1 48  ? 1.267   -19.341 11.259  1.00 18.28 ? 476 CYS A CB  1 
ATOM   400  S SG  . CYS A 1 48  ? -0.197  -19.749 10.372  1.00 21.95 ? 476 CYS A SG  1 
ATOM   401  N N   . HIS A 1 49  ? 3.744   -19.138 9.243   1.00 9.53  ? 477 HIS A N   1 
ATOM   402  C CA  . HIS A 1 49  ? 4.388   -19.591 8.021   1.00 9.09  ? 477 HIS A CA  1 
ATOM   403  C C   . HIS A 1 49  ? 5.260   -20.790 8.379   1.00 10.42 ? 477 HIS A C   1 
ATOM   404  O O   . HIS A 1 49  ? 6.022   -20.748 9.347   1.00 10.09 ? 477 HIS A O   1 
ATOM   405  C CB  . HIS A 1 49  ? 5.239   -18.479 7.428   1.00 9.16  ? 477 HIS A CB  1 
ATOM   406  C CG  . HIS A 1 49  ? 5.863   -18.851 6.119   1.00 12.01 ? 477 HIS A CG  1 
ATOM   407  N ND1 . HIS A 1 49  ? 5.119   -19.067 4.975   1.00 14.06 ? 477 HIS A ND1 1 
ATOM   408  C CD2 . HIS A 1 49  ? 7.156   -19.045 5.774   1.00 9.88  ? 477 HIS A CD2 1 
ATOM   409  C CE1 . HIS A 1 49  ? 5.935   -19.383 3.981   1.00 10.43 ? 477 HIS A CE1 1 
ATOM   410  N NE2 . HIS A 1 49  ? 7.176   -19.376 4.445   1.00 14.54 ? 477 HIS A NE2 1 
ATOM   411  N N   . HIS A 1 50  ? 5.142   -21.853 7.589   1.00 10.05 ? 478 HIS A N   1 
ATOM   412  C CA  . HIS A 1 50  ? 5.893   -23.083 7.815   1.00 11.10 ? 478 HIS A CA  1 
ATOM   413  C C   . HIS A 1 50  ? 5.776   -23.548 9.264   1.00 11.53 ? 478 HIS A C   1 
ATOM   414  O O   . HIS A 1 50  ? 6.759   -23.933 9.897   1.00 13.00 ? 478 HIS A O   1 
ATOM   415  C CB  . HIS A 1 50  ? 7.361   -22.899 7.408   1.00 10.58 ? 478 HIS A CB  1 
ATOM   416  C CG  . HIS A 1 50  ? 7.565   -22.808 5.925   1.00 11.78 ? 478 HIS A CG  1 
ATOM   417  N ND1 . HIS A 1 50  ? 8.807   -22.658 5.348   1.00 11.89 ? 478 HIS A ND1 1 
ATOM   418  C CD2 . HIS A 1 50  ? 6.677   -22.853 4.900   1.00 13.34 ? 478 HIS A CD2 1 
ATOM   419  C CE1 . HIS A 1 50  ? 8.678   -22.612 4.034   1.00 13.70 ? 478 HIS A CE1 1 
ATOM   420  N NE2 . HIS A 1 50  ? 7.395   -22.728 3.735   1.00 14.88 ? 478 HIS A NE2 1 
ATOM   421  N N   . GLN A 1 51  ? 4.545   -23.490 9.774   1.00 10.04 ? 479 GLN A N   1 
ATOM   422  C CA  . GLN A 1 51  ? 4.214   -23.925 11.128  1.00 12.75 ? 479 GLN A CA  1 
ATOM   423  C C   . GLN A 1 51  ? 4.764   -23.088 12.275  1.00 11.94 ? 479 GLN A C   1 
ATOM   424  O O   . GLN A 1 51  ? 4.705   -23.511 13.431  1.00 16.28 ? 479 GLN A O   1 
ATOM   425  C CB  . GLN A 1 51  ? 4.644   -25.380 11.317  1.00 16.51 ? 479 GLN A CB  1 
ATOM   426  C CG  . GLN A 1 51  ? 4.193   -26.290 10.192  1.00 18.18 ? 479 GLN A CG  1 
ATOM   427  C CD  . GLN A 1 51  ? 2.690   -26.324 10.054  1.00 20.80 ? 479 GLN A CD  1 
ATOM   428  O OE1 . GLN A 1 51  ? 1.985   -26.745 10.971  1.00 23.56 ? 479 GLN A OE1 1 
ATOM   429  N NE2 . GLN A 1 51  ? 2.188   -25.876 8.907   1.00 21.77 ? 479 GLN A NE2 1 
ATOM   430  N N   . LYS A 1 52  ? 5.293   -21.912 11.963  1.00 11.77 ? 480 LYS A N   1 
ATOM   431  C CA  . LYS A 1 52  ? 5.835   -21.026 12.986  1.00 12.19 ? 480 LYS A CA  1 
ATOM   432  C C   . LYS A 1 52  ? 4.995   -19.765 13.052  1.00 11.40 ? 480 LYS A C   1 
ATOM   433  O O   . LYS A 1 52  ? 4.702   -19.156 12.027  1.00 11.93 ? 480 LYS A O   1 
ATOM   434  C CB  . LYS A 1 52  ? 7.283   -20.652 12.671  1.00 14.35 ? 480 LYS A CB  1 
ATOM   435  C CG  . LYS A 1 52  ? 8.269   -21.782 12.866  1.00 20.67 ? 480 LYS A CG  1 
ATOM   436  C CD  . LYS A 1 52  ? 8.363   -22.182 14.332  1.00 22.73 ? 480 LYS A CD  1 
ATOM   437  C CE  . LYS A 1 52  ? 9.382   -23.284 14.533  1.00 26.29 ? 480 LYS A CE  1 
ATOM   438  N NZ  . LYS A 1 52  ? 9.531   -23.655 15.966  1.00 28.85 ? 480 LYS A NZ  1 
ATOM   439  N N   . ILE A 1 53  ? 4.618   -19.381 14.267  1.00 11.34 ? 481 ILE A N   1 
ATOM   440  C CA  . ILE A 1 53  ? 3.803   -18.194 14.489  1.00 10.60 ? 481 ILE A CA  1 
ATOM   441  C C   . ILE A 1 53  ? 4.693   -17.003 14.808  1.00 10.66 ? 481 ILE A C   1 
ATOM   442  O O   . ILE A 1 53  ? 5.573   -17.083 15.675  1.00 12.12 ? 481 ILE A O   1 
ATOM   443  C CB  . ILE A 1 53  ? 2.820   -18.415 15.662  1.00 9.84  ? 481 ILE A CB  1 
ATOM   444  C CG1 . ILE A 1 53  ? 1.904   -19.603 15.359  1.00 13.24 ? 481 ILE A CG1 1 
ATOM   445  C CG2 . ILE A 1 53  ? 2.000   -17.144 15.907  1.00 13.94 ? 481 ILE A CG2 1 
ATOM   446  C CD1 . ILE A 1 53  ? 1.116   -20.102 16.567  1.00 14.59 ? 481 ILE A CD1 1 
ATOM   447  N N   . LYS A 1 54  ? 4.466   -15.897 14.105  1.00 10.65 ? 482 LYS A N   1 
ATOM   448  C CA  . LYS A 1 54  ? 5.247   -14.685 14.313  1.00 10.88 ? 482 LYS A CA  1 
ATOM   449  C C   . LYS A 1 54  ? 4.332   -13.515 14.616  1.00 10.78 ? 482 LYS A C   1 
ATOM   450  O O   . LYS A 1 54  ? 3.216   -13.436 14.097  1.00 10.73 ? 482 LYS A O   1 
ATOM   451  C CB  . LYS A 1 54  ? 6.072   -14.355 13.067  1.00 15.04 ? 482 LYS A CB  1 
ATOM   452  C CG  . LYS A 1 54  ? 7.030   -15.464 12.646  1.00 22.52 ? 482 LYS A CG  1 
ATOM   453  C CD  . LYS A 1 54  ? 8.093   -15.707 13.701  1.00 26.21 ? 482 LYS A CD  1 
ATOM   454  C CE  . LYS A 1 54  ? 8.994   -16.868 13.301  1.00 30.90 ? 482 LYS A CE  1 
ATOM   455  N NZ  . LYS A 1 54  ? 9.926   -17.289 14.391  1.00 33.16 ? 482 LYS A NZ  1 
ATOM   456  N N   . ASN A 1 55  ? 4.817   -12.609 15.457  1.00 8.91  ? 483 ASN A N   1 
ATOM   457  C CA  . ASN A 1 55  ? 4.054   -11.428 15.832  1.00 9.40  ? 483 ASN A CA  1 
ATOM   458  C C   . ASN A 1 55  ? 4.790   -10.165 15.416  1.00 9.53  ? 483 ASN A C   1 
ATOM   459  O O   . ASN A 1 55  ? 6.012   -10.056 15.562  1.00 10.60 ? 483 ASN A O   1 
ATOM   460  C CB  . ASN A 1 55  ? 3.811   -11.418 17.344  1.00 9.77  ? 483 ASN A CB  1 
ATOM   461  C CG  . ASN A 1 55  ? 2.931   -12.572 17.799  1.00 12.87 ? 483 ASN A CG  1 
ATOM   462  O OD1 . ASN A 1 55  ? 1.704   -12.515 17.693  1.00 15.57 ? 483 ASN A OD1 1 
ATOM   463  N ND2 . ASN A 1 55  ? 3.556   -13.627 18.301  1.00 13.41 ? 483 ASN A ND2 1 
ATOM   464  N N   . PHE A 1 56  ? 4.031   -9.213  14.888  1.00 6.56  ? 484 PHE A N   1 
ATOM   465  C CA  . PHE A 1 56  ? 4.579   -7.940  14.447  1.00 7.56  ? 484 PHE A CA  1 
ATOM   466  C C   . PHE A 1 56  ? 3.786   -6.807  15.077  1.00 8.49  ? 484 PHE A C   1 
ATOM   467  O O   . PHE A 1 56  ? 2.564   -6.742  14.957  1.00 11.59 ? 484 PHE A O   1 
ATOM   468  C CB  . PHE A 1 56  ? 4.500   -7.836  12.927  1.00 8.01  ? 484 PHE A CB  1 
ATOM   469  C CG  . PHE A 1 56  ? 5.303   -8.879  12.217  1.00 11.60 ? 484 PHE A CG  1 
ATOM   470  C CD1 . PHE A 1 56  ? 6.601   -8.610  11.807  1.00 14.73 ? 484 PHE A CD1 1 
ATOM   471  C CD2 . PHE A 1 56  ? 4.773   -10.150 11.998  1.00 12.09 ? 484 PHE A CD2 1 
ATOM   472  C CE1 . PHE A 1 56  ? 7.370   -9.595  11.186  1.00 17.22 ? 484 PHE A CE1 1 
ATOM   473  C CE2 . PHE A 1 56  ? 5.530   -11.140 11.380  1.00 15.85 ? 484 PHE A CE2 1 
ATOM   474  C CZ  . PHE A 1 56  ? 6.831   -10.863 10.974  1.00 14.01 ? 484 PHE A CZ  1 
ATOM   475  N N   . GLN A 1 57  ? 4.491   -5.911  15.753  1.00 9.16  ? 485 GLN A N   1 
ATOM   476  C CA  . GLN A 1 57  ? 3.838   -4.782  16.393  1.00 11.44 ? 485 GLN A CA  1 
ATOM   477  C C   . GLN A 1 57  ? 3.571   -3.671  15.374  1.00 9.77  ? 485 GLN A C   1 
ATOM   478  O O   . GLN A 1 57  ? 4.475   -3.254  14.656  1.00 11.96 ? 485 GLN A O   1 
ATOM   479  C CB  . GLN A 1 57  ? 4.721   -4.254  17.526  1.00 12.55 ? 485 GLN A CB  1 
ATOM   480  C CG  . GLN A 1 57  ? 5.224   -5.343  18.484  1.00 18.64 ? 485 GLN A CG  1 
ATOM   481  C CD  . GLN A 1 57  ? 6.613   -5.870  18.121  1.00 21.61 ? 485 GLN A CD  1 
ATOM   482  O OE1 . GLN A 1 57  ? 6.815   -6.476  17.071  1.00 27.25 ? 485 GLN A OE1 1 
ATOM   483  N NE2 . GLN A 1 57  ? 7.579   -5.631  19.001  1.00 27.50 ? 485 GLN A NE2 1 
ATOM   484  N N   . ILE A 1 58  ? 2.324   -3.208  15.322  1.00 9.89  ? 486 ILE A N   1 
ATOM   485  C CA  . ILE A 1 58  ? 1.924   -2.132  14.423  1.00 9.33  ? 486 ILE A CA  1 
ATOM   486  C C   . ILE A 1 58  ? 1.812   -0.901  15.328  1.00 10.56 ? 486 ILE A C   1 
ATOM   487  O O   . ILE A 1 58  ? 0.887   -0.788  16.129  1.00 10.88 ? 486 ILE A O   1 
ATOM   488  C CB  . ILE A 1 58  ? 0.566   -2.433  13.760  1.00 10.05 ? 486 ILE A CB  1 
ATOM   489  C CG1 . ILE A 1 58  ? 0.703   -3.671  12.862  1.00 11.00 ? 486 ILE A CG1 1 
ATOM   490  C CG2 . ILE A 1 58  ? 0.096   -1.230  12.938  1.00 10.17 ? 486 ILE A CG2 1 
ATOM   491  C CD1 . ILE A 1 58  ? -0.631  -4.254  12.388  1.00 10.73 ? 486 ILE A CD1 1 
ATOM   492  N N   . LEU A 1 59  ? 2.767   0.009   15.176  1.00 11.51 ? 487 LEU A N   1 
ATOM   493  C CA  . LEU A 1 59  ? 2.845   1.198   16.021  1.00 12.51 ? 487 LEU A CA  1 
ATOM   494  C C   . LEU A 1 59  ? 2.516   2.496   15.305  1.00 14.17 ? 487 LEU A C   1 
ATOM   495  O O   . LEU A 1 59  ? 2.796   2.652   14.119  1.00 14.57 ? 487 LEU A O   1 
ATOM   496  C CB  . LEU A 1 59  ? 4.248   1.298   16.620  1.00 12.95 ? 487 LEU A CB  1 
ATOM   497  C CG  . LEU A 1 59  ? 4.724   0.027   17.336  1.00 15.31 ? 487 LEU A CG  1 
ATOM   498  C CD1 . LEU A 1 59  ? 6.220   0.102   17.616  1.00 16.69 ? 487 LEU A CD1 1 
ATOM   499  C CD2 . LEU A 1 59  ? 3.930   -0.160  18.614  1.00 17.65 ? 487 LEU A CD2 1 
ATOM   500  N N   . PRO A 1 60  ? 1.917   3.453   16.026  1.00 16.20 ? 488 PRO A N   1 
ATOM   501  C CA  . PRO A 1 60  ? 1.562   4.744   15.430  1.00 18.80 ? 488 PRO A CA  1 
ATOM   502  C C   . PRO A 1 60  ? 2.725   5.711   15.428  1.00 22.90 ? 488 PRO A C   1 
ATOM   503  O O   . PRO A 1 60  ? 3.692   5.536   16.164  1.00 22.21 ? 488 PRO A O   1 
ATOM   504  C CB  . PRO A 1 60  ? 0.438   5.238   16.326  1.00 18.14 ? 488 PRO A CB  1 
ATOM   505  C CG  . PRO A 1 60  ? 0.848   4.722   17.674  1.00 15.09 ? 488 PRO A CG  1 
ATOM   506  C CD  . PRO A 1 60  ? 1.319   3.310   17.363  1.00 15.76 ? 488 PRO A CD  1 
ATOM   507  N N   . CYS A 1 61  ? 2.615   6.734   14.585  1.00 26.81 ? 489 CYS A N   1 
ATOM   508  C CA  . CYS A 1 61  ? 3.619   7.790   14.467  1.00 30.28 ? 489 CYS A CA  1 
ATOM   509  C C   . CYS A 1 61  ? 3.189   8.823   13.428  1.00 30.27 ? 489 CYS A C   1 
ATOM   510  O O   . CYS A 1 61  ? 2.603   8.496   12.392  1.00 31.95 ? 489 CYS A O   1 
ATOM   511  C CB  . CYS A 1 61  ? 4.998   7.211   14.090  1.00 32.52 ? 489 CYS A CB  1 
ATOM   512  S SG  . CYS A 1 61  ? 6.324   8.503   14.000  1.00 39.66 ? 489 CYS A SG  1 
ATOM   513  N N   . THR A 1 67  ? -0.861  11.134  11.851  1.00 32.01 ? 495 THR A N   1 
ATOM   514  C CA  . THR A 1 67  ? -0.596  9.838   12.459  1.00 31.97 ? 495 THR A CA  1 
ATOM   515  C C   . THR A 1 67  ? -0.710  8.700   11.453  1.00 30.73 ? 495 THR A C   1 
ATOM   516  O O   . THR A 1 67  ? -1.731  8.545   10.780  1.00 31.64 ? 495 THR A O   1 
ATOM   517  C CB  . THR A 1 67  ? -1.570  9.552   13.626  1.00 33.31 ? 495 THR A CB  1 
ATOM   518  O OG1 . THR A 1 67  ? -1.347  10.499  14.678  1.00 35.38 ? 495 THR A OG1 1 
ATOM   519  C CG2 . THR A 1 67  ? -1.359  8.141   14.166  1.00 34.21 ? 495 THR A CG2 1 
ATOM   520  N N   . PHE A 1 68  ? 0.350   7.905   11.362  1.00 27.74 ? 496 PHE A N   1 
ATOM   521  C CA  . PHE A 1 68  ? 0.386   6.771   10.457  1.00 24.25 ? 496 PHE A CA  1 
ATOM   522  C C   . PHE A 1 68  ? 0.834   5.535   11.220  1.00 21.96 ? 496 PHE A C   1 
ATOM   523  O O   . PHE A 1 68  ? 1.337   5.640   12.343  1.00 19.45 ? 496 PHE A O   1 
ATOM   524  C CB  . PHE A 1 68  ? 1.333   7.057   9.295   1.00 26.47 ? 496 PHE A CB  1 
ATOM   525  C CG  . PHE A 1 68  ? 0.937   8.259   8.489   1.00 29.49 ? 496 PHE A CG  1 
ATOM   526  C CD1 . PHE A 1 68  ? 1.571   9.484   8.677   1.00 31.40 ? 496 PHE A CD1 1 
ATOM   527  C CD2 . PHE A 1 68  ? -0.103  8.177   7.566   1.00 30.41 ? 496 PHE A CD2 1 
ATOM   528  C CE1 . PHE A 1 68  ? 1.173   10.611  7.962   1.00 31.90 ? 496 PHE A CE1 1 
ATOM   529  C CE2 . PHE A 1 68  ? -0.509  9.292   6.849   1.00 30.14 ? 496 PHE A CE2 1 
ATOM   530  C CZ  . PHE A 1 68  ? 0.130   10.514  7.044   1.00 32.79 ? 496 PHE A CZ  1 
ATOM   531  N N   . PHE A 1 69  ? 0.648   4.369   10.609  1.00 17.55 ? 497 PHE A N   1 
ATOM   532  C CA  . PHE A 1 69  ? 1.022   3.114   11.245  1.00 15.84 ? 497 PHE A CA  1 
ATOM   533  C C   . PHE A 1 69  ? 2.075   2.348   10.467  1.00 16.45 ? 497 PHE A C   1 
ATOM   534  O O   . PHE A 1 69  ? 2.166   2.460   9.244   1.00 15.59 ? 497 PHE A O   1 
ATOM   535  C CB  . PHE A 1 69  ? -0.221  2.253   11.446  1.00 15.59 ? 497 PHE A CB  1 
ATOM   536  C CG  . PHE A 1 69  ? -1.281  2.929   12.266  1.00 17.43 ? 497 PHE A CG  1 
ATOM   537  C CD1 . PHE A 1 69  ? -2.128  3.872   11.689  1.00 17.69 ? 497 PHE A CD1 1 
ATOM   538  C CD2 . PHE A 1 69  ? -1.390  2.676   13.630  1.00 18.62 ? 497 PHE A CD2 1 
ATOM   539  C CE1 . PHE A 1 69  ? -3.067  4.557   12.459  1.00 20.51 ? 497 PHE A CE1 1 
ATOM   540  C CE2 . PHE A 1 69  ? -2.325  3.353   14.410  1.00 18.55 ? 497 PHE A CE2 1 
ATOM   541  C CZ  . PHE A 1 69  ? -3.164  4.296   13.826  1.00 20.26 ? 497 PHE A CZ  1 
ATOM   542  N N   . SER A 1 70  ? 2.870   1.567   11.191  1.00 13.01 ? 498 SER A N   1 
ATOM   543  C CA  . SER A 1 70  ? 3.941   0.794   10.576  1.00 12.42 ? 498 SER A CA  1 
ATOM   544  C C   . SER A 1 70  ? 4.386   -0.372  11.439  1.00 13.83 ? 498 SER A C   1 
ATOM   545  O O   . SER A 1 70  ? 4.382   -0.285  12.668  1.00 11.53 ? 498 SER A O   1 
ATOM   546  C CB  . SER A 1 70  ? 5.143   1.705   10.312  1.00 11.07 ? 498 SER A CB  1 
ATOM   547  O OG  . SER A 1 70  ? 6.300   0.969   9.938   1.00 10.59 ? 498 SER A OG  1 
ATOM   548  N N   . LEU A 1 71  ? 4.771   -1.465  10.787  1.00 12.02 ? 499 LEU A N   1 
ATOM   549  C CA  . LEU A 1 71  ? 5.264   -2.634  11.504  1.00 12.10 ? 499 LEU A CA  1 
ATOM   550  C C   . LEU A 1 71  ? 6.759   -2.838  11.238  1.00 12.39 ? 499 LEU A C   1 
ATOM   551  O O   . LEU A 1 71  ? 7.341   -3.844  11.645  1.00 13.21 ? 499 LEU A O   1 
ATOM   552  C CB  . LEU A 1 71  ? 4.455   -3.885  11.131  1.00 10.51 ? 499 LEU A CB  1 
ATOM   553  C CG  . LEU A 1 71  ? 4.219   -4.281  9.671   1.00 9.56  ? 499 LEU A CG  1 
ATOM   554  C CD1 . LEU A 1 71  ? 5.516   -4.779  9.035   1.00 9.83  ? 499 LEU A CD1 1 
ATOM   555  C CD2 . LEU A 1 71  ? 3.163   -5.385  9.636   1.00 11.19 ? 499 LEU A CD2 1 
ATOM   556  N N   . ASP A 1 72  ? 7.380   -1.882  10.549  1.00 12.11 ? 500 ASP A N   1 
ATOM   557  C CA  . ASP A 1 72  ? 8.815   -1.969  10.297  1.00 14.12 ? 500 ASP A CA  1 
ATOM   558  C C   . ASP A 1 72  ? 9.525   -0.658  10.628  1.00 14.18 ? 500 ASP A C   1 
ATOM   559  O O   . ASP A 1 72  ? 10.327  -0.139  9.849   1.00 15.13 ? 500 ASP A O   1 
ATOM   560  C CB  . ASP A 1 72  ? 9.113   -2.412  8.857   1.00 12.63 ? 500 ASP A CB  1 
ATOM   561  C CG  . ASP A 1 72  ? 8.551   -1.472  7.812   1.00 11.05 ? 500 ASP A CG  1 
ATOM   562  O OD1 . ASP A 1 72  ? 7.933   -0.454  8.171   1.00 11.52 ? 500 ASP A OD1 1 
ATOM   563  O OD2 . ASP A 1 72  ? 8.741   -1.772  6.613   1.00 12.79 ? 500 ASP A OD2 1 
ATOM   564  N N   . ASP A 1 73  ? 9.205   -0.135  11.809  1.00 15.66 ? 501 ASP A N   1 
ATOM   565  C CA  . ASP A 1 73  ? 9.806   1.090   12.325  1.00 17.73 ? 501 ASP A CA  1 
ATOM   566  C C   . ASP A 1 73  ? 9.756   2.281   11.371  1.00 18.71 ? 501 ASP A C   1 
ATOM   567  O O   . ASP A 1 73  ? 10.716  3.050   11.267  1.00 20.35 ? 501 ASP A O   1 
ATOM   568  C CB  . ASP A 1 73  ? 11.254  0.809   12.747  1.00 18.65 ? 501 ASP A CB  1 
ATOM   569  C CG  . ASP A 1 73  ? 11.345  -0.209  13.874  1.00 21.90 ? 501 ASP A CG  1 
ATOM   570  O OD1 . ASP A 1 73  ? 10.883  0.089   14.995  1.00 23.31 ? 501 ASP A OD1 1 
ATOM   571  O OD2 . ASP A 1 73  ? 11.874  -1.314  13.639  1.00 23.32 ? 501 ASP A OD2 1 
ATOM   572  N N   . GLY A 1 74  ? 8.633   2.425   10.674  1.00 18.42 ? 502 GLY A N   1 
ATOM   573  C CA  . GLY A 1 74  ? 8.454   3.542   9.764   1.00 19.31 ? 502 GLY A CA  1 
ATOM   574  C C   . GLY A 1 74  ? 9.002   3.407   8.357   1.00 20.30 ? 502 GLY A C   1 
ATOM   575  O O   . GLY A 1 74  ? 8.796   4.302   7.538   1.00 21.73 ? 502 GLY A O   1 
ATOM   576  N N   . ASN A 1 75  ? 9.692   2.310   8.058   1.00 20.36 ? 503 ASN A N   1 
ATOM   577  C CA  . ASN A 1 75  ? 10.246  2.129   6.719   1.00 20.97 ? 503 ASN A CA  1 
ATOM   578  C C   . ASN A 1 75  ? 9.107   2.084   5.705   1.00 20.99 ? 503 ASN A C   1 
ATOM   579  O O   . ASN A 1 75  ? 9.261   2.506   4.555   1.00 22.24 ? 503 ASN A O   1 
ATOM   580  C CB  . ASN A 1 75  ? 11.072  0.845   6.648   1.00 22.32 ? 503 ASN A CB  1 
ATOM   581  C CG  . ASN A 1 75  ? 12.103  0.880   5.530   1.00 27.22 ? 503 ASN A CG  1 
ATOM   582  O OD1 . ASN A 1 75  ? 12.816  1.871   5.362   1.00 29.45 ? 503 ASN A OD1 1 
ATOM   583  N ND2 . ASN A 1 75  ? 12.197  -0.207  4.769   1.00 28.54 ? 503 ASN A ND2 1 
ATOM   584  N N   . THR A 1 76  ? 7.963   1.567   6.145   1.00 18.26 ? 504 THR A N   1 
ATOM   585  C CA  . THR A 1 76  ? 6.772   1.474   5.307   1.00 17.49 ? 504 THR A CA  1 
ATOM   586  C C   . THR A 1 76  ? 5.612   1.972   6.164   1.00 17.37 ? 504 THR A C   1 
ATOM   587  O O   . THR A 1 76  ? 5.304   1.387   7.206   1.00 18.10 ? 504 THR A O   1 
ATOM   588  C CB  . THR A 1 76  ? 6.512   0.020   4.873   1.00 15.84 ? 504 THR A CB  1 
ATOM   589  O OG1 . THR A 1 76  ? 7.746   -0.581  4.466   1.00 16.57 ? 504 THR A OG1 1 
ATOM   590  C CG2 . THR A 1 76  ? 5.526   -0.020  3.702   1.00 15.86 ? 504 THR A CG2 1 
ATOM   591  N N   . LYS A 1 77  ? 4.974   3.055   5.724   1.00 16.81 ? 505 LYS A N   1 
ATOM   592  C CA  . LYS A 1 77  ? 3.877   3.674   6.464   1.00 18.31 ? 505 LYS A CA  1 
ATOM   593  C C   . LYS A 1 77  ? 2.495   3.553   5.829   1.00 17.30 ? 505 LYS A C   1 
ATOM   594  O O   . LYS A 1 77  ? 2.361   3.450   4.607   1.00 18.59 ? 505 LYS A O   1 
ATOM   595  C CB  . LYS A 1 77  ? 4.185   5.157   6.690   1.00 20.86 ? 505 LYS A CB  1 
ATOM   596  C CG  . LYS A 1 77  ? 5.482   5.417   7.442   1.00 25.41 ? 505 LYS A CG  1 
ATOM   597  C CD  . LYS A 1 77  ? 5.607   6.892   7.796   1.00 29.41 ? 505 LYS A CD  1 
ATOM   598  C CE  . LYS A 1 77  ? 6.776   7.142   8.740   1.00 32.68 ? 505 LYS A CE  1 
ATOM   599  N NZ  . LYS A 1 77  ? 6.886   8.587   9.092   1.00 36.89 ? 505 LYS A NZ  1 
ATOM   600  N N   . PHE A 1 78  ? 1.471   3.586   6.679   1.00 15.38 ? 506 PHE A N   1 
ATOM   601  C CA  . PHE A 1 78  ? 0.083   3.460   6.250   1.00 16.06 ? 506 PHE A CA  1 
ATOM   602  C C   . PHE A 1 78  ? -0.827  4.398   7.036   1.00 16.23 ? 506 PHE A C   1 
ATOM   603  O O   . PHE A 1 78  ? -0.541  4.730   8.189   1.00 17.28 ? 506 PHE A O   1 
ATOM   604  C CB  . PHE A 1 78  ? -0.366  2.011   6.437   1.00 16.80 ? 506 PHE A CB  1 
ATOM   605  C CG  . PHE A 1 78  ? 0.461   1.037   5.659   1.00 14.97 ? 506 PHE A CG  1 
ATOM   606  C CD1 . PHE A 1 78  ? 0.207   0.820   4.309   1.00 14.81 ? 506 PHE A CD1 1 
ATOM   607  C CD2 . PHE A 1 78  ? 1.545   0.394   6.250   1.00 15.16 ? 506 PHE A CD2 1 
ATOM   608  C CE1 . PHE A 1 78  ? 1.022   -0.015  3.555   1.00 13.75 ? 506 PHE A CE1 1 
ATOM   609  C CE2 . PHE A 1 78  ? 2.368   -0.445  5.501   1.00 15.15 ? 506 PHE A CE2 1 
ATOM   610  C CZ  . PHE A 1 78  ? 2.102   -0.648  4.149   1.00 13.74 ? 506 PHE A CZ  1 
ATOM   611  N N   . SER A 1 79  ? -1.923  4.824   6.414   1.00 17.69 ? 507 SER A N   1 
ATOM   612  C CA  . SER A 1 79  ? -2.851  5.739   7.071   1.00 19.15 ? 507 SER A CA  1 
ATOM   613  C C   . SER A 1 79  ? -3.793  5.043   8.052   1.00 18.54 ? 507 SER A C   1 
ATOM   614  O O   . SER A 1 79  ? -4.232  5.654   9.025   1.00 18.74 ? 507 SER A O   1 
ATOM   615  C CB  . SER A 1 79  ? -3.656  6.528   6.030   1.00 18.34 ? 507 SER A CB  1 
ATOM   616  O OG  . SER A 1 79  ? -4.381  5.669   5.174   1.00 23.26 ? 507 SER A OG  1 
ATOM   617  N N   . ASP A 1 80  ? -4.095  3.771   7.800   1.00 18.19 ? 508 ASP A N   1 
ATOM   618  C CA  . ASP A 1 80  ? -4.976  2.988   8.670   1.00 18.09 ? 508 ASP A CA  1 
ATOM   619  C C   . ASP A 1 80  ? -4.720  1.487   8.492   1.00 16.85 ? 508 ASP A C   1 
ATOM   620  O O   . ASP A 1 80  ? -3.983  1.087   7.594   1.00 16.28 ? 508 ASP A O   1 
ATOM   621  C CB  . ASP A 1 80  ? -6.455  3.340   8.402   1.00 20.67 ? 508 ASP A CB  1 
ATOM   622  C CG  . ASP A 1 80  ? -6.933  2.925   7.015   1.00 24.61 ? 508 ASP A CG  1 
ATOM   623  O OD1 . ASP A 1 80  ? -7.997  3.425   6.587   1.00 29.55 ? 508 ASP A OD1 1 
ATOM   624  O OD2 . ASP A 1 80  ? -6.273  2.101   6.356   1.00 23.75 ? 508 ASP A OD2 1 
ATOM   625  N N   . LEU A 1 81  ? -5.318  0.659   9.342   1.00 16.17 ? 509 LEU A N   1 
ATOM   626  C CA  . LEU A 1 81  ? -5.103  -0.789  9.260   1.00 14.85 ? 509 LEU A CA  1 
ATOM   627  C C   . LEU A 1 81  ? -5.586  -1.441  7.974   1.00 14.78 ? 509 LEU A C   1 
ATOM   628  O O   . LEU A 1 81  ? -4.993  -2.416  7.513   1.00 15.53 ? 509 LEU A O   1 
ATOM   629  C CB  . LEU A 1 81  ? -5.754  -1.507  10.447  1.00 15.67 ? 509 LEU A CB  1 
ATOM   630  C CG  . LEU A 1 81  ? -5.184  -1.238  11.839  1.00 16.97 ? 509 LEU A CG  1 
ATOM   631  C CD1 . LEU A 1 81  ? -5.869  -2.156  12.839  1.00 15.53 ? 509 LEU A CD1 1 
ATOM   632  C CD2 . LEU A 1 81  ? -3.682  -1.480  11.848  1.00 18.57 ? 509 LEU A CD2 1 
ATOM   633  N N   . ILE A 1 82  ? -6.662  -0.919  7.394   1.00 14.14 ? 510 ILE A N   1 
ATOM   634  C CA  . ILE A 1 82  ? -7.181  -1.494  6.164   1.00 16.25 ? 510 ILE A CA  1 
ATOM   635  C C   . ILE A 1 82  ? -6.155  -1.335  5.048   1.00 14.38 ? 510 ILE A C   1 
ATOM   636  O O   . ILE A 1 82  ? -5.933  -2.262  4.273   1.00 13.91 ? 510 ILE A O   1 
ATOM   637  C CB  . ILE A 1 82  ? -8.521  -0.842  5.758   1.00 16.81 ? 510 ILE A CB  1 
ATOM   638  C CG1 . ILE A 1 82  ? -9.589  -1.186  6.804   1.00 19.87 ? 510 ILE A CG1 1 
ATOM   639  C CG2 . ILE A 1 82  ? -8.947  -1.330  4.374   1.00 19.42 ? 510 ILE A CG2 1 
ATOM   640  C CD1 . ILE A 1 82  ? -10.985 -0.648  6.491   1.00 21.76 ? 510 ILE A CD1 1 
ATOM   641  N N   . GLN A 1 83  ? -5.522  -0.170  4.966   1.00 14.92 ? 511 GLN A N   1 
ATOM   642  C CA  . GLN A 1 83  ? -4.513  0.043   3.935   1.00 13.67 ? 511 GLN A CA  1 
ATOM   643  C C   . GLN A 1 83  ? -3.333  -0.895  4.182   1.00 13.57 ? 511 GLN A C   1 
ATOM   644  O O   . GLN A 1 83  ? -2.780  -1.472  3.247   1.00 12.00 ? 511 GLN A O   1 
ATOM   645  C CB  . GLN A 1 83  ? -4.019  1.496   3.936   1.00 15.16 ? 511 GLN A CB  1 
ATOM   646  C CG  . GLN A 1 83  ? -3.015  1.789   2.819   1.00 15.81 ? 511 GLN A CG  1 
ATOM   647  C CD  . GLN A 1 83  ? -2.478  3.212   2.835   1.00 15.36 ? 511 GLN A CD  1 
ATOM   648  O OE1 . GLN A 1 83  ? -2.337  3.824   3.889   1.00 17.50 ? 511 GLN A OE1 1 
ATOM   649  N NE2 . GLN A 1 83  ? -2.143  3.731   1.658   1.00 16.08 ? 511 GLN A NE2 1 
ATOM   650  N N   . LEU A 1 84  ? -2.957  -1.048  5.450   1.00 12.93 ? 512 LEU A N   1 
ATOM   651  C CA  . LEU A 1 84  ? -1.839  -1.905  5.810   1.00 12.57 ? 512 LEU A CA  1 
ATOM   652  C C   . LEU A 1 84  ? -2.090  -3.358  5.419   1.00 12.82 ? 512 LEU A C   1 
ATOM   653  O O   . LEU A 1 84  ? -1.238  -3.994  4.790   1.00 11.03 ? 512 LEU A O   1 
ATOM   654  C CB  . LEU A 1 84  ? -1.548  -1.792  7.312   1.00 12.67 ? 512 LEU A CB  1 
ATOM   655  C CG  . LEU A 1 84  ? -0.341  -2.579  7.844   1.00 12.46 ? 512 LEU A CG  1 
ATOM   656  C CD1 . LEU A 1 84  ? 0.176   -1.916  9.112   1.00 12.80 ? 512 LEU A CD1 1 
ATOM   657  C CD2 . LEU A 1 84  ? -0.725  -4.028  8.099   1.00 9.87  ? 512 LEU A CD2 1 
ATOM   658  N N   . VAL A 1 85  ? -3.253  -3.885  5.783   1.00 11.97 ? 513 VAL A N   1 
ATOM   659  C CA  . VAL A 1 85  ? -3.569  -5.266  5.443   1.00 11.94 ? 513 VAL A CA  1 
ATOM   660  C C   . VAL A 1 85  ? -3.664  -5.433  3.929   1.00 11.25 ? 513 VAL A C   1 
ATOM   661  O O   . VAL A 1 85  ? -3.161  -6.408  3.380   1.00 13.07 ? 513 VAL A O   1 
ATOM   662  C CB  . VAL A 1 85  ? -4.882  -5.725  6.109   1.00 10.98 ? 513 VAL A CB  1 
ATOM   663  C CG1 . VAL A 1 85  ? -5.284  -7.106  5.591   1.00 12.52 ? 513 VAL A CG1 1 
ATOM   664  C CG2 . VAL A 1 85  ? -4.689  -5.771  7.625   1.00 14.45 ? 513 VAL A CG2 1 
ATOM   665  N N   . ASP A 1 86  ? -4.303  -4.481  3.255   1.00 10.61 ? 514 ASP A N   1 
ATOM   666  C CA  . ASP A 1 86  ? -4.427  -4.553  1.801   1.00 13.65 ? 514 ASP A CA  1 
ATOM   667  C C   . ASP A 1 86  ? -3.057  -4.647  1.143   1.00 11.51 ? 514 ASP A C   1 
ATOM   668  O O   . ASP A 1 86  ? -2.881  -5.358  0.150   1.00 12.60 ? 514 ASP A O   1 
ATOM   669  C CB  . ASP A 1 86  ? -5.152  -3.318  1.258   1.00 14.87 ? 514 ASP A CB  1 
ATOM   670  C CG  . ASP A 1 86  ? -6.657  -3.390  1.445   1.00 20.18 ? 514 ASP A CG  1 
ATOM   671  O OD1 . ASP A 1 86  ? -7.157  -4.423  1.944   1.00 20.70 ? 514 ASP A OD1 1 
ATOM   672  O OD2 . ASP A 1 86  ? -7.334  -2.409  1.081   1.00 21.57 ? 514 ASP A OD2 1 
ATOM   673  N N   . PHE A 1 87  ? -2.090  -3.924  1.702   1.00 11.03 ? 515 PHE A N   1 
ATOM   674  C CA  . PHE A 1 87  ? -0.733  -3.918  1.166   1.00 10.38 ? 515 PHE A CA  1 
ATOM   675  C C   . PHE A 1 87  ? 0.001   -5.239  1.400   1.00 9.89  ? 515 PHE A C   1 
ATOM   676  O O   . PHE A 1 87  ? 0.607   -5.788  0.476   1.00 9.99  ? 515 PHE A O   1 
ATOM   677  C CB  . PHE A 1 87  ? 0.083   -2.776  1.787   1.00 11.88 ? 515 PHE A CB  1 
ATOM   678  C CG  . PHE A 1 87  ? 1.507   -2.718  1.299   1.00 10.74 ? 515 PHE A CG  1 
ATOM   679  C CD1 . PHE A 1 87  ? 1.820   -2.103  0.088   1.00 11.14 ? 515 PHE A CD1 1 
ATOM   680  C CD2 . PHE A 1 87  ? 2.531   -3.316  2.031   1.00 11.86 ? 515 PHE A CD2 1 
ATOM   681  C CE1 . PHE A 1 87  ? 3.132   -2.089  -0.388  1.00 12.64 ? 515 PHE A CE1 1 
ATOM   682  C CE2 . PHE A 1 87  ? 3.849   -3.307  1.561   1.00 14.02 ? 515 PHE A CE2 1 
ATOM   683  C CZ  . PHE A 1 87  ? 4.147   -2.693  0.350   1.00 11.26 ? 515 PHE A CZ  1 
ATOM   684  N N   . TYR A 1 88  ? -0.051  -5.752  2.627   1.00 9.60  ? 516 TYR A N   1 
ATOM   685  C CA  . TYR A 1 88  ? 0.653   -6.993  2.938   1.00 9.96  ? 516 TYR A CA  1 
ATOM   686  C C   . TYR A 1 88  ? -0.013  -8.263  2.404   1.00 10.31 ? 516 TYR A C   1 
ATOM   687  O O   . TYR A 1 88  ? 0.543   -9.358  2.506   1.00 9.14  ? 516 TYR A O   1 
ATOM   688  C CB  . TYR A 1 88  ? 0.929   -7.072  4.448   1.00 9.07  ? 516 TYR A CB  1 
ATOM   689  C CG  . TYR A 1 88  ? 2.024   -6.107  4.879   1.00 9.63  ? 516 TYR A CG  1 
ATOM   690  C CD1 . TYR A 1 88  ? 3.360   -6.326  4.520   1.00 9.08  ? 516 TYR A CD1 1 
ATOM   691  C CD2 . TYR A 1 88  ? 1.725   -4.963  5.625   1.00 10.12 ? 516 TYR A CD2 1 
ATOM   692  C CE1 . TYR A 1 88  ? 4.368   -5.419  4.891   1.00 9.63  ? 516 TYR A CE1 1 
ATOM   693  C CE2 . TYR A 1 88  ? 2.723   -4.055  5.998   1.00 9.56  ? 516 TYR A CE2 1 
ATOM   694  C CZ  . TYR A 1 88  ? 4.034   -4.289  5.633   1.00 9.28  ? 516 TYR A CZ  1 
ATOM   695  O OH  . TYR A 1 88  ? 5.013   -3.385  5.991   1.00 10.14 ? 516 TYR A OH  1 
ATOM   696  N N   . GLN A 1 89  ? -1.202  -8.120  1.828   1.00 11.10 ? 517 GLN A N   1 
ATOM   697  C CA  . GLN A 1 89  ? -1.860  -9.267  1.217   1.00 12.25 ? 517 GLN A CA  1 
ATOM   698  C C   . GLN A 1 89  ? -1.216  -9.443  -0.163  1.00 10.64 ? 517 GLN A C   1 
ATOM   699  O O   . GLN A 1 89  ? -1.271  -10.517 -0.750  1.00 11.55 ? 517 GLN A O   1 
ATOM   700  C CB  . GLN A 1 89  ? -3.362  -9.018  1.034   1.00 13.36 ? 517 GLN A CB  1 
ATOM   701  C CG  . GLN A 1 89  ? -4.162  -8.976  2.324   1.00 16.35 ? 517 GLN A CG  1 
ATOM   702  C CD  . GLN A 1 89  ? -5.656  -8.799  2.081   1.00 22.48 ? 517 GLN A CD  1 
ATOM   703  O OE1 . GLN A 1 89  ? -6.073  -7.986  1.250   1.00 25.77 ? 517 GLN A OE1 1 
ATOM   704  N NE2 . GLN A 1 89  ? -6.469  -9.547  2.821   1.00 22.73 ? 517 GLN A NE2 1 
ATOM   705  N N   . LEU A 1 90  ? -0.601  -8.375  -0.669  1.00 9.77  ? 518 LEU A N   1 
ATOM   706  C CA  . LEU A 1 90  ? 0.027   -8.410  -1.987  1.00 9.88  ? 518 LEU A CA  1 
ATOM   707  C C   . LEU A 1 90  ? 1.555   -8.301  -1.968  1.00 10.27 ? 518 LEU A C   1 
ATOM   708  O O   . LEU A 1 90  ? 2.209   -8.589  -2.969  1.00 10.73 ? 518 LEU A O   1 
ATOM   709  C CB  . LEU A 1 90  ? -0.532  -7.279  -2.845  1.00 10.08 ? 518 LEU A CB  1 
ATOM   710  C CG  . LEU A 1 90  ? -2.051  -7.202  -2.981  1.00 13.03 ? 518 LEU A CG  1 
ATOM   711  C CD1 . LEU A 1 90  ? -2.411  -6.064  -3.926  1.00 12.43 ? 518 LEU A CD1 1 
ATOM   712  C CD2 . LEU A 1 90  ? -2.585  -8.515  -3.507  1.00 13.88 ? 518 LEU A CD2 1 
ATOM   713  N N   . ASN A 1 91  ? 2.117   -7.888  -0.833  1.00 9.14  ? 519 ASN A N   1 
ATOM   714  C CA  . ASN A 1 91  ? 3.567   -7.703  -0.715  1.00 9.69  ? 519 ASN A CA  1 
ATOM   715  C C   . ASN A 1 91  ? 4.065   -8.230  0.630   1.00 11.68 ? 519 ASN A C   1 
ATOM   716  O O   . ASN A 1 91  ? 3.515   -7.887  1.669   1.00 10.97 ? 519 ASN A O   1 
ATOM   717  C CB  . ASN A 1 91  ? 3.909   -6.207  -0.806  1.00 10.37 ? 519 ASN A CB  1 
ATOM   718  C CG  . ASN A 1 91  ? 3.418   -5.571  -2.097  1.00 12.66 ? 519 ASN A CG  1 
ATOM   719  O OD1 . ASN A 1 91  ? 4.095   -5.643  -3.115  1.00 12.42 ? 519 ASN A OD1 1 
ATOM   720  N ND2 . ASN A 1 91  ? 2.240   -4.957  -2.060  1.00 9.05  ? 519 ASN A ND2 1 
ATOM   721  N N   . LYS A 1 92  ? 5.107   -9.059  0.595   1.00 11.64 ? 520 LYS A N   1 
ATOM   722  C CA  . LYS A 1 92  ? 5.706   -9.618  1.815   1.00 13.47 ? 520 LYS A CA  1 
ATOM   723  C C   . LYS A 1 92  ? 6.280   -8.558  2.740   1.00 12.75 ? 520 LYS A C   1 
ATOM   724  O O   . LYS A 1 92  ? 6.027   -8.559  3.954   1.00 10.47 ? 520 LYS A O   1 
ATOM   725  C CB  . LYS A 1 92  ? 6.881   -10.543 1.483   1.00 17.96 ? 520 LYS A CB  1 
ATOM   726  C CG  . LYS A 1 92  ? 6.554   -11.962 1.109   1.00 24.78 ? 520 LYS A CG  1 
ATOM   727  C CD  . LYS A 1 92  ? 7.869   -12.744 1.075   1.00 25.72 ? 520 LYS A CD  1 
ATOM   728  C CE  . LYS A 1 92  ? 7.722   -14.151 0.531   1.00 32.70 ? 520 LYS A CE  1 
ATOM   729  N NZ  . LYS A 1 92  ? 9.042   -14.838 0.571   1.00 34.23 ? 520 LYS A NZ  1 
ATOM   730  N N   . GLY A 1 93  ? 7.065   -7.650  2.165   1.00 11.62 ? 521 GLY A N   1 
ATOM   731  C CA  . GLY A 1 93  ? 7.709   -6.647  2.982   1.00 11.97 ? 521 GLY A CA  1 
ATOM   732  C C   . GLY A 1 93  ? 8.650   -7.420  3.890   1.00 10.74 ? 521 GLY A C   1 
ATOM   733  O O   . GLY A 1 93  ? 9.350   -8.320  3.429   1.00 12.44 ? 521 GLY A O   1 
ATOM   734  N N   . VAL A 1 94  ? 8.656   -7.086  5.178   1.00 12.21 ? 522 VAL A N   1 
ATOM   735  C CA  . VAL A 1 94  ? 9.508   -7.758  6.153   1.00 11.87 ? 522 VAL A CA  1 
ATOM   736  C C   . VAL A 1 94  ? 8.901   -9.056  6.688   1.00 11.81 ? 522 VAL A C   1 
ATOM   737  O O   . VAL A 1 94  ? 9.538   -9.765  7.470   1.00 12.05 ? 522 VAL A O   1 
ATOM   738  C CB  . VAL A 1 94  ? 9.813   -6.829  7.363   1.00 12.38 ? 522 VAL A CB  1 
ATOM   739  C CG1 . VAL A 1 94  ? 10.569  -5.589  6.890   1.00 16.45 ? 522 VAL A CG1 1 
ATOM   740  C CG2 . VAL A 1 94  ? 8.521   -6.425  8.059   1.00 12.43 ? 522 VAL A CG2 1 
ATOM   741  N N   . LEU A 1 95  ? 7.676   -9.368  6.269   1.00 10.08 ? 523 LEU A N   1 
ATOM   742  C CA  . LEU A 1 95  ? 6.990   -10.573 6.735   1.00 10.07 ? 523 LEU A CA  1 
ATOM   743  C C   . LEU A 1 95  ? 7.532   -11.821 6.056   1.00 9.86  ? 523 LEU A C   1 
ATOM   744  O O   . LEU A 1 95  ? 8.118   -11.743 4.979   1.00 11.23 ? 523 LEU A O   1 
ATOM   745  C CB  . LEU A 1 95  ? 5.488   -10.474 6.445   1.00 9.18  ? 523 LEU A CB  1 
ATOM   746  C CG  . LEU A 1 95  ? 4.730   -9.229  6.910   1.00 10.79 ? 523 LEU A CG  1 
ATOM   747  C CD1 . LEU A 1 95  ? 3.280   -9.366  6.469   1.00 9.54  ? 523 LEU A CD1 1 
ATOM   748  C CD2 . LEU A 1 95  ? 4.802   -9.076  8.427   1.00 11.51 ? 523 LEU A CD2 1 
ATOM   749  N N   . PRO A 1 96  ? 7.344   -12.992 6.683   1.00 10.13 ? 524 PRO A N   1 
ATOM   750  C CA  . PRO A 1 96  ? 7.826   -14.247 6.096   1.00 9.60  ? 524 PRO A CA  1 
ATOM   751  C C   . PRO A 1 96  ? 7.012   -14.635 4.865   1.00 11.15 ? 524 PRO A C   1 
ATOM   752  O O   . PRO A 1 96  ? 7.463   -15.412 4.032   1.00 11.89 ? 524 PRO A O   1 
ATOM   753  C CB  . PRO A 1 96  ? 7.653   -15.249 7.233   1.00 11.03 ? 524 PRO A CB  1 
ATOM   754  C CG  . PRO A 1 96  ? 6.467   -14.697 7.993   1.00 9.29  ? 524 PRO A CG  1 
ATOM   755  C CD  . PRO A 1 96  ? 6.794   -13.222 8.031   1.00 9.11  ? 524 PRO A CD  1 
ATOM   756  N N   . CYS A 1 97  ? 5.808   -14.085 4.759   1.00 9.57  ? 525 CYS A N   1 
ATOM   757  C CA  . CYS A 1 97  ? 4.919   -14.386 3.642   1.00 9.29  ? 525 CYS A CA  1 
ATOM   758  C C   . CYS A 1 97  ? 3.808   -13.345 3.592   1.00 9.76  ? 525 CYS A C   1 
ATOM   759  O O   . CYS A 1 97  ? 3.653   -12.545 4.515   1.00 10.53 ? 525 CYS A O   1 
ATOM   760  C CB  . CYS A 1 97  ? 4.304   -15.780 3.834   1.00 9.36  ? 525 CYS A CB  1 
ATOM   761  S SG  . CYS A 1 97  ? 3.249   -15.933 5.314   1.00 11.52 ? 525 CYS A SG  1 
ATOM   762  N N   . LYS A 1 98  ? 3.034   -13.350 2.513   1.00 10.25 ? 526 LYS A N   1 
ATOM   763  C CA  . LYS A 1 98  ? 1.927   -12.413 2.384   1.00 10.46 ? 526 LYS A CA  1 
ATOM   764  C C   . LYS A 1 98  ? 0.790   -12.837 3.315   1.00 10.33 ? 526 LYS A C   1 
ATOM   765  O O   . LYS A 1 98  ? 0.706   -14.002 3.723   1.00 11.60 ? 526 LYS A O   1 
ATOM   766  C CB  . LYS A 1 98  ? 1.417   -12.393 0.940   1.00 11.66 ? 526 LYS A CB  1 
ATOM   767  C CG  . LYS A 1 98  ? 2.346   -11.698 -0.037  1.00 14.89 ? 526 LYS A CG  1 
ATOM   768  C CD  . LYS A 1 98  ? 1.819   -11.760 -1.470  1.00 17.14 ? 526 LYS A CD  1 
ATOM   769  C CE  . LYS A 1 98  ? 1.896   -13.171 -2.032  1.00 19.71 ? 526 LYS A CE  1 
ATOM   770  N NZ  . LYS A 1 98  ? 1.549   -13.227 -3.492  1.00 22.69 ? 526 LYS A NZ  1 
ATOM   771  N N   . LEU A 1 99  ? -0.073  -11.885 3.655   1.00 9.80  ? 527 LEU A N   1 
ATOM   772  C CA  . LEU A 1 99  ? -1.237  -12.172 4.490   1.00 10.84 ? 527 LEU A CA  1 
ATOM   773  C C   . LEU A 1 99  ? -2.215  -12.821 3.515   1.00 13.45 ? 527 LEU A C   1 
ATOM   774  O O   . LEU A 1 99  ? -2.694  -12.164 2.586   1.00 15.13 ? 527 LEU A O   1 
ATOM   775  C CB  . LEU A 1 99  ? -1.818  -10.875 5.046   1.00 11.65 ? 527 LEU A CB  1 
ATOM   776  C CG  . LEU A 1 99  ? -0.815  -10.048 5.857   1.00 10.72 ? 527 LEU A CG  1 
ATOM   777  C CD1 . LEU A 1 99  ? -1.499  -8.819  6.408   1.00 11.44 ? 527 LEU A CD1 1 
ATOM   778  C CD2 . LEU A 1 99  ? -0.241  -10.899 6.977   1.00 8.24  ? 527 LEU A CD2 1 
ATOM   779  N N   . LYS A 1 100 ? -2.509  -14.100 3.717   1.00 11.13 ? 528 LYS A N   1 
ATOM   780  C CA  . LYS A 1 100 ? -3.385  -14.824 2.794   1.00 12.55 ? 528 LYS A CA  1 
ATOM   781  C C   . LYS A 1 100 ? -4.830  -15.001 3.242   1.00 13.72 ? 528 LYS A C   1 
ATOM   782  O O   . LYS A 1 100 ? -5.745  -14.491 2.597   1.00 14.55 ? 528 LYS A O   1 
ATOM   783  C CB  . LYS A 1 100 ? -2.772  -16.193 2.478   1.00 14.89 ? 528 LYS A CB  1 
ATOM   784  C CG  . LYS A 1 100 ? -3.404  -16.893 1.280   1.00 18.96 ? 528 LYS A CG  1 
ATOM   785  C CD  . LYS A 1 100 ? -2.413  -17.852 0.641   1.00 25.70 ? 528 LYS A CD  1 
ATOM   786  C CE  . LYS A 1 100 ? -2.691  -18.003 -0.846  1.00 29.66 ? 528 LYS A CE  1 
ATOM   787  N NZ  . LYS A 1 100 ? -1.634  -18.818 -1.509  1.00 34.27 ? 528 LYS A NZ  1 
ATOM   788  N N   . HIS A 1 101 ? -5.036  -15.721 4.337   1.00 13.06 ? 529 HIS A N   1 
ATOM   789  C CA  . HIS A 1 101 ? -6.385  -15.954 4.837   1.00 13.13 ? 529 HIS A CA  1 
ATOM   790  C C   . HIS A 1 101 ? -6.513  -15.508 6.287   1.00 11.93 ? 529 HIS A C   1 
ATOM   791  O O   . HIS A 1 101 ? -5.646  -15.778 7.110   1.00 10.53 ? 529 HIS A O   1 
ATOM   792  C CB  . HIS A 1 101 ? -6.740  -17.441 4.726   1.00 15.66 ? 529 HIS A CB  1 
ATOM   793  C CG  . HIS A 1 101 ? -6.688  -17.978 3.326   1.00 17.53 ? 529 HIS A CG  1 
ATOM   794  N ND1 . HIS A 1 101 ? -7.438  -17.448 2.298   1.00 19.95 ? 529 HIS A ND1 1 
ATOM   795  C CD2 . HIS A 1 101 ? -6.003  -19.017 2.794   1.00 21.57 ? 529 HIS A CD2 1 
ATOM   796  C CE1 . HIS A 1 101 ? -7.219  -18.140 1.193   1.00 22.03 ? 529 HIS A CE1 1 
ATOM   797  N NE2 . HIS A 1 101 ? -6.351  -19.098 1.467   1.00 21.06 ? 529 HIS A NE2 1 
ATOM   798  N N   . HIS A 1 102 ? -7.601  -14.823 6.601   1.00 12.79 ? 530 HIS A N   1 
ATOM   799  C CA  . HIS A 1 102 ? -7.797  -14.364 7.966   1.00 12.55 ? 530 HIS A CA  1 
ATOM   800  C C   . HIS A 1 102 ? -8.261  -15.504 8.857   1.00 11.26 ? 530 HIS A C   1 
ATOM   801  O O   . HIS A 1 102 ? -8.970  -16.415 8.410   1.00 10.88 ? 530 HIS A O   1 
ATOM   802  C CB  . HIS A 1 102 ? -8.853  -13.250 8.019   1.00 12.70 ? 530 HIS A CB  1 
ATOM   803  C CG  . HIS A 1 102 ? -10.213 -13.687 7.575   1.00 14.78 ? 530 HIS A CG  1 
ATOM   804  N ND1 . HIS A 1 102 ? -10.601 -13.678 6.252   1.00 16.65 ? 530 HIS A ND1 1 
ATOM   805  C CD2 . HIS A 1 102 ? -11.260 -14.190 8.271   1.00 13.17 ? 530 HIS A CD2 1 
ATOM   806  C CE1 . HIS A 1 102 ? -11.831 -14.157 6.153   1.00 15.17 ? 530 HIS A CE1 1 
ATOM   807  N NE2 . HIS A 1 102 ? -12.251 -14.475 7.364   1.00 15.49 ? 530 HIS A NE2 1 
ATOM   808  N N   . CYS A 1 103 ? -7.857  -15.464 10.120  1.00 9.79  ? 531 CYS A N   1 
ATOM   809  C CA  . CYS A 1 103 ? -8.324  -16.464 11.067  1.00 10.87 ? 531 CYS A CA  1 
ATOM   810  C C   . CYS A 1 103 ? -9.781  -16.109 11.301  1.00 11.63 ? 531 CYS A C   1 
ATOM   811  O O   . CYS A 1 103 ? -10.119 -14.931 11.431  1.00 11.31 ? 531 CYS A O   1 
ATOM   812  C CB  . CYS A 1 103 ? -7.595  -16.361 12.399  1.00 12.77 ? 531 CYS A CB  1 
ATOM   813  S SG  . CYS A 1 103 ? -5.934  -16.969 12.340  1.00 17.32 ? 531 CYS A SG  1 
ATOM   814  N N   . ILE A 1 104 ? -10.644 -17.117 11.354  1.00 10.77 ? 532 ILE A N   1 
ATOM   815  C CA  . ILE A 1 104 ? -12.061 -16.864 11.577  1.00 13.07 ? 532 ILE A CA  1 
ATOM   816  C C   . ILE A 1 104 ? -12.265 -16.438 13.026  1.00 13.98 ? 532 ILE A C   1 
ATOM   817  O O   . ILE A 1 104 ? -11.756 -17.081 13.943  1.00 14.13 ? 532 ILE A O   1 
ATOM   818  C CB  . ILE A 1 104 ? -12.897 -18.120 11.279  1.00 14.33 ? 532 ILE A CB  1 
ATOM   819  C CG1 . ILE A 1 104 ? -12.750 -18.483 9.798   1.00 14.75 ? 532 ILE A CG1 1 
ATOM   820  C CG2 . ILE A 1 104 ? -14.367 -17.868 11.631  1.00 14.08 ? 532 ILE A CG2 1 
ATOM   821  C CD1 . ILE A 1 104 ? -13.311 -19.850 9.440   1.00 15.99 ? 532 ILE A CD1 1 
ATOM   822  N N   . ARG A 1 105 ? -13.010 -15.352 13.215  1.00 14.33 ? 533 ARG A N   1 
ATOM   823  C CA  . ARG A 1 105 ? -13.285 -14.806 14.541  1.00 15.52 ? 533 ARG A CA  1 
ATOM   824  C C   . ARG A 1 105 ? -14.236 -15.686 15.347  1.00 17.41 ? 533 ARG A C   1 
ATOM   825  O O   . ARG A 1 105 ? -15.194 -16.180 14.724  1.00 17.14 ? 533 ARG A O   1 
ATOM   826  C CB  . ARG A 1 105 ? -13.870 -13.399 14.403  1.00 17.61 ? 533 ARG A CB  1 
ATOM   827  C CG  . ARG A 1 105 ? -12.899 -12.401 13.799  1.00 18.84 ? 533 ARG A CG  1 
ATOM   828  C CD  . ARG A 1 105 ? -13.584 -11.119 13.353  1.00 23.15 ? 533 ARG A CD  1 
ATOM   829  N NE  . ARG A 1 105 ? -14.294 -10.452 14.439  1.00 24.54 ? 533 ARG A NE  1 
ATOM   830  C CZ  . ARG A 1 105 ? -14.702 -9.187  14.389  1.00 25.73 ? 533 ARG A CZ  1 
ATOM   831  N NH1 . ARG A 1 105 ? -14.467 -8.453  13.310  1.00 22.24 ? 533 ARG A NH1 1 
ATOM   832  N NH2 . ARG A 1 105 ? -15.350 -8.658  15.421  1.00 26.68 ? 533 ARG A NH2 1 
ATOM   833  N N   . ILE B 1 1   ? -11.311 1.189   -12.458 1.00 27.24 ? 429 ILE B N   1 
ATOM   834  C CA  . ILE B 1 1   ? -11.965 1.792   -11.260 1.00 27.50 ? 429 ILE B CA  1 
ATOM   835  C C   . ILE B 1 1   ? -11.357 3.149   -10.918 1.00 26.01 ? 429 ILE B C   1 
ATOM   836  O O   . ILE B 1 1   ? -11.828 3.834   -10.015 1.00 27.16 ? 429 ILE B O   1 
ATOM   837  C CB  . ILE B 1 1   ? -11.819 0.876   -10.021 1.00 30.15 ? 429 ILE B CB  1 
ATOM   838  C CG1 . ILE B 1 1   ? -10.338 0.695   -9.677  1.00 31.93 ? 429 ILE B CG1 1 
ATOM   839  C CG2 . ILE B 1 1   ? -12.467 -0.476  -10.293 1.00 32.98 ? 429 ILE B CG2 1 
ATOM   840  C CD1 . ILE B 1 1   ? -10.095 -0.112  -8.420  1.00 35.00 ? 429 ILE B CD1 1 
ATOM   841  N N   . HIS B 1 2   ? -10.313 3.528   -11.648 1.00 23.76 ? 430 HIS B N   1 
ATOM   842  C CA  . HIS B 1 2   ? -9.610  4.792   -11.426 1.00 20.76 ? 430 HIS B CA  1 
ATOM   843  C C   . HIS B 1 2   ? -10.035 5.877   -12.411 1.00 20.18 ? 430 HIS B C   1 
ATOM   844  O O   . HIS B 1 2   ? -9.593  7.020   -12.302 1.00 19.26 ? 430 HIS B O   1 
ATOM   845  C CB  . HIS B 1 2   ? -8.111  4.580   -11.608 1.00 19.28 ? 430 HIS B CB  1 
ATOM   846  C CG  . HIS B 1 2   ? -7.756  4.060   -12.966 1.00 18.70 ? 430 HIS B CG  1 
ATOM   847  N ND1 . HIS B 1 2   ? -7.725  2.715   -13.261 1.00 18.13 ? 430 HIS B ND1 1 
ATOM   848  C CD2 . HIS B 1 2   ? -7.515  4.706   -14.132 1.00 17.95 ? 430 HIS B CD2 1 
ATOM   849  C CE1 . HIS B 1 2   ? -7.484  2.554   -14.551 1.00 19.58 ? 430 HIS B CE1 1 
ATOM   850  N NE2 . HIS B 1 2   ? -7.354  3.747   -15.101 1.00 19.67 ? 430 HIS B NE2 1 
ATOM   851  N N   . ARG B 1 3   ? -10.880 5.513   -13.370 1.00 20.73 ? 431 ARG B N   1 
ATOM   852  C CA  . ARG B 1 3   ? -11.334 6.438   -14.407 1.00 20.73 ? 431 ARG B CA  1 
ATOM   853  C C   . ARG B 1 3   ? -11.771 7.824   -13.945 1.00 21.15 ? 431 ARG B C   1 
ATOM   854  O O   . ARG B 1 3   ? -11.443 8.825   -14.580 1.00 20.35 ? 431 ARG B O   1 
ATOM   855  C CB  . ARG B 1 3   ? -12.471 5.797   -15.210 1.00 22.83 ? 431 ARG B CB  1 
ATOM   856  C CG  . ARG B 1 3   ? -12.997 6.656   -16.355 1.00 25.77 ? 431 ARG B CG  1 
ATOM   857  C CD  . ARG B 1 3   ? -14.085 5.926   -17.144 1.00 28.71 ? 431 ARG B CD  1 
ATOM   858  N NE  . ARG B 1 3   ? -15.269 5.624   -16.338 1.00 30.42 ? 431 ARG B NE  1 
ATOM   859  C CZ  . ARG B 1 3   ? -16.185 6.518   -15.968 1.00 31.53 ? 431 ARG B CZ  1 
ATOM   860  N NH1 . ARG B 1 3   ? -16.070 7.788   -16.331 1.00 31.70 ? 431 ARG B NH1 1 
ATOM   861  N NH2 . ARG B 1 3   ? -17.223 6.147   -15.226 1.00 31.95 ? 431 ARG B NH2 1 
ATOM   862  N N   . THR B 1 4   ? -12.506 7.880   -12.840 1.00 20.02 ? 432 THR B N   1 
ATOM   863  C CA  . THR B 1 4   ? -13.027 9.141   -12.330 1.00 20.57 ? 432 THR B CA  1 
ATOM   864  C C   . THR B 1 4   ? -12.197 9.840   -11.256 1.00 20.07 ? 432 THR B C   1 
ATOM   865  O O   . THR B 1 4   ? -12.615 10.868  -10.722 1.00 19.38 ? 432 THR B O   1 
ATOM   866  C CB  . THR B 1 4   ? -14.468 8.944   -11.801 1.00 21.85 ? 432 THR B CB  1 
ATOM   867  O OG1 . THR B 1 4   ? -14.481 7.888   -10.832 1.00 23.97 ? 432 THR B OG1 1 
ATOM   868  C CG2 . THR B 1 4   ? -15.400 8.572   -12.943 1.00 22.90 ? 432 THR B CG2 1 
ATOM   869  N N   . GLN B 1 5   ? -11.028 9.294   -10.940 1.00 19.16 ? 433 GLN B N   1 
ATOM   870  C CA  . GLN B 1 5   ? -10.169 9.895   -9.931  1.00 18.94 ? 433 GLN B CA  1 
ATOM   871  C C   . GLN B 1 5   ? -9.648  11.244  -10.411 1.00 19.83 ? 433 GLN B C   1 
ATOM   872  O O   . GLN B 1 5   ? -9.379  11.429  -11.598 1.00 20.05 ? 433 GLN B O   1 
ATOM   873  C CB  . GLN B 1 5   ? -9.000  8.960   -9.611  1.00 18.70 ? 433 GLN B CB  1 
ATOM   874  C CG  . GLN B 1 5   ? -9.428  7.653   -8.955  1.00 18.11 ? 433 GLN B CG  1 
ATOM   875  C CD  . GLN B 1 5   ? -10.160 7.875   -7.642  1.00 20.56 ? 433 GLN B CD  1 
ATOM   876  O OE1 . GLN B 1 5   ? -9.637  8.511   -6.728  1.00 21.95 ? 433 GLN B OE1 1 
ATOM   877  N NE2 . GLN B 1 5   ? -11.375 7.345   -7.543  1.00 20.87 ? 433 GLN B NE2 1 
ATOM   878  N N   . HIS B 1 6   ? -9.504  12.183  -9.483  1.00 19.71 ? 434 HIS B N   1 
ATOM   879  C CA  . HIS B 1 6   ? -9.040  13.518  -9.831  1.00 21.29 ? 434 HIS B CA  1 
ATOM   880  C C   . HIS B 1 6   ? -7.575  13.611  -10.245 1.00 21.28 ? 434 HIS B C   1 
ATOM   881  O O   . HIS B 1 6   ? -7.179  14.581  -10.893 1.00 20.58 ? 434 HIS B O   1 
ATOM   882  C CB  . HIS B 1 6   ? -9.345  14.487  -8.688  1.00 23.52 ? 434 HIS B CB  1 
ATOM   883  C CG  . HIS B 1 6   ? -10.803 14.807  -8.554  1.00 25.58 ? 434 HIS B CG  1 
ATOM   884  N ND1 . HIS B 1 6   ? -11.525 15.417  -9.560  1.00 27.20 ? 434 HIS B ND1 1 
ATOM   885  C CD2 . HIS B 1 6   ? -11.677 14.585  -7.545  1.00 25.93 ? 434 HIS B CD2 1 
ATOM   886  C CE1 . HIS B 1 6   ? -12.780 15.558  -9.174  1.00 26.63 ? 434 HIS B CE1 1 
ATOM   887  N NE2 . HIS B 1 6   ? -12.899 15.062  -7.955  1.00 27.58 ? 434 HIS B NE2 1 
ATOM   888  N N   . TRP B 1 7   ? -6.771  12.616  -9.882  1.00 18.88 ? 435 TRP B N   1 
ATOM   889  C CA  . TRP B 1 7   ? -5.367  12.627  -10.284 1.00 18.25 ? 435 TRP B CA  1 
ATOM   890  C C   . TRP B 1 7   ? -5.168  11.889  -11.609 1.00 16.77 ? 435 TRP B C   1 
ATOM   891  O O   . TRP B 1 7   ? -4.051  11.818  -12.119 1.00 15.46 ? 435 TRP B O   1 
ATOM   892  C CB  . TRP B 1 7   ? -4.465  11.998  -9.209  1.00 17.51 ? 435 TRP B CB  1 
ATOM   893  C CG  . TRP B 1 7   ? -5.057  10.813  -8.471  1.00 16.44 ? 435 TRP B CG  1 
ATOM   894  C CD1 . TRP B 1 7   ? -5.565  10.816  -7.205  1.00 17.45 ? 435 TRP B CD1 1 
ATOM   895  C CD2 . TRP B 1 7   ? -5.186  9.463   -8.951  1.00 15.26 ? 435 TRP B CD2 1 
ATOM   896  N NE1 . TRP B 1 7   ? -5.997  9.554   -6.859  1.00 16.89 ? 435 TRP B NE1 1 
ATOM   897  C CE2 . TRP B 1 7   ? -5.776  8.708   -7.911  1.00 15.47 ? 435 TRP B CE2 1 
ATOM   898  C CE3 . TRP B 1 7   ? -4.856  8.826   -10.152 1.00 14.21 ? 435 TRP B CE3 1 
ATOM   899  C CZ2 . TRP B 1 7   ? -6.049  7.339   -8.040  1.00 13.78 ? 435 TRP B CZ2 1 
ATOM   900  C CZ3 . TRP B 1 7   ? -5.130  7.462   -10.281 1.00 17.26 ? 435 TRP B CZ3 1 
ATOM   901  C CH2 . TRP B 1 7   ? -5.718  6.735   -9.227  1.00 17.60 ? 435 TRP B CH2 1 
ATOM   902  N N   . PHE B 1 8   ? -6.248  11.345  -12.169 1.00 14.53 ? 436 PHE B N   1 
ATOM   903  C CA  . PHE B 1 8   ? -6.146  10.607  -13.427 1.00 15.59 ? 436 PHE B CA  1 
ATOM   904  C C   . PHE B 1 8   ? -6.554  11.443  -14.633 1.00 16.56 ? 436 PHE B C   1 
ATOM   905  O O   . PHE B 1 8   ? -7.720  11.836  -14.766 1.00 16.35 ? 436 PHE B O   1 
ATOM   906  C CB  . PHE B 1 8   ? -7.005  9.344   -13.389 1.00 15.89 ? 436 PHE B CB  1 
ATOM   907  C CG  . PHE B 1 8   ? -6.704  8.389   -14.504 1.00 16.90 ? 436 PHE B CG  1 
ATOM   908  C CD1 . PHE B 1 8   ? -5.484  7.717   -14.545 1.00 15.77 ? 436 PHE B CD1 1 
ATOM   909  C CD2 . PHE B 1 8   ? -7.615  8.189   -15.538 1.00 16.53 ? 436 PHE B CD2 1 
ATOM   910  C CE1 . PHE B 1 8   ? -5.174  6.862   -15.598 1.00 17.11 ? 436 PHE B CE1 1 
ATOM   911  C CE2 . PHE B 1 8   ? -7.313  7.335   -16.597 1.00 17.52 ? 436 PHE B CE2 1 
ATOM   912  C CZ  . PHE B 1 8   ? -6.093  6.673   -16.628 1.00 16.58 ? 436 PHE B CZ  1 
ATOM   913  N N   . HIS B 1 9   ? -5.588  11.699  -15.513 1.00 15.23 ? 437 HIS B N   1 
ATOM   914  C CA  . HIS B 1 9   ? -5.818  12.516  -16.699 1.00 17.14 ? 437 HIS B CA  1 
ATOM   915  C C   . HIS B 1 9   ? -6.093  11.768  -18.002 1.00 17.30 ? 437 HIS B C   1 
ATOM   916  O O   . HIS B 1 9   ? -6.075  12.364  -19.077 1.00 18.15 ? 437 HIS B O   1 
ATOM   917  C CB  . HIS B 1 9   ? -4.644  13.479  -16.884 1.00 14.66 ? 437 HIS B CB  1 
ATOM   918  C CG  . HIS B 1 9   ? -4.561  14.531  -15.823 1.00 15.36 ? 437 HIS B CG  1 
ATOM   919  N ND1 . HIS B 1 9   ? -4.472  15.875  -16.113 1.00 14.05 ? 437 HIS B ND1 1 
ATOM   920  C CD2 . HIS B 1 9   ? -4.578  14.438  -14.472 1.00 15.33 ? 437 HIS B CD2 1 
ATOM   921  C CE1 . HIS B 1 9   ? -4.437  16.565  -14.986 1.00 15.37 ? 437 HIS B CE1 1 
ATOM   922  N NE2 . HIS B 1 9   ? -4.500  15.717  -13.976 1.00 17.74 ? 437 HIS B NE2 1 
ATOM   923  N N   . GLY B 1 10  ? -6.345  10.469  -17.907 1.00 19.68 ? 438 GLY B N   1 
ATOM   924  C CA  . GLY B 1 10  ? -6.660  9.687   -19.091 1.00 20.60 ? 438 GLY B CA  1 
ATOM   925  C C   . GLY B 1 10  ? -5.638  9.628   -20.208 1.00 22.89 ? 438 GLY B C   1 
ATOM   926  O O   . GLY B 1 10  ? -4.436  9.551   -19.967 1.00 20.95 ? 438 GLY B O   1 
ATOM   927  N N   . ARG B 1 11  ? -6.124  9.675   -21.445 1.00 24.74 ? 439 ARG B N   1 
ATOM   928  C CA  . ARG B 1 11  ? -5.246  9.583   -22.602 1.00 27.65 ? 439 ARG B CA  1 
ATOM   929  C C   . ARG B 1 11  ? -4.626  10.873  -23.114 1.00 27.63 ? 439 ARG B C   1 
ATOM   930  O O   . ARG B 1 11  ? -4.878  11.283  -24.246 1.00 30.18 ? 439 ARG B O   1 
ATOM   931  C CB  . ARG B 1 11  ? -5.967  8.875   -23.755 1.00 30.32 ? 439 ARG B CB  1 
ATOM   932  C CG  . ARG B 1 11  ? -6.166  7.386   -23.511 1.00 34.19 ? 439 ARG B CG  1 
ATOM   933  C CD  . ARG B 1 11  ? -6.435  6.625   -24.799 1.00 38.17 ? 439 ARG B CD  1 
ATOM   934  N NE  . ARG B 1 11  ? -6.361  5.180   -24.590 1.00 41.47 ? 439 ARG B NE  1 
ATOM   935  C CZ  . ARG B 1 11  ? -6.458  4.273   -25.557 1.00 42.93 ? 439 ARG B CZ  1 
ATOM   936  N NH1 . ARG B 1 11  ? -6.635  4.655   -26.815 1.00 42.98 ? 439 ARG B NH1 1 
ATOM   937  N NH2 . ARG B 1 11  ? -6.369  2.982   -25.267 1.00 42.79 ? 439 ARG B NH2 1 
ATOM   938  N N   . ILE B 1 12  ? -3.815  11.513  -22.278 1.00 26.06 ? 440 ILE B N   1 
ATOM   939  C CA  . ILE B 1 12  ? -3.123  12.725  -22.686 1.00 24.22 ? 440 ILE B CA  1 
ATOM   940  C C   . ILE B 1 12  ? -1.686  12.297  -22.977 1.00 24.59 ? 440 ILE B C   1 
ATOM   941  O O   . ILE B 1 12  ? -1.172  11.370  -22.350 1.00 24.74 ? 440 ILE B O   1 
ATOM   942  C CB  . ILE B 1 12  ? -3.131  13.812  -21.582 1.00 22.74 ? 440 ILE B CB  1 
ATOM   943  C CG1 . ILE B 1 12  ? -2.541  13.264  -20.282 1.00 20.63 ? 440 ILE B CG1 1 
ATOM   944  C CG2 . ILE B 1 12  ? -4.549  14.322  -21.364 1.00 23.33 ? 440 ILE B CG2 1 
ATOM   945  C CD1 . ILE B 1 12  ? -2.333  14.330  -19.215 1.00 21.23 ? 440 ILE B CD1 1 
ATOM   946  N N   . SER B 1 13  ? -1.045  12.964  -23.928 1.00 24.75 ? 441 SER B N   1 
ATOM   947  C CA  . SER B 1 13  ? 0.326   12.639  -24.310 1.00 25.41 ? 441 SER B CA  1 
ATOM   948  C C   . SER B 1 13  ? 1.334   13.021  -23.239 1.00 25.68 ? 441 SER B C   1 
ATOM   949  O O   . SER B 1 13  ? 1.015   13.744  -22.294 1.00 25.74 ? 441 SER B O   1 
ATOM   950  C CB  . SER B 1 13  ? 0.695   13.373  -25.598 1.00 25.32 ? 441 SER B CB  1 
ATOM   951  O OG  . SER B 1 13  ? 0.741   14.771  -25.366 1.00 23.48 ? 441 SER B OG  1 
ATOM   952  N N   . ARG B 1 14  ? 2.558   12.530  -23.397 1.00 26.81 ? 442 ARG B N   1 
ATOM   953  C CA  . ARG B 1 14  ? 3.626   12.847  -22.461 1.00 28.31 ? 442 ARG B CA  1 
ATOM   954  C C   . ARG B 1 14  ? 3.855   14.354  -22.507 1.00 27.92 ? 442 ARG B C   1 
ATOM   955  O O   . ARG B 1 14  ? 4.005   15.003  -21.472 1.00 26.36 ? 442 ARG B O   1 
ATOM   956  C CB  . ARG B 1 14  ? 4.913   12.116  -22.856 1.00 30.45 ? 442 ARG B CB  1 
ATOM   957  C CG  . ARG B 1 14  ? 6.121   12.515  -22.027 1.00 33.56 ? 442 ARG B CG  1 
ATOM   958  C CD  . ARG B 1 14  ? 7.373   11.774  -22.463 1.00 37.29 ? 442 ARG B CD  1 
ATOM   959  N NE  . ARG B 1 14  ? 8.534   12.160  -21.665 1.00 41.44 ? 442 ARG B NE  1 
ATOM   960  C CZ  . ARG B 1 14  ? 9.752   11.650  -21.815 1.00 43.55 ? 442 ARG B CZ  1 
ATOM   961  N NH1 . ARG B 1 14  ? 9.978   10.722  -22.739 1.00 45.72 ? 442 ARG B NH1 1 
ATOM   962  N NH2 . ARG B 1 14  ? 10.748  12.068  -21.045 1.00 44.19 ? 442 ARG B NH2 1 
ATOM   963  N N   . GLU B 1 15  ? 3.874   14.902  -23.720 1.00 28.16 ? 443 GLU B N   1 
ATOM   964  C CA  . GLU B 1 15  ? 4.084   16.331  -23.915 1.00 29.09 ? 443 GLU B CA  1 
ATOM   965  C C   . GLU B 1 15  ? 3.055   17.152  -23.151 1.00 27.86 ? 443 GLU B C   1 
ATOM   966  O O   . GLU B 1 15  ? 3.405   18.113  -22.465 1.00 25.60 ? 443 GLU B O   1 
ATOM   967  C CB  . GLU B 1 15  ? 4.014   16.688  -25.405 1.00 31.72 ? 443 GLU B CB  1 
ATOM   968  C CG  . GLU B 1 15  ? 5.168   16.148  -26.233 1.00 34.69 ? 443 GLU B CG  1 
ATOM   969  C CD  . GLU B 1 15  ? 5.266   14.641  -26.182 1.00 37.40 ? 443 GLU B CD  1 
ATOM   970  O OE1 . GLU B 1 15  ? 4.277   13.961  -26.538 1.00 38.80 ? 443 GLU B OE1 1 
ATOM   971  O OE2 . GLU B 1 15  ? 6.337   14.135  -25.783 1.00 40.25 ? 443 GLU B OE2 1 
ATOM   972  N N   . GLU B 1 16  ? 1.785   16.770  -23.271 1.00 27.91 ? 444 GLU B N   1 
ATOM   973  C CA  . GLU B 1 16  ? 0.719   17.480  -22.581 1.00 28.04 ? 444 GLU B CA  1 
ATOM   974  C C   . GLU B 1 16  ? 0.898   17.401  -21.069 1.00 27.35 ? 444 GLU B C   1 
ATOM   975  O O   . GLU B 1 16  ? 0.717   18.393  -20.364 1.00 26.85 ? 444 GLU B O   1 
ATOM   976  C CB  . GLU B 1 16  ? -0.650  16.913  -22.966 1.00 29.93 ? 444 GLU B CB  1 
ATOM   977  C CG  . GLU B 1 16  ? -1.798  17.486  -22.141 1.00 33.14 ? 444 GLU B CG  1 
ATOM   978  C CD  . GLU B 1 16  ? -1.999  18.980  -22.349 1.00 34.54 ? 444 GLU B CD  1 
ATOM   979  O OE1 . GLU B 1 16  ? -1.041  19.673  -22.757 1.00 36.50 ? 444 GLU B OE1 1 
ATOM   980  O OE2 . GLU B 1 16  ? -3.118  19.468  -22.087 1.00 35.37 ? 444 GLU B OE2 1 
ATOM   981  N N   . SER B 1 17  ? 1.249   16.218  -20.574 1.00 27.11 ? 445 SER B N   1 
ATOM   982  C CA  . SER B 1 17  ? 1.458   16.028  -19.143 1.00 25.47 ? 445 SER B CA  1 
ATOM   983  C C   . SER B 1 17  ? 2.543   16.969  -18.637 1.00 24.83 ? 445 SER B C   1 
ATOM   984  O O   . SER B 1 17  ? 2.383   17.611  -17.598 1.00 22.15 ? 445 SER B O   1 
ATOM   985  C CB  . SER B 1 17  ? 1.855   14.582  -18.853 1.00 26.65 ? 445 SER B CB  1 
ATOM   986  O OG  . SER B 1 17  ? 0.842   13.697  -19.287 1.00 30.17 ? 445 SER B OG  1 
ATOM   987  N N   . HIS B 1 18  ? 3.648   17.046  -19.374 1.00 23.91 ? 446 HIS B N   1 
ATOM   988  C CA  . HIS B 1 18  ? 4.750   17.924  -18.999 1.00 24.72 ? 446 HIS B CA  1 
ATOM   989  C C   . HIS B 1 18  ? 4.292   19.378  -19.017 1.00 24.21 ? 446 HIS B C   1 
ATOM   990  O O   . HIS B 1 18  ? 4.663   20.164  -18.147 1.00 21.61 ? 446 HIS B O   1 
ATOM   991  C CB  . HIS B 1 18  ? 5.933   17.735  -19.955 1.00 25.91 ? 446 HIS B CB  1 
ATOM   992  C CG  . HIS B 1 18  ? 6.708   16.478  -19.715 1.00 27.40 ? 446 HIS B CG  1 
ATOM   993  N ND1 . HIS B 1 18  ? 6.104   15.250  -19.548 1.00 28.63 ? 446 HIS B ND1 1 
ATOM   994  C CD2 . HIS B 1 18  ? 8.041   16.257  -19.617 1.00 28.90 ? 446 HIS B CD2 1 
ATOM   995  C CE1 . HIS B 1 18  ? 7.032   14.327  -19.358 1.00 28.51 ? 446 HIS B CE1 1 
ATOM   996  N NE2 . HIS B 1 18  ? 8.215   14.912  -19.397 1.00 30.39 ? 446 HIS B NE2 1 
ATOM   997  N N   . ARG B 1 19  ? 3.481   19.735  -20.009 1.00 23.81 ? 447 ARG B N   1 
ATOM   998  C CA  . ARG B 1 19  ? 2.976   21.100  -20.108 1.00 25.98 ? 447 ARG B CA  1 
ATOM   999  C C   . ARG B 1 19  ? 2.106   21.407  -18.895 1.00 25.11 ? 447 ARG B C   1 
ATOM   1000 O O   . ARG B 1 19  ? 2.190   22.487  -18.316 1.00 25.41 ? 447 ARG B O   1 
ATOM   1001 C CB  . ARG B 1 19  ? 2.153   21.279  -21.388 1.00 28.72 ? 447 ARG B CB  1 
ATOM   1002 C CG  . ARG B 1 19  ? 1.591   22.685  -21.565 1.00 33.25 ? 447 ARG B CG  1 
ATOM   1003 C CD  . ARG B 1 19  ? 0.703   22.788  -22.801 1.00 37.58 ? 447 ARG B CD  1 
ATOM   1004 N NE  . ARG B 1 19  ? 0.164   24.136  -22.973 1.00 41.80 ? 447 ARG B NE  1 
ATOM   1005 C CZ  . ARG B 1 19  ? -0.618  24.514  -23.981 1.00 43.26 ? 447 ARG B CZ  1 
ATOM   1006 N NH1 . ARG B 1 19  ? -0.964  23.645  -24.924 1.00 44.19 ? 447 ARG B NH1 1 
ATOM   1007 N NH2 . ARG B 1 19  ? -1.054  25.765  -24.050 1.00 44.43 ? 447 ARG B NH2 1 
ATOM   1008 N N   . ILE B 1 20  ? 1.270   20.446  -18.512 1.00 24.39 ? 448 ILE B N   1 
ATOM   1009 C CA  . ILE B 1 20  ? 0.386   20.620  -17.365 1.00 23.42 ? 448 ILE B CA  1 
ATOM   1010 C C   . ILE B 1 20  ? 1.156   20.817  -16.065 1.00 23.72 ? 448 ILE B C   1 
ATOM   1011 O O   . ILE B 1 20  ? 0.844   21.714  -15.282 1.00 22.97 ? 448 ILE B O   1 
ATOM   1012 C CB  . ILE B 1 20  ? -0.555  19.406  -17.192 1.00 23.63 ? 448 ILE B CB  1 
ATOM   1013 C CG1 . ILE B 1 20  ? -1.601  19.397  -18.305 1.00 22.54 ? 448 ILE B CG1 1 
ATOM   1014 C CG2 . ILE B 1 20  ? -1.223  19.453  -15.822 1.00 24.27 ? 448 ILE B CG2 1 
ATOM   1015 C CD1 . ILE B 1 20  ? -2.554  18.217  -18.245 1.00 25.41 ? 448 ILE B CD1 1 
ATOM   1016 N N   . ILE B 1 21  ? 2.158   19.977  -15.833 1.00 24.47 ? 449 ILE B N   1 
ATOM   1017 C CA  . ILE B 1 21  ? 2.949   20.075  -14.613 1.00 26.44 ? 449 ILE B CA  1 
ATOM   1018 C C   . ILE B 1 21  ? 3.705   21.398  -14.558 1.00 27.26 ? 449 ILE B C   1 
ATOM   1019 O O   . ILE B 1 21  ? 3.771   22.038  -13.510 1.00 26.45 ? 449 ILE B O   1 
ATOM   1020 C CB  . ILE B 1 21  ? 3.939   18.895  -14.497 1.00 28.33 ? 449 ILE B CB  1 
ATOM   1021 C CG1 . ILE B 1 21  ? 3.149   17.590  -14.367 1.00 29.34 ? 449 ILE B CG1 1 
ATOM   1022 C CG2 . ILE B 1 21  ? 4.857   19.090  -13.294 1.00 28.11 ? 449 ILE B CG2 1 
ATOM   1023 C CD1 . ILE B 1 21  ? 3.999   16.369  -14.155 1.00 31.02 ? 449 ILE B CD1 1 
ATOM   1024 N N   . LYS B 1 22  ? 4.271   21.804  -15.689 1.00 28.73 ? 450 LYS B N   1 
ATOM   1025 C CA  . LYS B 1 22  ? 5.005   23.063  -15.751 1.00 31.79 ? 450 LYS B CA  1 
ATOM   1026 C C   . LYS B 1 22  ? 4.063   24.229  -15.470 1.00 31.91 ? 450 LYS B C   1 
ATOM   1027 O O   . LYS B 1 22  ? 4.380   25.127  -14.690 1.00 32.61 ? 450 LYS B O   1 
ATOM   1028 C CB  . LYS B 1 22  ? 5.640   23.254  -17.133 1.00 32.40 ? 450 LYS B CB  1 
ATOM   1029 C CG  . LYS B 1 22  ? 6.775   22.293  -17.455 1.00 35.27 ? 450 LYS B CG  1 
ATOM   1030 C CD  . LYS B 1 22  ? 7.359   22.588  -18.833 1.00 36.71 ? 450 LYS B CD  1 
ATOM   1031 C CE  . LYS B 1 22  ? 8.583   21.734  -19.122 1.00 38.78 ? 450 LYS B CE  1 
ATOM   1032 N NZ  . LYS B 1 22  ? 8.273   20.280  -19.129 1.00 39.50 ? 450 LYS B NZ  1 
ATOM   1033 N N   . GLN B 1 23  ? 2.900   24.204  -16.106 1.00 32.72 ? 451 GLN B N   1 
ATOM   1034 C CA  . GLN B 1 23  ? 1.919   25.266  -15.948 1.00 33.41 ? 451 GLN B CA  1 
ATOM   1035 C C   . GLN B 1 23  ? 1.286   25.350  -14.564 1.00 32.83 ? 451 GLN B C   1 
ATOM   1036 O O   . GLN B 1 23  ? 0.812   26.411  -14.166 1.00 33.01 ? 451 GLN B O   1 
ATOM   1037 C CB  . GLN B 1 23  ? 0.821   25.124  -17.006 1.00 35.24 ? 451 GLN B CB  1 
ATOM   1038 C CG  . GLN B 1 23  ? 1.323   25.277  -18.438 1.00 38.55 ? 451 GLN B CG  1 
ATOM   1039 C CD  . GLN B 1 23  ? 0.204   25.223  -19.461 1.00 40.70 ? 451 GLN B CD  1 
ATOM   1040 O OE1 . GLN B 1 23  ? -0.491  24.212  -19.591 1.00 41.27 ? 451 GLN B OE1 1 
ATOM   1041 N NE2 . GLN B 1 23  ? 0.022   26.317  -20.197 1.00 40.86 ? 451 GLN B NE2 1 
ATOM   1042 N N   . GLN B 1 24  ? 1.273   24.244  -13.827 1.00 32.67 ? 452 GLN B N   1 
ATOM   1043 C CA  . GLN B 1 24  ? 0.670   24.263  -12.500 1.00 31.67 ? 452 GLN B CA  1 
ATOM   1044 C C   . GLN B 1 24  ? 1.649   24.423  -11.338 1.00 31.92 ? 452 GLN B C   1 
ATOM   1045 O O   . GLN B 1 24  ? 1.334   24.083  -10.199 1.00 31.95 ? 452 GLN B O   1 
ATOM   1046 C CB  . GLN B 1 24  ? -0.222  23.024  -12.308 1.00 31.03 ? 452 GLN B CB  1 
ATOM   1047 C CG  . GLN B 1 24  ? -1.537  23.147  -13.077 1.00 28.83 ? 452 GLN B CG  1 
ATOM   1048 C CD  . GLN B 1 24  ? -2.500  21.996  -12.855 1.00 28.50 ? 452 GLN B CD  1 
ATOM   1049 O OE1 . GLN B 1 24  ? -2.744  21.580  -11.724 1.00 27.16 ? 452 GLN B OE1 1 
ATOM   1050 N NE2 . GLN B 1 24  ? -3.074  21.490  -13.941 1.00 27.98 ? 452 GLN B NE2 1 
ATOM   1051 N N   . GLY B 1 25  ? 2.837   24.949  -11.625 1.00 32.23 ? 453 GLY B N   1 
ATOM   1052 C CA  . GLY B 1 25  ? 3.801   25.175  -10.562 1.00 32.02 ? 453 GLY B CA  1 
ATOM   1053 C C   . GLY B 1 25  ? 5.132   24.460  -10.638 1.00 31.78 ? 453 GLY B C   1 
ATOM   1054 O O   . GLY B 1 25  ? 6.130   24.957  -10.115 1.00 31.42 ? 453 GLY B O   1 
ATOM   1055 N N   . LEU B 1 26  ? 5.160   23.298  -11.280 1.00 31.21 ? 454 LEU B N   1 
ATOM   1056 C CA  . LEU B 1 26  ? 6.396   22.531  -11.391 1.00 30.73 ? 454 LEU B CA  1 
ATOM   1057 C C   . LEU B 1 26  ? 7.010   22.351  -10.002 1.00 29.86 ? 454 LEU B C   1 
ATOM   1058 O O   . LEU B 1 26  ? 8.231   22.365  -9.841  1.00 29.10 ? 454 LEU B O   1 
ATOM   1059 C CB  . LEU B 1 26  ? 7.389   23.256  -12.305 1.00 31.77 ? 454 LEU B CB  1 
ATOM   1060 C CG  . LEU B 1 26  ? 8.614   22.461  -12.761 1.00 32.25 ? 454 LEU B CG  1 
ATOM   1061 C CD1 . LEU B 1 26  ? 8.177   21.354  -13.705 1.00 32.34 ? 454 LEU B CD1 1 
ATOM   1062 C CD2 . LEU B 1 26  ? 9.602   23.386  -13.460 1.00 33.81 ? 454 LEU B CD2 1 
ATOM   1063 N N   . VAL B 1 27  ? 6.152   22.184  -9.000  1.00 28.64 ? 455 VAL B N   1 
ATOM   1064 C CA  . VAL B 1 27  ? 6.598   22.005  -7.621  1.00 28.51 ? 455 VAL B CA  1 
ATOM   1065 C C   . VAL B 1 27  ? 6.880   20.541  -7.286  1.00 27.68 ? 455 VAL B C   1 
ATOM   1066 O O   . VAL B 1 27  ? 6.336   19.630  -7.918  1.00 26.75 ? 455 VAL B O   1 
ATOM   1067 C CB  . VAL B 1 27  ? 5.544   22.540  -6.627  1.00 29.06 ? 455 VAL B CB  1 
ATOM   1068 C CG1 . VAL B 1 27  ? 5.356   24.039  -6.821  1.00 29.80 ? 455 VAL B CG1 1 
ATOM   1069 C CG2 . VAL B 1 27  ? 4.228   21.816  -6.825  1.00 29.95 ? 455 VAL B CG2 1 
ATOM   1070 N N   . ASP B 1 28  ? 7.735   20.325  -6.289  1.00 26.94 ? 456 ASP B N   1 
ATOM   1071 C CA  . ASP B 1 28  ? 8.096   18.979  -5.847  1.00 26.21 ? 456 ASP B CA  1 
ATOM   1072 C C   . ASP B 1 28  ? 6.865   18.188  -5.394  1.00 25.16 ? 456 ASP B C   1 
ATOM   1073 O O   . ASP B 1 28  ? 6.039   18.688  -4.631  1.00 23.56 ? 456 ASP B O   1 
ATOM   1074 C CB  . ASP B 1 28  ? 9.101   19.051  -4.688  1.00 26.11 ? 456 ASP B CB  1 
ATOM   1075 C CG  . ASP B 1 28  ? 10.489  19.488  -5.131  1.00 26.94 ? 456 ASP B CG  1 
ATOM   1076 O OD1 . ASP B 1 28  ? 11.368  19.630  -4.256  1.00 28.95 ? 456 ASP B OD1 1 
ATOM   1077 O OD2 . ASP B 1 28  ? 10.710  19.682  -6.344  1.00 25.95 ? 456 ASP B OD2 1 
ATOM   1078 N N   . GLY B 1 29  ? 6.746   16.951  -5.868  1.00 24.90 ? 457 GLY B N   1 
ATOM   1079 C CA  . GLY B 1 29  ? 5.617   16.123  -5.479  1.00 22.76 ? 457 GLY B CA  1 
ATOM   1080 C C   . GLY B 1 29  ? 4.363   16.319  -6.311  1.00 21.56 ? 457 GLY B C   1 
ATOM   1081 O O   . GLY B 1 29  ? 3.338   15.680  -6.059  1.00 18.63 ? 457 GLY B O   1 
ATOM   1082 N N   . LEU B 1 30  ? 4.430   17.209  -7.296  1.00 19.57 ? 458 LEU B N   1 
ATOM   1083 C CA  . LEU B 1 30  ? 3.284   17.457  -8.168  1.00 19.04 ? 458 LEU B CA  1 
ATOM   1084 C C   . LEU B 1 30  ? 3.203   16.252  -9.089  1.00 17.32 ? 458 LEU B C   1 
ATOM   1085 O O   . LEU B 1 30  ? 4.219   15.831  -9.640  1.00 19.02 ? 458 LEU B O   1 
ATOM   1086 C CB  . LEU B 1 30  ? 3.508   18.731  -8.987  1.00 19.63 ? 458 LEU B CB  1 
ATOM   1087 C CG  . LEU B 1 30  ? 2.365   19.185  -9.897  1.00 21.03 ? 458 LEU B CG  1 
ATOM   1088 C CD1 . LEU B 1 30  ? 1.126   19.475  -9.059  1.00 20.98 ? 458 LEU B CD1 1 
ATOM   1089 C CD2 . LEU B 1 30  ? 2.790   20.434  -10.674 1.00 21.54 ? 458 LEU B CD2 1 
ATOM   1090 N N   . PHE B 1 31  ? 2.010   15.696  -9.267  1.00 16.51 ? 459 PHE B N   1 
ATOM   1091 C CA  . PHE B 1 31  ? 1.875   14.508  -10.105 1.00 15.84 ? 459 PHE B CA  1 
ATOM   1092 C C   . PHE B 1 31  ? 0.506   14.318  -10.739 1.00 15.05 ? 459 PHE B C   1 
ATOM   1093 O O   . PHE B 1 31  ? -0.466  14.993  -10.403 1.00 15.87 ? 459 PHE B O   1 
ATOM   1094 C CB  . PHE B 1 31  ? 2.157   13.249  -9.271  1.00 16.26 ? 459 PHE B CB  1 
ATOM   1095 C CG  . PHE B 1 31  ? 1.021   12.872  -8.352  1.00 15.32 ? 459 PHE B CG  1 
ATOM   1096 C CD1 . PHE B 1 31  ? 0.777   13.599  -7.187  1.00 16.62 ? 459 PHE B CD1 1 
ATOM   1097 C CD2 . PHE B 1 31  ? 0.150   11.838  -8.690  1.00 14.04 ? 459 PHE B CD2 1 
ATOM   1098 C CE1 . PHE B 1 31  ? -0.320  13.307  -6.377  1.00 16.23 ? 459 PHE B CE1 1 
ATOM   1099 C CE2 . PHE B 1 31  ? -0.952  11.539  -7.886  1.00 15.39 ? 459 PHE B CE2 1 
ATOM   1100 C CZ  . PHE B 1 31  ? -1.186  12.276  -6.728  1.00 15.48 ? 459 PHE B CZ  1 
ATOM   1101 N N   . LEU B 1 32  ? 0.460   13.366  -11.661 1.00 14.13 ? 460 LEU B N   1 
ATOM   1102 C CA  . LEU B 1 32  ? -0.760  12.971  -12.341 1.00 13.42 ? 460 LEU B CA  1 
ATOM   1103 C C   . LEU B 1 32  ? -0.496  11.576  -12.880 1.00 12.80 ? 460 LEU B C   1 
ATOM   1104 O O   . LEU B 1 32  ? 0.654   11.159  -13.003 1.00 12.79 ? 460 LEU B O   1 
ATOM   1105 C CB  . LEU B 1 32  ? -1.102  13.936  -13.492 1.00 13.92 ? 460 LEU B CB  1 
ATOM   1106 C CG  . LEU B 1 32  ? -0.159  14.111  -14.690 1.00 16.69 ? 460 LEU B CG  1 
ATOM   1107 C CD1 . LEU B 1 32  ? -0.226  12.900  -15.612 1.00 15.16 ? 460 LEU B CD1 1 
ATOM   1108 C CD2 . LEU B 1 32  ? -0.572  15.363  -15.460 1.00 15.66 ? 460 LEU B CD2 1 
ATOM   1109 N N   . LEU B 1 33  ? -1.556  10.842  -13.175 1.00 12.04 ? 461 LEU B N   1 
ATOM   1110 C CA  . LEU B 1 33  ? -1.401  9.520   -13.761 1.00 12.71 ? 461 LEU B CA  1 
ATOM   1111 C C   . LEU B 1 33  ? -2.138  9.596   -15.081 1.00 13.25 ? 461 LEU B C   1 
ATOM   1112 O O   . LEU B 1 33  ? -3.074  10.387  -15.223 1.00 13.22 ? 461 LEU B O   1 
ATOM   1113 C CB  . LEU B 1 33  ? -1.997  8.422   -12.871 1.00 13.48 ? 461 LEU B CB  1 
ATOM   1114 C CG  . LEU B 1 33  ? -1.016  7.919   -11.805 1.00 15.25 ? 461 LEU B CG  1 
ATOM   1115 C CD1 . LEU B 1 33  ? -0.977  8.894   -10.639 1.00 15.88 ? 461 LEU B CD1 1 
ATOM   1116 C CD2 . LEU B 1 33  ? -1.440  6.533   -11.330 1.00 16.05 ? 461 LEU B CD2 1 
ATOM   1117 N N   . ARG B 1 34  ? -1.715  8.787   -16.045 1.00 13.43 ? 462 ARG B N   1 
ATOM   1118 C CA  . ARG B 1 34  ? -2.341  8.793   -17.359 1.00 14.27 ? 462 ARG B CA  1 
ATOM   1119 C C   . ARG B 1 34  ? -2.207  7.450   -18.054 1.00 14.66 ? 462 ARG B C   1 
ATOM   1120 O O   . ARG B 1 34  ? -1.445  6.584   -17.624 1.00 13.96 ? 462 ARG B O   1 
ATOM   1121 C CB  . ARG B 1 34  ? -1.697  9.880   -18.221 1.00 15.59 ? 462 ARG B CB  1 
ATOM   1122 C CG  . ARG B 1 34  ? -0.190  9.711   -18.391 1.00 16.59 ? 462 ARG B CG  1 
ATOM   1123 C CD  . ARG B 1 34  ? 0.418   10.897  -19.134 1.00 20.93 ? 462 ARG B CD  1 
ATOM   1124 N NE  . ARG B 1 34  ? 1.874   10.816  -19.232 1.00 23.22 ? 462 ARG B NE  1 
ATOM   1125 C CZ  . ARG B 1 34  ? 2.533   10.065  -20.109 1.00 23.30 ? 462 ARG B CZ  1 
ATOM   1126 N NH1 . ARG B 1 34  ? 1.873   9.317   -20.984 1.00 24.81 ? 462 ARG B NH1 1 
ATOM   1127 N NH2 . ARG B 1 34  ? 3.860   10.065  -20.115 1.00 25.74 ? 462 ARG B NH2 1 
ATOM   1128 N N   . ASP B 1 35  ? -2.960  7.277   -19.136 1.00 14.11 ? 463 ASP B N   1 
ATOM   1129 C CA  . ASP B 1 35  ? -2.896  6.053   -19.914 1.00 15.93 ? 463 ASP B CA  1 
ATOM   1130 C C   . ASP B 1 35  ? -1.583  6.037   -20.690 1.00 16.96 ? 463 ASP B C   1 
ATOM   1131 O O   . ASP B 1 35  ? -1.113  7.078   -21.142 1.00 17.14 ? 463 ASP B O   1 
ATOM   1132 C CB  . ASP B 1 35  ? -4.063  5.993   -20.900 1.00 17.29 ? 463 ASP B CB  1 
ATOM   1133 C CG  . ASP B 1 35  ? -5.385  5.782   -20.212 1.00 18.66 ? 463 ASP B CG  1 
ATOM   1134 O OD1 . ASP B 1 35  ? -5.554  4.712   -19.599 1.00 18.17 ? 463 ASP B OD1 1 
ATOM   1135 O OD2 . ASP B 1 35  ? -6.245  6.684   -20.277 1.00 20.24 ? 463 ASP B OD2 1 
ATOM   1136 N N   . SER B 1 36  ? -0.994  4.855   -20.838 1.00 17.66 ? 464 SER B N   1 
ATOM   1137 C CA  . SER B 1 36  ? 0.252   4.720   -21.582 1.00 19.36 ? 464 SER B CA  1 
ATOM   1138 C C   . SER B 1 36  ? -0.018  4.993   -23.057 1.00 21.41 ? 464 SER B C   1 
ATOM   1139 O O   . SER B 1 36  ? -1.068  4.621   -23.574 1.00 20.61 ? 464 SER B O   1 
ATOM   1140 C CB  . SER B 1 36  ? 0.813   3.308   -21.433 1.00 20.00 ? 464 SER B CB  1 
ATOM   1141 O OG  . SER B 1 36  ? 1.867   3.089   -22.358 1.00 19.99 ? 464 SER B OG  1 
ATOM   1142 N N   . GLN B 1 37  ? 0.930   5.645   -23.724 1.00 22.82 ? 465 GLN B N   1 
ATOM   1143 C CA  . GLN B 1 37  ? 0.797   5.956   -25.147 1.00 26.74 ? 465 GLN B CA  1 
ATOM   1144 C C   . GLN B 1 37  ? 1.306   4.798   -25.997 1.00 26.88 ? 465 GLN B C   1 
ATOM   1145 O O   . GLN B 1 37  ? 1.068   4.747   -27.204 1.00 27.90 ? 465 GLN B O   1 
ATOM   1146 C CB  . GLN B 1 37  ? 1.598   7.214   -25.496 1.00 28.92 ? 465 GLN B CB  1 
ATOM   1147 C CG  . GLN B 1 37  ? 0.990   8.517   -25.020 1.00 32.63 ? 465 GLN B CG  1 
ATOM   1148 C CD  . GLN B 1 37  ? -0.262  8.882   -25.789 1.00 35.57 ? 465 GLN B CD  1 
ATOM   1149 O OE1 . GLN B 1 37  ? -1.307  8.250   -25.635 1.00 37.00 ? 465 GLN B OE1 1 
ATOM   1150 N NE2 . GLN B 1 37  ? -0.159  9.900   -26.636 1.00 37.44 ? 465 GLN B NE2 1 
ATOM   1151 N N   . SER B 1 38  ? 2.008   3.866   -25.364 1.00 26.72 ? 466 SER B N   1 
ATOM   1152 C CA  . SER B 1 38  ? 2.573   2.731   -26.081 1.00 27.12 ? 466 SER B CA  1 
ATOM   1153 C C   . SER B 1 38  ? 1.989   1.372   -25.711 1.00 26.49 ? 466 SER B C   1 
ATOM   1154 O O   . SER B 1 38  ? 2.027   0.441   -26.517 1.00 25.89 ? 466 SER B O   1 
ATOM   1155 C CB  . SER B 1 38  ? 4.083   2.703   -25.867 1.00 28.04 ? 466 SER B CB  1 
ATOM   1156 O OG  . SER B 1 38  ? 4.391   2.678   -24.485 1.00 30.19 ? 466 SER B OG  1 
ATOM   1157 N N   . ASN B 1 39  ? 1.452   1.257   -24.500 1.00 25.06 ? 467 ASN B N   1 
ATOM   1158 C CA  . ASN B 1 39  ? 0.878   -0.003  -24.031 1.00 24.08 ? 467 ASN B CA  1 
ATOM   1159 C C   . ASN B 1 39  ? -0.565  0.211   -23.575 1.00 23.83 ? 467 ASN B C   1 
ATOM   1160 O O   . ASN B 1 39  ? -0.812  0.848   -22.553 1.00 23.60 ? 467 ASN B O   1 
ATOM   1161 C CB  . ASN B 1 39  ? 1.707   -0.547  -22.862 1.00 25.14 ? 467 ASN B CB  1 
ATOM   1162 C CG  . ASN B 1 39  ? 1.360   -1.981  -22.514 1.00 24.96 ? 467 ASN B CG  1 
ATOM   1163 O OD1 . ASN B 1 39  ? 0.204   -2.395  -22.610 1.00 27.13 ? 467 ASN B OD1 1 
ATOM   1164 N ND2 . ASN B 1 39  ? 2.362   -2.743  -22.087 1.00 25.33 ? 467 ASN B ND2 1 
ATOM   1165 N N   . PRO B 1 40  ? -1.538  -0.334  -24.322 1.00 23.14 ? 468 PRO B N   1 
ATOM   1166 C CA  . PRO B 1 40  ? -2.960  -0.196  -23.991 1.00 23.62 ? 468 PRO B CA  1 
ATOM   1167 C C   . PRO B 1 40  ? -3.397  -0.794  -22.651 1.00 22.12 ? 468 PRO B C   1 
ATOM   1168 O O   . PRO B 1 40  ? -4.542  -0.613  -22.237 1.00 22.82 ? 468 PRO B O   1 
ATOM   1169 C CB  . PRO B 1 40  ? -3.654  -0.860  -25.181 1.00 23.81 ? 468 PRO B CB  1 
ATOM   1170 C CG  . PRO B 1 40  ? -2.675  -1.911  -25.591 1.00 23.17 ? 468 PRO B CG  1 
ATOM   1171 C CD  . PRO B 1 40  ? -1.360  -1.173  -25.522 1.00 23.65 ? 468 PRO B CD  1 
ATOM   1172 N N   . LYS B 1 41  ? -2.495  -1.504  -21.977 1.00 22.95 ? 469 LYS B N   1 
ATOM   1173 C CA  . LYS B 1 41  ? -2.811  -2.102  -20.680 1.00 22.71 ? 469 LYS B CA  1 
ATOM   1174 C C   . LYS B 1 41  ? -1.938  -1.509  -19.578 1.00 21.96 ? 469 LYS B C   1 
ATOM   1175 O O   . LYS B 1 41  ? -1.979  -1.964  -18.433 1.00 21.83 ? 469 LYS B O   1 
ATOM   1176 C CB  . LYS B 1 41  ? -2.604  -3.618  -20.715 1.00 24.17 ? 469 LYS B CB  1 
ATOM   1177 C CG  . LYS B 1 41  ? -3.488  -4.344  -21.713 1.00 26.18 ? 469 LYS B CG  1 
ATOM   1178 C CD  . LYS B 1 41  ? -3.240  -5.847  -21.686 1.00 31.23 ? 469 LYS B CD  1 
ATOM   1179 C CE  . LYS B 1 41  ? -4.065  -6.548  -22.755 1.00 33.48 ? 469 LYS B CE  1 
ATOM   1180 N NZ  . LYS B 1 41  ? -3.853  -8.024  -22.753 1.00 36.79 ? 469 LYS B NZ  1 
ATOM   1181 N N   . ALA B 1 42  ? -1.152  -0.496  -19.929 1.00 20.32 ? 470 ALA B N   1 
ATOM   1182 C CA  . ALA B 1 42  ? -0.264  0.147   -18.965 1.00 18.51 ? 470 ALA B CA  1 
ATOM   1183 C C   . ALA B 1 42  ? -0.648  1.595   -18.688 1.00 16.52 ? 470 ALA B C   1 
ATOM   1184 O O   . ALA B 1 42  ? -1.455  2.192   -19.402 1.00 14.81 ? 470 ALA B O   1 
ATOM   1185 C CB  . ALA B 1 42  ? 1.173   0.084   -19.459 1.00 19.37 ? 470 ALA B CB  1 
ATOM   1186 N N   . PHE B 1 43  ? -0.051  2.151   -17.639 1.00 15.19 ? 471 PHE B N   1 
ATOM   1187 C CA  . PHE B 1 43  ? -0.305  3.526   -17.242 1.00 14.98 ? 471 PHE B CA  1 
ATOM   1188 C C   . PHE B 1 43  ? 1.031   4.205   -16.977 1.00 14.78 ? 471 PHE B C   1 
ATOM   1189 O O   . PHE B 1 43  ? 2.082   3.559   -16.965 1.00 14.00 ? 471 PHE B O   1 
ATOM   1190 C CB  . PHE B 1 43  ? -1.175  3.554   -15.979 1.00 15.63 ? 471 PHE B CB  1 
ATOM   1191 C CG  . PHE B 1 43  ? -2.465  2.797   -16.121 1.00 17.01 ? 471 PHE B CG  1 
ATOM   1192 C CD1 . PHE B 1 43  ? -3.555  3.368   -16.773 1.00 16.16 ? 471 PHE B CD1 1 
ATOM   1193 C CD2 . PHE B 1 43  ? -2.581  1.498   -15.632 1.00 16.64 ? 471 PHE B CD2 1 
ATOM   1194 C CE1 . PHE B 1 43  ? -4.742  2.655   -16.937 1.00 18.82 ? 471 PHE B CE1 1 
ATOM   1195 C CE2 . PHE B 1 43  ? -3.763  0.779   -15.793 1.00 19.74 ? 471 PHE B CE2 1 
ATOM   1196 C CZ  . PHE B 1 43  ? -4.846  1.360   -16.447 1.00 18.89 ? 471 PHE B CZ  1 
ATOM   1197 N N   . VAL B 1 44  ? 0.991   5.512   -16.769 1.00 14.31 ? 472 VAL B N   1 
ATOM   1198 C CA  . VAL B 1 44  ? 2.208   6.263   -16.516 1.00 14.35 ? 472 VAL B CA  1 
ATOM   1199 C C   . VAL B 1 44  ? 2.019   7.263   -15.393 1.00 13.47 ? 472 VAL B C   1 
ATOM   1200 O O   . VAL B 1 44  ? 1.011   7.971   -15.336 1.00 13.94 ? 472 VAL B O   1 
ATOM   1201 C CB  . VAL B 1 44  ? 2.665   7.054   -17.770 1.00 14.92 ? 472 VAL B CB  1 
ATOM   1202 C CG1 . VAL B 1 44  ? 3.981   7.764   -17.479 1.00 16.26 ? 472 VAL B CG1 1 
ATOM   1203 C CG2 . VAL B 1 44  ? 2.807   6.122   -18.963 1.00 15.11 ? 472 VAL B CG2 1 
ATOM   1204 N N   . LEU B 1 45  ? 2.994   7.308   -14.495 1.00 12.77 ? 473 LEU B N   1 
ATOM   1205 C CA  . LEU B 1 45  ? 2.979   8.258   -13.401 1.00 13.71 ? 473 LEU B CA  1 
ATOM   1206 C C   . LEU B 1 45  ? 3.964   9.347   -13.800 1.00 14.58 ? 473 LEU B C   1 
ATOM   1207 O O   . LEU B 1 45  ? 5.141   9.071   -14.053 1.00 15.09 ? 473 LEU B O   1 
ATOM   1208 C CB  . LEU B 1 45  ? 3.445   7.612   -12.094 1.00 13.52 ? 473 LEU B CB  1 
ATOM   1209 C CG  . LEU B 1 45  ? 3.843   8.597   -10.987 1.00 11.31 ? 473 LEU B CG  1 
ATOM   1210 C CD1 . LEU B 1 45  ? 2.628   9.405   -10.525 1.00 13.52 ? 473 LEU B CD1 1 
ATOM   1211 C CD2 . LEU B 1 45  ? 4.464   7.826   -9.829  1.00 13.67 ? 473 LEU B CD2 1 
ATOM   1212 N N   . THR B 1 46  ? 3.477   10.579  -13.867 1.00 14.26 ? 474 THR B N   1 
ATOM   1213 C CA  . THR B 1 46  ? 4.331   11.705  -14.213 1.00 14.82 ? 474 THR B CA  1 
ATOM   1214 C C   . THR B 1 46  ? 4.472   12.510  -12.928 1.00 14.94 ? 474 THR B C   1 
ATOM   1215 O O   . THR B 1 46  ? 3.481   12.975  -12.368 1.00 14.13 ? 474 THR B O   1 
ATOM   1216 C CB  . THR B 1 46  ? 3.699   12.551  -15.326 1.00 14.36 ? 474 THR B CB  1 
ATOM   1217 O OG1 . THR B 1 46  ? 3.425   11.708  -16.453 1.00 17.87 ? 474 THR B OG1 1 
ATOM   1218 C CG2 . THR B 1 46  ? 4.655   13.650  -15.764 1.00 18.16 ? 474 THR B CG2 1 
ATOM   1219 N N   . LEU B 1 47  ? 5.712   12.660  -12.471 1.00 16.65 ? 475 LEU B N   1 
ATOM   1220 C CA  . LEU B 1 47  ? 6.013   13.346  -11.217 1.00 17.11 ? 475 LEU B CA  1 
ATOM   1221 C C   . LEU B 1 47  ? 7.144   14.359  -11.349 1.00 18.36 ? 475 LEU B C   1 
ATOM   1222 O O   . LEU B 1 47  ? 8.100   14.141  -12.092 1.00 19.43 ? 475 LEU B O   1 
ATOM   1223 C CB  . LEU B 1 47  ? 6.391   12.294  -10.167 1.00 18.75 ? 475 LEU B CB  1 
ATOM   1224 C CG  . LEU B 1 47  ? 7.018   12.678  -8.826  1.00 19.21 ? 475 LEU B CG  1 
ATOM   1225 C CD1 . LEU B 1 47  ? 6.049   13.488  -7.987  1.00 18.98 ? 475 LEU B CD1 1 
ATOM   1226 C CD2 . LEU B 1 47  ? 7.402   11.399  -8.092  1.00 19.20 ? 475 LEU B CD2 1 
ATOM   1227 N N   . CYS B 1 48  ? 7.025   15.459  -10.612 1.00 19.06 ? 476 CYS B N   1 
ATOM   1228 C CA  . CYS B 1 48  ? 8.018   16.527  -10.631 1.00 21.78 ? 476 CYS B CA  1 
ATOM   1229 C C   . CYS B 1 48  ? 8.836   16.584  -9.338  1.00 21.54 ? 476 CYS B C   1 
ATOM   1230 O O   . CYS B 1 48  ? 8.277   16.562  -8.245  1.00 22.67 ? 476 CYS B O   1 
ATOM   1231 C CB  . CYS B 1 48  ? 7.315   17.872  -10.843 1.00 22.23 ? 476 CYS B CB  1 
ATOM   1232 S SG  . CYS B 1 48  ? 8.404   19.322  -10.835 1.00 28.56 ? 476 CYS B SG  1 
ATOM   1233 N N   . HIS B 1 49  ? 10.159  16.654  -9.474  1.00 22.59 ? 477 HIS B N   1 
ATOM   1234 C CA  . HIS B 1 49  ? 11.058  16.750  -8.322  1.00 22.95 ? 477 HIS B CA  1 
ATOM   1235 C C   . HIS B 1 49  ? 12.284  17.567  -8.729  1.00 23.62 ? 477 HIS B C   1 
ATOM   1236 O O   . HIS B 1 49  ? 12.925  17.274  -9.738  1.00 23.39 ? 477 HIS B O   1 
ATOM   1237 C CB  . HIS B 1 49  ? 11.499  15.364  -7.843  1.00 22.85 ? 477 HIS B CB  1 
ATOM   1238 C CG  . HIS B 1 49  ? 12.334  15.393  -6.598  1.00 23.50 ? 477 HIS B CG  1 
ATOM   1239 N ND1 . HIS B 1 49  ? 11.851  15.841  -5.385  1.00 24.66 ? 477 HIS B ND1 1 
ATOM   1240 C CD2 . HIS B 1 49  ? 13.624  15.044  -6.379  1.00 22.72 ? 477 HIS B CD2 1 
ATOM   1241 C CE1 . HIS B 1 49  ? 12.806  15.767  -4.475  1.00 23.02 ? 477 HIS B CE1 1 
ATOM   1242 N NE2 . HIS B 1 49  ? 13.892  15.286  -5.053  1.00 24.96 ? 477 HIS B NE2 1 
ATOM   1243 N N   . HIS B 1 50  ? 12.607  18.587  -7.940  1.00 24.93 ? 478 HIS B N   1 
ATOM   1244 C CA  . HIS B 1 50  ? 13.738  19.462  -8.238  1.00 26.11 ? 478 HIS B CA  1 
ATOM   1245 C C   . HIS B 1 50  ? 13.581  20.026  -9.648  1.00 26.64 ? 478 HIS B C   1 
ATOM   1246 O O   . HIS B 1 50  ? 14.536  20.072  -10.426 1.00 26.60 ? 478 HIS B O   1 
ATOM   1247 C CB  . HIS B 1 50  ? 15.065  18.707  -8.127  1.00 27.10 ? 478 HIS B CB  1 
ATOM   1248 C CG  . HIS B 1 50  ? 15.424  18.315  -6.728  1.00 27.79 ? 478 HIS B CG  1 
ATOM   1249 N ND1 . HIS B 1 50  ? 14.906  18.952  -5.620  1.00 28.63 ? 478 HIS B ND1 1 
ATOM   1250 C CD2 . HIS B 1 50  ? 16.280  17.378  -6.256  1.00 28.25 ? 478 HIS B CD2 1 
ATOM   1251 C CE1 . HIS B 1 50  ? 15.429  18.424  -4.527  1.00 28.69 ? 478 HIS B CE1 1 
ATOM   1252 N NE2 . HIS B 1 50  ? 16.266  17.468  -4.886  1.00 28.23 ? 478 HIS B NE2 1 
ATOM   1253 N N   . GLN B 1 51  ? 12.358  20.446  -9.961  1.00 27.25 ? 479 GLN B N   1 
ATOM   1254 C CA  . GLN B 1 51  ? 12.008  21.017  -11.260 1.00 29.08 ? 479 GLN B CA  1 
ATOM   1255 C C   . GLN B 1 51  ? 12.275  20.100  -12.452 1.00 29.56 ? 479 GLN B C   1 
ATOM   1256 O O   . GLN B 1 51  ? 12.313  20.553  -13.598 1.00 29.41 ? 479 GLN B O   1 
ATOM   1257 C CB  . GLN B 1 51  ? 12.735  22.348  -11.467 1.00 30.62 ? 479 GLN B CB  1 
ATOM   1258 C CG  . GLN B 1 51  ? 12.466  23.376  -10.384 1.00 32.78 ? 479 GLN B CG  1 
ATOM   1259 C CD  . GLN B 1 51  ? 13.018  24.748  -10.740 1.00 35.77 ? 479 GLN B CD  1 
ATOM   1260 O OE1 . GLN B 1 51  ? 14.194  24.887  -11.072 1.00 38.26 ? 479 GLN B OE1 1 
ATOM   1261 N NE2 . GLN B 1 51  ? 12.169  25.767  -10.669 1.00 37.23 ? 479 GLN B NE2 1 
ATOM   1262 N N   . LYS B 1 52  ? 12.462  18.811  -12.184 1.00 29.09 ? 480 LYS B N   1 
ATOM   1263 C CA  . LYS B 1 52  ? 12.709  17.845  -13.249 1.00 29.10 ? 480 LYS B CA  1 
ATOM   1264 C C   . LYS B 1 52  ? 11.509  16.903  -13.326 1.00 28.18 ? 480 LYS B C   1 
ATOM   1265 O O   . LYS B 1 52  ? 11.052  16.397  -12.300 1.00 28.58 ? 480 LYS B O   1 
ATOM   1266 C CB  . LYS B 1 52  ? 13.983  17.045  -12.956 1.00 31.01 ? 480 LYS B CB  1 
ATOM   1267 C CG  . LYS B 1 52  ? 15.258  17.881  -12.816 1.00 33.40 ? 480 LYS B CG  1 
ATOM   1268 C CD  . LYS B 1 52  ? 15.902  18.192  -14.164 1.00 36.09 ? 480 LYS B CD  1 
ATOM   1269 C CE  . LYS B 1 52  ? 15.074  19.173  -14.984 1.00 38.43 ? 480 LYS B CE  1 
ATOM   1270 N NZ  . LYS B 1 52  ? 15.756  19.551  -16.259 1.00 41.76 ? 480 LYS B NZ  1 
ATOM   1271 N N   . ILE B 1 53  ? 11.000  16.670  -14.534 1.00 26.90 ? 481 ILE B N   1 
ATOM   1272 C CA  . ILE B 1 53  ? 9.851   15.788  -14.711 1.00 26.07 ? 481 ILE B CA  1 
ATOM   1273 C C   . ILE B 1 53  ? 10.323  14.356  -14.939 1.00 26.52 ? 481 ILE B C   1 
ATOM   1274 O O   . ILE B 1 53  ? 11.178  14.096  -15.788 1.00 26.76 ? 481 ILE B O   1 
ATOM   1275 C CB  . ILE B 1 53  ? 8.976   16.227  -15.912 1.00 26.75 ? 481 ILE B CB  1 
ATOM   1276 C CG1 . ILE B 1 53  ? 8.640   17.718  -15.810 1.00 26.89 ? 481 ILE B CG1 1 
ATOM   1277 C CG2 . ILE B 1 53  ? 7.680   15.420  -15.935 1.00 25.90 ? 481 ILE B CG2 1 
ATOM   1278 C CD1 . ILE B 1 53  ? 7.859   18.093  -14.574 1.00 30.35 ? 481 ILE B CD1 1 
ATOM   1279 N N   . LYS B 1 54  ? 9.760   13.430  -14.170 1.00 25.02 ? 482 LYS B N   1 
ATOM   1280 C CA  . LYS B 1 54  ? 10.118  12.023  -14.272 1.00 25.52 ? 482 LYS B CA  1 
ATOM   1281 C C   . LYS B 1 54  ? 8.876   11.216  -14.636 1.00 23.84 ? 482 LYS B C   1 
ATOM   1282 O O   . LYS B 1 54  ? 7.783   11.499  -14.146 1.00 24.70 ? 482 LYS B O   1 
ATOM   1283 C CB  . LYS B 1 54  ? 10.667  11.518  -12.933 1.00 27.13 ? 482 LYS B CB  1 
ATOM   1284 C CG  . LYS B 1 54  ? 11.948  12.197  -12.452 1.00 28.70 ? 482 LYS B CG  1 
ATOM   1285 C CD  . LYS B 1 54  ? 13.160  11.730  -13.236 1.00 30.74 ? 482 LYS B CD  1 
ATOM   1286 C CE  . LYS B 1 54  ? 14.443  12.314  -12.664 1.00 31.38 ? 482 LYS B CE  1 
ATOM   1287 N NZ  . LYS B 1 54  ? 14.462  13.800  -12.740 1.00 34.98 ? 482 LYS B NZ  1 
ATOM   1288 N N   . ASN B 1 55  ? 9.045   10.220  -15.497 1.00 23.14 ? 483 ASN B N   1 
ATOM   1289 C CA  . ASN B 1 55  ? 7.935   9.366   -15.898 1.00 21.46 ? 483 ASN B CA  1 
ATOM   1290 C C   . ASN B 1 55  ? 8.198   7.925   -15.472 1.00 20.32 ? 483 ASN B C   1 
ATOM   1291 O O   . ASN B 1 55  ? 9.270   7.379   -15.721 1.00 18.89 ? 483 ASN B O   1 
ATOM   1292 C CB  . ASN B 1 55  ? 7.715   9.433   -17.412 1.00 22.56 ? 483 ASN B CB  1 
ATOM   1293 C CG  . ASN B 1 55  ? 7.247   10.800  -17.869 1.00 25.41 ? 483 ASN B CG  1 
ATOM   1294 O OD1 . ASN B 1 55  ? 8.052   11.659  -18.234 1.00 24.97 ? 483 ASN B OD1 1 
ATOM   1295 N ND2 . ASN B 1 55  ? 5.934   11.016  -17.829 1.00 24.42 ? 483 ASN B ND2 1 
ATOM   1296 N N   . PHE B 1 56  ? 7.209   7.316   -14.824 1.00 18.09 ? 484 PHE B N   1 
ATOM   1297 C CA  . PHE B 1 56  ? 7.330   5.944   -14.345 1.00 16.70 ? 484 PHE B CA  1 
ATOM   1298 C C   . PHE B 1 56  ? 6.245   5.081   -14.962 1.00 16.79 ? 484 PHE B C   1 
ATOM   1299 O O   . PHE B 1 56  ? 5.052   5.330   -14.772 1.00 15.77 ? 484 PHE B O   1 
ATOM   1300 C CB  . PHE B 1 56  ? 7.202   5.917   -12.822 1.00 18.14 ? 484 PHE B CB  1 
ATOM   1301 C CG  . PHE B 1 56  ? 8.308   6.638   -12.115 1.00 20.29 ? 484 PHE B CG  1 
ATOM   1302 C CD1 . PHE B 1 56  ? 9.472   5.972   -11.753 1.00 20.78 ? 484 PHE B CD1 1 
ATOM   1303 C CD2 . PHE B 1 56  ? 8.196   7.993   -11.836 1.00 20.96 ? 484 PHE B CD2 1 
ATOM   1304 C CE1 . PHE B 1 56  ? 10.511  6.652   -11.122 1.00 21.75 ? 484 PHE B CE1 1 
ATOM   1305 C CE2 . PHE B 1 56  ? 9.231   8.680   -11.208 1.00 22.95 ? 484 PHE B CE2 1 
ATOM   1306 C CZ  . PHE B 1 56  ? 10.388  8.004   -10.851 1.00 20.82 ? 484 PHE B CZ  1 
ATOM   1307 N N   . GLN B 1 57  ? 6.657   4.067   -15.711 1.00 16.30 ? 485 GLN B N   1 
ATOM   1308 C CA  . GLN B 1 57  ? 5.704   3.174   -16.348 1.00 16.86 ? 485 GLN B CA  1 
ATOM   1309 C C   . GLN B 1 57  ? 5.098   2.217   -15.316 1.00 15.99 ? 485 GLN B C   1 
ATOM   1310 O O   . GLN B 1 57  ? 5.818   1.551   -14.578 1.00 16.09 ? 485 GLN B O   1 
ATOM   1311 C CB  . GLN B 1 57  ? 6.393   2.366   -17.450 1.00 20.81 ? 485 GLN B CB  1 
ATOM   1312 C CG  . GLN B 1 57  ? 7.042   3.212   -18.536 1.00 25.84 ? 485 GLN B CG  1 
ATOM   1313 C CD  . GLN B 1 57  ? 6.046   4.089   -19.272 1.00 28.99 ? 485 GLN B CD  1 
ATOM   1314 O OE1 . GLN B 1 57  ? 5.073   3.599   -19.848 1.00 32.14 ? 485 GLN B OE1 1 
ATOM   1315 N NE2 . GLN B 1 57  ? 6.288   5.395   -19.260 1.00 31.62 ? 485 GLN B NE2 1 
ATOM   1316 N N   . ILE B 1 58  ? 3.771   2.166   -15.276 1.00 14.17 ? 486 ILE B N   1 
ATOM   1317 C CA  . ILE B 1 58  ? 3.049   1.280   -14.370 1.00 13.69 ? 486 ILE B CA  1 
ATOM   1318 C C   . ILE B 1 58  ? 2.572   0.130   -15.245 1.00 14.20 ? 486 ILE B C   1 
ATOM   1319 O O   . ILE B 1 58  ? 1.654   0.288   -16.060 1.00 14.66 ? 486 ILE B O   1 
ATOM   1320 C CB  . ILE B 1 58  ? 1.847   2.004   -13.737 1.00 12.52 ? 486 ILE B CB  1 
ATOM   1321 C CG1 . ILE B 1 58  ? 2.342   3.220   -12.946 1.00 12.88 ? 486 ILE B CG1 1 
ATOM   1322 C CG2 . ILE B 1 58  ? 1.065   1.041   -12.845 1.00 13.68 ? 486 ILE B CG2 1 
ATOM   1323 C CD1 . ILE B 1 58  ? 1.239   4.127   -12.442 1.00 12.16 ? 486 ILE B CD1 1 
ATOM   1324 N N   . LEU B 1 59  ? 3.202   -1.029  -15.075 1.00 14.20 ? 487 LEU B N   1 
ATOM   1325 C CA  . LEU B 1 59  ? 2.892   -2.197  -15.881 1.00 16.72 ? 487 LEU B CA  1 
ATOM   1326 C C   . LEU B 1 59  ? 2.076   -3.279  -15.180 1.00 19.13 ? 487 LEU B C   1 
ATOM   1327 O O   . LEU B 1 59  ? 2.226   -3.516  -13.978 1.00 19.42 ? 487 LEU B O   1 
ATOM   1328 C CB  . LEU B 1 59  ? 4.195   -2.817  -16.406 1.00 17.86 ? 487 LEU B CB  1 
ATOM   1329 C CG  . LEU B 1 59  ? 5.136   -1.857  -17.147 1.00 21.41 ? 487 LEU B CG  1 
ATOM   1330 C CD1 . LEU B 1 59  ? 6.516   -2.482  -17.322 1.00 23.67 ? 487 LEU B CD1 1 
ATOM   1331 C CD2 . LEU B 1 59  ? 4.538   -1.491  -18.493 1.00 22.05 ? 487 LEU B CD2 1 
ATOM   1332 N N   . PRO B 1 60  ? 1.193   -3.953  -15.932 1.00 20.75 ? 488 PRO B N   1 
ATOM   1333 C CA  . PRO B 1 60  ? 0.355   -5.021  -15.378 1.00 23.11 ? 488 PRO B CA  1 
ATOM   1334 C C   . PRO B 1 60  ? 1.189   -6.273  -15.155 1.00 26.40 ? 488 PRO B C   1 
ATOM   1335 O O   . PRO B 1 60  ? 2.132   -6.541  -15.902 1.00 26.08 ? 488 PRO B O   1 
ATOM   1336 C CB  . PRO B 1 60  ? -0.700  -5.229  -16.451 1.00 22.66 ? 488 PRO B CB  1 
ATOM   1337 C CG  . PRO B 1 60  ? 0.048   -4.922  -17.712 1.00 21.81 ? 488 PRO B CG  1 
ATOM   1338 C CD  . PRO B 1 60  ? 0.833   -3.686  -17.338 1.00 21.30 ? 488 PRO B CD  1 
ATOM   1339 N N   . CYS B 1 61  ? 0.837   -7.038  -14.124 1.00 28.55 ? 489 CYS B N   1 
ATOM   1340 C CA  . CYS B 1 61  ? 1.550   -8.279  -13.790 1.00 32.57 ? 489 CYS B CA  1 
ATOM   1341 C C   . CYS B 1 61  ? 0.559   -9.422  -13.521 1.00 32.18 ? 489 CYS B C   1 
ATOM   1342 O O   . CYS B 1 61  ? -0.605  -9.171  -13.183 1.00 32.77 ? 489 CYS B O   1 
ATOM   1343 C CB  . CYS B 1 61  ? 2.443   -8.082  -12.553 1.00 34.40 ? 489 CYS B CB  1 
ATOM   1344 S SG  . CYS B 1 61  ? 3.683   -6.766  -12.690 1.00 42.87 ? 489 CYS B SG  1 
ATOM   1345 N N   . THR B 1 67  ? -4.804  -9.552  -12.102 1.00 31.74 ? 495 THR B N   1 
ATOM   1346 C CA  . THR B 1 67  ? -3.906  -8.551  -12.667 1.00 31.33 ? 495 THR B CA  1 
ATOM   1347 C C   . THR B 1 67  ? -3.473  -7.518  -11.632 1.00 29.39 ? 495 THR B C   1 
ATOM   1348 O O   . THR B 1 67  ? -4.308  -6.846  -11.023 1.00 30.15 ? 495 THR B O   1 
ATOM   1349 C CB  . THR B 1 67  ? -4.572  -7.808  -13.845 1.00 33.18 ? 495 THR B CB  1 
ATOM   1350 O OG1 . THR B 1 67  ? -4.796  -8.725  -14.924 1.00 35.56 ? 495 THR B OG1 1 
ATOM   1351 C CG2 . THR B 1 67  ? -3.685  -6.667  -14.331 1.00 34.09 ? 495 THR B CG2 1 
ATOM   1352 N N   . PHE B 1 68  ? -2.164  -7.394  -11.434 1.00 25.73 ? 496 PHE B N   1 
ATOM   1353 C CA  . PHE B 1 68  ? -1.636  -6.422  -10.486 1.00 22.76 ? 496 PHE B CA  1 
ATOM   1354 C C   . PHE B 1 68  ? -0.752  -5.404  -11.193 1.00 20.55 ? 496 PHE B C   1 
ATOM   1355 O O   . PHE B 1 68  ? -0.301  -5.626  -12.320 1.00 21.02 ? 496 PHE B O   1 
ATOM   1356 C CB  . PHE B 1 68  ? -0.860  -7.116  -9.371  1.00 23.28 ? 496 PHE B CB  1 
ATOM   1357 C CG  . PHE B 1 68  ? -1.682  -8.103  -8.602  1.00 25.73 ? 496 PHE B CG  1 
ATOM   1358 C CD1 . PHE B 1 68  ? -1.728  -9.440  -8.986  1.00 29.01 ? 496 PHE B CD1 1 
ATOM   1359 C CD2 . PHE B 1 68  ? -2.457  -7.687  -7.527  1.00 27.68 ? 496 PHE B CD2 1 
ATOM   1360 C CE1 . PHE B 1 68  ? -2.537  -10.348 -8.305  1.00 29.34 ? 496 PHE B CE1 1 
ATOM   1361 C CE2 . PHE B 1 68  ? -3.267  -8.580  -6.844  1.00 28.56 ? 496 PHE B CE2 1 
ATOM   1362 C CZ  . PHE B 1 68  ? -3.309  -9.916  -7.233  1.00 29.44 ? 496 PHE B CZ  1 
ATOM   1363 N N   . PHE B 1 69  ? -0.499  -4.288  -10.526 1.00 15.70 ? 497 PHE B N   1 
ATOM   1364 C CA  . PHE B 1 69  ? 0.300   -3.237  -11.129 1.00 15.40 ? 497 PHE B CA  1 
ATOM   1365 C C   . PHE B 1 69  ? 1.524   -2.859  -10.325 1.00 14.01 ? 497 PHE B C   1 
ATOM   1366 O O   . PHE B 1 69  ? 1.533   -2.954  -9.102  1.00 15.81 ? 497 PHE B O   1 
ATOM   1367 C CB  . PHE B 1 69  ? -0.575  -2.011  -11.371 1.00 15.70 ? 497 PHE B CB  1 
ATOM   1368 C CG  . PHE B 1 69  ? -1.773  -2.302  -12.223 1.00 15.82 ? 497 PHE B CG  1 
ATOM   1369 C CD1 . PHE B 1 69  ? -2.930  -2.831  -11.665 1.00 17.69 ? 497 PHE B CD1 1 
ATOM   1370 C CD2 . PHE B 1 69  ? -1.718  -2.110  -13.598 1.00 17.72 ? 497 PHE B CD2 1 
ATOM   1371 C CE1 . PHE B 1 69  ? -4.023  -3.170  -12.468 1.00 20.24 ? 497 PHE B CE1 1 
ATOM   1372 C CE2 . PHE B 1 69  ? -2.800  -2.444  -14.411 1.00 18.68 ? 497 PHE B CE2 1 
ATOM   1373 C CZ  . PHE B 1 69  ? -3.953  -2.977  -13.844 1.00 19.01 ? 497 PHE B CZ  1 
ATOM   1374 N N   . SER B 1 70  ? 2.561   -2.423  -11.029 1.00 12.84 ? 498 SER B N   1 
ATOM   1375 C CA  . SER B 1 70  ? 3.804   -2.049  -10.375 1.00 11.70 ? 498 SER B CA  1 
ATOM   1376 C C   . SER B 1 70  ? 4.632   -1.128  -11.250 1.00 12.20 ? 498 SER B C   1 
ATOM   1377 O O   . SER B 1 70  ? 4.610   -1.244  -12.478 1.00 12.86 ? 498 SER B O   1 
ATOM   1378 C CB  . SER B 1 70  ? 4.616   -3.313  -10.058 1.00 11.54 ? 498 SER B CB  1 
ATOM   1379 O OG  . SER B 1 70  ? 5.896   -2.993  -9.549  1.00 12.01 ? 498 SER B OG  1 
ATOM   1380 N N   . LEU B 1 71  ? 5.357   -0.217  -10.613 1.00 12.30 ? 499 LEU B N   1 
ATOM   1381 C CA  . LEU B 1 71  ? 6.226   0.701   -11.334 1.00 13.66 ? 499 LEU B CA  1 
ATOM   1382 C C   . LEU B 1 71  ? 7.684   0.438   -10.956 1.00 14.94 ? 499 LEU B C   1 
ATOM   1383 O O   . LEU B 1 71  ? 8.580   1.179   -11.354 1.00 14.95 ? 499 LEU B O   1 
ATOM   1384 C CB  . LEU B 1 71  ? 5.833   2.160   -11.044 1.00 12.42 ? 499 LEU B CB  1 
ATOM   1385 C CG  . LEU B 1 71  ? 5.674   2.657   -9.604  1.00 13.85 ? 499 LEU B CG  1 
ATOM   1386 C CD1 . LEU B 1 71  ? 7.031   2.719   -8.917  1.00 14.52 ? 499 LEU B CD1 1 
ATOM   1387 C CD2 . LEU B 1 71  ? 5.025   4.039   -9.609  1.00 15.99 ? 499 LEU B CD2 1 
ATOM   1388 N N   . ASP B 1 72  ? 7.923   -0.620  -10.183 1.00 14.50 ? 500 ASP B N   1 
ATOM   1389 C CA  . ASP B 1 72  ? 9.291   -0.947  -9.808  1.00 15.86 ? 500 ASP B CA  1 
ATOM   1390 C C   . ASP B 1 72  ? 9.666   -2.397  -10.100 1.00 17.96 ? 500 ASP B C   1 
ATOM   1391 O O   . ASP B 1 72  ? 10.202  -3.110  -9.248  1.00 19.70 ? 500 ASP B O   1 
ATOM   1392 C CB  . ASP B 1 72  ? 9.560   -0.582  -8.339  1.00 17.35 ? 500 ASP B CB  1 
ATOM   1393 C CG  . ASP B 1 72  ? 8.743   -1.400  -7.361  1.00 13.47 ? 500 ASP B CG  1 
ATOM   1394 O OD1 . ASP B 1 72  ? 7.834   -2.129  -7.793  1.00 12.46 ? 500 ASP B OD1 1 
ATOM   1395 O OD2 . ASP B 1 72  ? 9.016   -1.295  -6.151  1.00 14.78 ? 500 ASP B OD2 1 
ATOM   1396 N N   . ASP B 1 73  ? 9.371   -2.816  -11.327 1.00 18.85 ? 501 ASP B N   1 
ATOM   1397 C CA  . ASP B 1 73  ? 9.694   -4.155  -11.814 1.00 20.68 ? 501 ASP B CA  1 
ATOM   1398 C C   . ASP B 1 73  ? 9.077   -5.292  -11.004 1.00 20.65 ? 501 ASP B C   1 
ATOM   1399 O O   . ASP B 1 73  ? 9.631   -6.393  -10.945 1.00 20.76 ? 501 ASP B O   1 
ATOM   1400 C CB  . ASP B 1 73  ? 11.217  -4.325  -11.861 1.00 23.73 ? 501 ASP B CB  1 
ATOM   1401 C CG  . ASP B 1 73  ? 11.653  -5.491  -12.730 1.00 27.44 ? 501 ASP B CG  1 
ATOM   1402 O OD1 . ASP B 1 73  ? 12.810  -5.934  -12.584 1.00 30.85 ? 501 ASP B OD1 1 
ATOM   1403 O OD2 . ASP B 1 73  ? 10.850  -5.955  -13.566 1.00 30.17 ? 501 ASP B OD2 1 
ATOM   1404 N N   . GLY B 1 74  ? 7.934   -5.028  -10.379 1.00 19.66 ? 502 GLY B N   1 
ATOM   1405 C CA  . GLY B 1 74  ? 7.261   -6.054  -9.603  1.00 19.81 ? 502 GLY B CA  1 
ATOM   1406 C C   . GLY B 1 74  ? 7.675   -6.176  -8.148  1.00 19.92 ? 502 GLY B C   1 
ATOM   1407 O O   . GLY B 1 74  ? 7.134   -7.013  -7.424  1.00 22.35 ? 502 GLY B O   1 
ATOM   1408 N N   . ASN B 1 75  ? 8.626   -5.358  -7.706  1.00 19.14 ? 503 ASN B N   1 
ATOM   1409 C CA  . ASN B 1 75  ? 9.068   -5.417  -6.316  1.00 19.47 ? 503 ASN B CA  1 
ATOM   1410 C C   . ASN B 1 75  ? 7.954   -4.990  -5.362  1.00 18.34 ? 503 ASN B C   1 
ATOM   1411 O O   . ASN B 1 75  ? 7.866   -5.485  -4.235  1.00 17.91 ? 503 ASN B O   1 
ATOM   1412 C CB  . ASN B 1 75  ? 10.309  -4.550  -6.112  1.00 21.60 ? 503 ASN B CB  1 
ATOM   1413 C CG  . ASN B 1 75  ? 11.520  -5.101  -6.838  1.00 23.92 ? 503 ASN B CG  1 
ATOM   1414 O OD1 . ASN B 1 75  ? 11.851  -6.279  -6.707  1.00 26.33 ? 503 ASN B OD1 1 
ATOM   1415 N ND2 . ASN B 1 75  ? 12.189  -4.252  -7.604  1.00 25.57 ? 503 ASN B ND2 1 
ATOM   1416 N N   . THR B 1 76  ? 7.108   -4.071  -5.821  1.00 16.05 ? 504 THR B N   1 
ATOM   1417 C CA  . THR B 1 76  ? 5.976   -3.584  -5.033  1.00 14.54 ? 504 THR B CA  1 
ATOM   1418 C C   . THR B 1 76  ? 4.761   -3.664  -5.955  1.00 13.89 ? 504 THR B C   1 
ATOM   1419 O O   . THR B 1 76  ? 4.733   -3.022  -7.009  1.00 14.75 ? 504 THR B O   1 
ATOM   1420 C CB  . THR B 1 76  ? 6.191   -2.132  -4.578  1.00 14.77 ? 504 THR B CB  1 
ATOM   1421 O OG1 . THR B 1 76  ? 7.509   -1.995  -4.032  1.00 14.81 ? 504 THR B OG1 1 
ATOM   1422 C CG2 . THR B 1 76  ? 5.176   -1.754  -3.507  1.00 16.20 ? 504 THR B CG2 1 
ATOM   1423 N N   . LYS B 1 77  ? 3.762   -4.450  -5.556  1.00 13.21 ? 505 LYS B N   1 
ATOM   1424 C CA  . LYS B 1 77  ? 2.572   -4.670  -6.381  1.00 13.88 ? 505 LYS B CA  1 
ATOM   1425 C C   . LYS B 1 77  ? 1.257   -4.153  -5.791  1.00 14.09 ? 505 LYS B C   1 
ATOM   1426 O O   . LYS B 1 77  ? 1.061   -4.176  -4.577  1.00 13.72 ? 505 LYS B O   1 
ATOM   1427 C CB  . LYS B 1 77  ? 2.436   -6.169  -6.667  1.00 18.48 ? 505 LYS B CB  1 
ATOM   1428 C CG  . LYS B 1 77  ? 3.735   -6.844  -7.113  1.00 23.05 ? 505 LYS B CG  1 
ATOM   1429 C CD  . LYS B 1 77  ? 3.559   -8.360  -7.207  1.00 25.64 ? 505 LYS B CD  1 
ATOM   1430 C CE  . LYS B 1 77  ? 4.861   -9.081  -7.549  1.00 27.88 ? 505 LYS B CE  1 
ATOM   1431 N NZ  . LYS B 1 77  ? 5.857   -9.018  -6.442  1.00 29.61 ? 505 LYS B NZ  1 
ATOM   1432 N N   . PHE B 1 78  ? 0.361   -3.702  -6.669  1.00 13.31 ? 506 PHE B N   1 
ATOM   1433 C CA  . PHE B 1 78  ? -0.934  -3.163  -6.266  1.00 13.37 ? 506 PHE B CA  1 
ATOM   1434 C C   . PHE B 1 78  ? -2.085  -3.741  -7.083  1.00 13.75 ? 506 PHE B C   1 
ATOM   1435 O O   . PHE B 1 78  ? -1.914  -4.113  -8.241  1.00 14.30 ? 506 PHE B O   1 
ATOM   1436 C CB  . PHE B 1 78  ? -0.904  -1.644  -6.401  1.00 13.33 ? 506 PHE B CB  1 
ATOM   1437 C CG  . PHE B 1 78  ? 0.197   -1.013  -5.612  1.00 12.40 ? 506 PHE B CG  1 
ATOM   1438 C CD1 . PHE B 1 78  ? 0.023   -0.735  -4.262  1.00 12.07 ? 506 PHE B CD1 1 
ATOM   1439 C CD2 . PHE B 1 78  ? 1.436   -0.784  -6.193  1.00 10.87 ? 506 PHE B CD2 1 
ATOM   1440 C CE1 . PHE B 1 78  ? 1.068   -0.247  -3.499  1.00 12.05 ? 506 PHE B CE1 1 
ATOM   1441 C CE2 . PHE B 1 78  ? 2.493   -0.293  -5.429  1.00 13.23 ? 506 PHE B CE2 1 
ATOM   1442 C CZ  . PHE B 1 78  ? 2.303   -0.024  -4.079  1.00 13.49 ? 506 PHE B CZ  1 
ATOM   1443 N N   . SER B 1 79  ? -3.256  -3.813  -6.464  1.00 12.16 ? 507 SER B N   1 
ATOM   1444 C CA  . SER B 1 79  ? -4.436  -4.358  -7.128  1.00 14.13 ? 507 SER B CA  1 
ATOM   1445 C C   . SER B 1 79  ? -5.017  -3.391  -8.157  1.00 14.38 ? 507 SER B C   1 
ATOM   1446 O O   . SER B 1 79  ? -5.700  -3.797  -9.103  1.00 14.35 ? 507 SER B O   1 
ATOM   1447 C CB  . SER B 1 79  ? -5.508  -4.700  -6.090  1.00 15.14 ? 507 SER B CB  1 
ATOM   1448 O OG  . SER B 1 79  ? -5.910  -3.545  -5.378  1.00 22.60 ? 507 SER B OG  1 
ATOM   1449 N N   . ASP B 1 80  ? -4.739  -2.108  -7.963  1.00 13.42 ? 508 ASP B N   1 
ATOM   1450 C CA  . ASP B 1 80  ? -5.241  -1.071  -8.859  1.00 13.85 ? 508 ASP B CA  1 
ATOM   1451 C C   . ASP B 1 80  ? -4.496  0.241   -8.624  1.00 13.44 ? 508 ASP B C   1 
ATOM   1452 O O   . ASP B 1 80  ? -3.676  0.342   -7.712  1.00 11.95 ? 508 ASP B O   1 
ATOM   1453 C CB  . ASP B 1 80  ? -6.736  -0.855  -8.635  1.00 14.85 ? 508 ASP B CB  1 
ATOM   1454 C CG  . ASP B 1 80  ? -7.071  -0.554  -7.182  1.00 15.06 ? 508 ASP B CG  1 
ATOM   1455 O OD1 . ASP B 1 80  ? -7.643  -1.439  -6.508  1.00 19.68 ? 508 ASP B OD1 1 
ATOM   1456 O OD2 . ASP B 1 80  ? -6.752  0.563   -6.716  1.00 15.17 ? 508 ASP B OD2 1 
ATOM   1457 N N   . LEU B 1 81  ? -4.779  1.245   -9.452  1.00 13.79 ? 509 LEU B N   1 
ATOM   1458 C CA  . LEU B 1 81  ? -4.109  2.534   -9.344  1.00 12.43 ? 509 LEU B CA  1 
ATOM   1459 C C   . LEU B 1 81  ? -4.422  3.333   -8.087  1.00 11.21 ? 509 LEU B C   1 
ATOM   1460 O O   . LEU B 1 81  ? -3.586  4.098   -7.620  1.00 11.31 ? 509 LEU B O   1 
ATOM   1461 C CB  . LEU B 1 81  ? -4.405  3.390   -10.587 1.00 12.80 ? 509 LEU B CB  1 
ATOM   1462 C CG  . LEU B 1 81  ? -3.877  2.813   -11.903 1.00 13.22 ? 509 LEU B CG  1 
ATOM   1463 C CD1 . LEU B 1 81  ? -4.148  3.794   -13.036 1.00 14.30 ? 509 LEU B CD1 1 
ATOM   1464 C CD2 . LEU B 1 81  ? -2.379  2.545   -11.780 1.00 14.52 ? 509 LEU B CD2 1 
ATOM   1465 N N   . ILE B 1 82  ? -5.621  3.161   -7.536  1.00 12.69 ? 510 ILE B N   1 
ATOM   1466 C CA  . ILE B 1 82  ? -5.986  3.881   -6.327  1.00 13.41 ? 510 ILE B CA  1 
ATOM   1467 C C   . ILE B 1 82  ? -5.102  3.401   -5.175  1.00 12.79 ? 510 ILE B C   1 
ATOM   1468 O O   . ILE B 1 82  ? -4.559  4.202   -4.418  1.00 12.79 ? 510 ILE B O   1 
ATOM   1469 C CB  . ILE B 1 82  ? -7.477  3.665   -5.982  1.00 13.92 ? 510 ILE B CB  1 
ATOM   1470 C CG1 . ILE B 1 82  ? -8.346  4.136   -7.155  1.00 15.65 ? 510 ILE B CG1 1 
ATOM   1471 C CG2 . ILE B 1 82  ? -7.841  4.425   -4.708  1.00 17.15 ? 510 ILE B CG2 1 
ATOM   1472 C CD1 . ILE B 1 82  ? -9.839  3.982   -6.930  1.00 16.68 ? 510 ILE B CD1 1 
ATOM   1473 N N   . GLN B 1 83  ? -4.949  2.088   -5.041  1.00 13.25 ? 511 GLN B N   1 
ATOM   1474 C CA  . GLN B 1 83  ? -4.102  1.565   -3.978  1.00 12.32 ? 511 GLN B CA  1 
ATOM   1475 C C   . GLN B 1 83  ? -2.665  2.053   -4.189  1.00 12.01 ? 511 GLN B C   1 
ATOM   1476 O O   . GLN B 1 83  ? -1.972  2.419   -3.233  1.00 10.31 ? 511 GLN B O   1 
ATOM   1477 C CB  . GLN B 1 83  ? -4.130  0.029   -3.958  1.00 12.44 ? 511 GLN B CB  1 
ATOM   1478 C CG  . GLN B 1 83  ? -3.298  -0.574  -2.824  1.00 13.29 ? 511 GLN B CG  1 
ATOM   1479 C CD  . GLN B 1 83  ? -3.255  -2.096  -2.842  1.00 12.65 ? 511 GLN B CD  1 
ATOM   1480 O OE1 . GLN B 1 83  ? -3.417  -2.726  -3.888  1.00 14.20 ? 511 GLN B OE1 1 
ATOM   1481 N NE2 . GLN B 1 83  ? -3.016  -2.692  -1.676  1.00 12.12 ? 511 GLN B NE2 1 
ATOM   1482 N N   . LEU B 1 84  ? -2.222  2.068   -5.444  1.00 10.96 ? 512 LEU B N   1 
ATOM   1483 C CA  . LEU B 1 84  ? -0.871  2.509   -5.764  1.00 11.28 ? 512 LEU B CA  1 
ATOM   1484 C C   . LEU B 1 84  ? -0.651  3.963   -5.350  1.00 11.37 ? 512 LEU B C   1 
ATOM   1485 O O   . LEU B 1 84  ? 0.325   4.283   -4.671  1.00 11.01 ? 512 LEU B O   1 
ATOM   1486 C CB  . LEU B 1 84  ? -0.602  2.337   -7.270  1.00 10.60 ? 512 LEU B CB  1 
ATOM   1487 C CG  . LEU B 1 84  ? 0.820   2.620   -7.772  1.00 11.53 ? 512 LEU B CG  1 
ATOM   1488 C CD1 . LEU B 1 84  ? 1.089   1.772   -9.009  1.00 12.02 ? 512 LEU B CD1 1 
ATOM   1489 C CD2 . LEU B 1 84  ? 0.997   4.108   -8.085  1.00 11.96 ? 512 LEU B CD2 1 
ATOM   1490 N N   . VAL B 1 85  ? -1.560  4.844   -5.755  1.00 13.16 ? 513 VAL B N   1 
ATOM   1491 C CA  . VAL B 1 85  ? -1.436  6.256   -5.414  1.00 13.54 ? 513 VAL B CA  1 
ATOM   1492 C C   . VAL B 1 85  ? -1.470  6.447   -3.897  1.00 14.30 ? 513 VAL B C   1 
ATOM   1493 O O   . VAL B 1 85  ? -0.668  7.194   -3.345  1.00 13.74 ? 513 VAL B O   1 
ATOM   1494 C CB  . VAL B 1 85  ? -2.555  7.093   -6.083  1.00 15.09 ? 513 VAL B CB  1 
ATOM   1495 C CG1 . VAL B 1 85  ? -2.485  8.550   -5.621  1.00 11.45 ? 513 VAL B CG1 1 
ATOM   1496 C CG2 . VAL B 1 85  ? -2.404  7.021   -7.591  1.00 14.49 ? 513 VAL B CG2 1 
ATOM   1497 N N   . ASP B 1 86  ? -2.392  5.767   -3.223  1.00 15.37 ? 514 ASP B N   1 
ATOM   1498 C CA  . ASP B 1 86  ? -2.492  5.888   -1.770  1.00 17.12 ? 514 ASP B CA  1 
ATOM   1499 C C   . ASP B 1 86  ? -1.190  5.484   -1.084  1.00 16.07 ? 514 ASP B C   1 
ATOM   1500 O O   . ASP B 1 86  ? -0.792  6.077   -0.077  1.00 16.09 ? 514 ASP B O   1 
ATOM   1501 C CB  . ASP B 1 86  ? -3.649  5.033   -1.245  1.00 18.79 ? 514 ASP B CB  1 
ATOM   1502 C CG  . ASP B 1 86  ? -5.007  5.642   -1.555  1.00 23.03 ? 514 ASP B CG  1 
ATOM   1503 O OD1 . ASP B 1 86  ? -6.034  4.998   -1.254  1.00 26.66 ? 514 ASP B OD1 1 
ATOM   1504 O OD2 . ASP B 1 86  ? -5.041  6.768   -2.095  1.00 23.75 ? 514 ASP B OD2 1 
ATOM   1505 N N   . PHE B 1 87  ? -0.523  4.476   -1.635  1.00 15.29 ? 515 PHE B N   1 
ATOM   1506 C CA  . PHE B 1 87  ? 0.733   4.013   -1.066  1.00 15.11 ? 515 PHE B CA  1 
ATOM   1507 C C   . PHE B 1 87  ? 1.849   5.032   -1.262  1.00 14.65 ? 515 PHE B C   1 
ATOM   1508 O O   . PHE B 1 87  ? 2.536   5.408   -0.315  1.00 15.46 ? 515 PHE B O   1 
ATOM   1509 C CB  . PHE B 1 87  ? 1.167   2.695   -1.713  1.00 15.74 ? 515 PHE B CB  1 
ATOM   1510 C CG  . PHE B 1 87  ? 2.472   2.167   -1.182  1.00 15.66 ? 515 PHE B CG  1 
ATOM   1511 C CD1 . PHE B 1 87  ? 2.527   1.512   0.047   1.00 14.25 ? 515 PHE B CD1 1 
ATOM   1512 C CD2 . PHE B 1 87  ? 3.652   2.352   -1.896  1.00 15.77 ? 515 PHE B CD2 1 
ATOM   1513 C CE1 . PHE B 1 87  ? 3.744   1.050   0.559   1.00 15.78 ? 515 PHE B CE1 1 
ATOM   1514 C CE2 . PHE B 1 87  ? 4.875   1.895   -1.394  1.00 17.23 ? 515 PHE B CE2 1 
ATOM   1515 C CZ  . PHE B 1 87  ? 4.918   1.244   -0.162  1.00 14.68 ? 515 PHE B CZ  1 
ATOM   1516 N N   . TYR B 1 88  ? 2.027   5.483   -2.500  1.00 14.27 ? 516 TYR B N   1 
ATOM   1517 C CA  . TYR B 1 88  ? 3.095   6.419   -2.802  1.00 13.36 ? 516 TYR B CA  1 
ATOM   1518 C C   . TYR B 1 88  ? 2.900   7.835   -2.289  1.00 14.97 ? 516 TYR B C   1 
ATOM   1519 O O   . TYR B 1 88  ? 3.798   8.671   -2.403  1.00 15.54 ? 516 TYR B O   1 
ATOM   1520 C CB  . TYR B 1 88  ? 3.388   6.397   -4.302  1.00 12.86 ? 516 TYR B CB  1 
ATOM   1521 C CG  . TYR B 1 88  ? 4.111   5.129   -4.710  1.00 11.19 ? 516 TYR B CG  1 
ATOM   1522 C CD1 . TYR B 1 88  ? 5.403   4.862   -4.249  1.00 12.35 ? 516 TYR B CD1 1 
ATOM   1523 C CD2 . TYR B 1 88  ? 3.498   4.186   -5.536  1.00 11.87 ? 516 TYR B CD2 1 
ATOM   1524 C CE1 . TYR B 1 88  ? 6.068   3.688   -4.601  1.00 13.76 ? 516 TYR B CE1 1 
ATOM   1525 C CE2 . TYR B 1 88  ? 4.153   3.008   -5.893  1.00 12.86 ? 516 TYR B CE2 1 
ATOM   1526 C CZ  . TYR B 1 88  ? 5.439   2.766   -5.423  1.00 12.86 ? 516 TYR B CZ  1 
ATOM   1527 O OH  . TYR B 1 88  ? 6.093   1.605   -5.775  1.00 13.82 ? 516 TYR B OH  1 
ATOM   1528 N N   . GLN B 1 89  ? 1.733   8.111   -1.724  1.00 15.41 ? 517 GLN B N   1 
ATOM   1529 C CA  . GLN B 1 89  ? 1.508   9.427   -1.139  1.00 17.59 ? 517 GLN B CA  1 
ATOM   1530 C C   . GLN B 1 89  ? 2.163   9.406   0.241   1.00 18.10 ? 517 GLN B C   1 
ATOM   1531 O O   . GLN B 1 89  ? 2.513   10.449  0.792   1.00 17.77 ? 517 GLN B O   1 
ATOM   1532 C CB  . GLN B 1 89  ? 0.015   9.720   -0.976  1.00 18.81 ? 517 GLN B CB  1 
ATOM   1533 C CG  . GLN B 1 89  ? -0.722  9.985   -2.275  1.00 24.08 ? 517 GLN B CG  1 
ATOM   1534 C CD  . GLN B 1 89  ? -2.158  10.410  -2.040  1.00 28.30 ? 517 GLN B CD  1 
ATOM   1535 O OE1 . GLN B 1 89  ? -2.958  9.666   -1.472  1.00 32.25 ? 517 GLN B OE1 1 
ATOM   1536 N NE2 . GLN B 1 89  ? -2.490  11.617  -2.471  1.00 31.98 ? 517 GLN B NE2 1 
ATOM   1537 N N   . LEU B 1 90  ? 2.334   8.202   0.788   1.00 17.74 ? 518 LEU B N   1 
ATOM   1538 C CA  . LEU B 1 90  ? 2.925   8.041   2.116   1.00 18.38 ? 518 LEU B CA  1 
ATOM   1539 C C   . LEU B 1 90  ? 4.315   7.404   2.112   1.00 18.21 ? 518 LEU B C   1 
ATOM   1540 O O   . LEU B 1 90  ? 5.032   7.474   3.108   1.00 18.59 ? 518 LEU B O   1 
ATOM   1541 C CB  . LEU B 1 90  ? 1.992   7.204   3.004   1.00 16.30 ? 518 LEU B CB  1 
ATOM   1542 C CG  . LEU B 1 90  ? 0.503   7.565   3.049   1.00 18.35 ? 518 LEU B CG  1 
ATOM   1543 C CD1 . LEU B 1 90  ? -0.222  6.592   3.973   1.00 17.20 ? 518 LEU B CD1 1 
ATOM   1544 C CD2 . LEU B 1 90  ? 0.311   8.989   3.529   1.00 19.40 ? 518 LEU B CD2 1 
ATOM   1545 N N   . ASN B 1 91  ? 4.697   6.789   0.996   1.00 17.18 ? 519 ASN B N   1 
ATOM   1546 C CA  . ASN B 1 91  ? 5.992   6.121   0.890   1.00 16.79 ? 519 ASN B CA  1 
ATOM   1547 C C   . ASN B 1 91  ? 6.692   6.443   -0.426  1.00 17.72 ? 519 ASN B C   1 
ATOM   1548 O O   . ASN B 1 91  ? 6.120   6.273   -1.496  1.00 16.72 ? 519 ASN B O   1 
ATOM   1549 C CB  . ASN B 1 91  ? 5.801   4.605   0.987   1.00 14.93 ? 519 ASN B CB  1 
ATOM   1550 C CG  . ASN B 1 91  ? 5.086   4.185   2.258   1.00 16.34 ? 519 ASN B CG  1 
ATOM   1551 O OD1 . ASN B 1 91  ? 5.718   3.957   3.289   1.00 17.20 ? 519 ASN B OD1 1 
ATOM   1552 N ND2 . ASN B 1 91  ? 3.763   4.095   2.193   1.00 13.06 ? 519 ASN B ND2 1 
ATOM   1553 N N   . LYS B 1 92  ? 7.936   6.894   -0.329  1.00 18.96 ? 520 LYS B N   1 
ATOM   1554 C CA  . LYS B 1 92  ? 8.737   7.253   -1.491  1.00 20.69 ? 520 LYS B CA  1 
ATOM   1555 C C   . LYS B 1 92  ? 9.016   6.078   -2.431  1.00 20.18 ? 520 LYS B C   1 
ATOM   1556 O O   . LYS B 1 92  ? 8.822   6.180   -3.646  1.00 18.13 ? 520 LYS B O   1 
ATOM   1557 C CB  . LYS B 1 92  ? 10.059  7.865   -1.012  1.00 24.09 ? 520 LYS B CB  1 
ATOM   1558 C CG  . LYS B 1 92  ? 11.060  8.188   -2.097  1.00 29.48 ? 520 LYS B CG  1 
ATOM   1559 C CD  . LYS B 1 92  ? 12.286  8.878   -1.511  1.00 32.01 ? 520 LYS B CD  1 
ATOM   1560 C CE  . LYS B 1 92  ? 13.306  9.199   -2.593  1.00 34.57 ? 520 LYS B CE  1 
ATOM   1561 N NZ  . LYS B 1 92  ? 14.486  9.945   -2.067  1.00 37.87 ? 520 LYS B NZ  1 
ATOM   1562 N N   . GLY B 1 93  ? 9.470   4.962   -1.870  1.00 18.48 ? 521 GLY B N   1 
ATOM   1563 C CA  . GLY B 1 93  ? 9.784   3.818   -2.703  1.00 18.17 ? 521 GLY B CA  1 
ATOM   1564 C C   . GLY B 1 93  ? 10.903  4.188   -3.661  1.00 18.96 ? 521 GLY B C   1 
ATOM   1565 O O   . GLY B 1 93  ? 11.874  4.837   -3.268  1.00 19.48 ? 521 GLY B O   1 
ATOM   1566 N N   . VAL B 1 94  ? 10.761  3.798   -4.924  1.00 17.62 ? 522 VAL B N   1 
ATOM   1567 C CA  . VAL B 1 94  ? 11.778  4.086   -5.932  1.00 16.94 ? 522 VAL B CA  1 
ATOM   1568 C C   . VAL B 1 94  ? 11.645  5.492   -6.513  1.00 17.79 ? 522 VAL B C   1 
ATOM   1569 O O   . VAL B 1 94  ? 12.492  5.927   -7.295  1.00 17.76 ? 522 VAL B O   1 
ATOM   1570 C CB  . VAL B 1 94  ? 11.712  3.072   -7.100  1.00 18.02 ? 522 VAL B CB  1 
ATOM   1571 C CG1 . VAL B 1 94  ? 11.966  1.663   -6.585  1.00 16.94 ? 522 VAL B CG1 1 
ATOM   1572 C CG2 . VAL B 1 94  ? 10.352  3.150   -7.785  1.00 16.45 ? 522 VAL B CG2 1 
ATOM   1573 N N   . LEU B 1 95  ? 10.582  6.193   -6.129  1.00 17.05 ? 523 LEU B N   1 
ATOM   1574 C CA  . LEU B 1 95  ? 10.330  7.548   -6.619  1.00 18.95 ? 523 LEU B CA  1 
ATOM   1575 C C   . LEU B 1 95  ? 11.276  8.557   -5.983  1.00 19.14 ? 523 LEU B C   1 
ATOM   1576 O O   . LEU B 1 95  ? 11.751  8.353   -4.870  1.00 19.74 ? 523 LEU B O   1 
ATOM   1577 C CB  . LEU B 1 95  ? 8.889   7.959   -6.307  1.00 16.36 ? 523 LEU B CB  1 
ATOM   1578 C CG  . LEU B 1 95  ? 7.794   7.007   -6.799  1.00 15.94 ? 523 LEU B CG  1 
ATOM   1579 C CD1 . LEU B 1 95  ? 6.436   7.514   -6.344  1.00 16.16 ? 523 LEU B CD1 1 
ATOM   1580 C CD2 . LEU B 1 95  ? 7.839   6.904   -8.312  1.00 16.15 ? 523 LEU B CD2 1 
ATOM   1581 N N   . PRO B 1 96  ? 11.559  9.666   -6.684  1.00 19.67 ? 524 PRO B N   1 
ATOM   1582 C CA  . PRO B 1 96  ? 12.460  10.680  -6.132  1.00 21.02 ? 524 PRO B CA  1 
ATOM   1583 C C   . PRO B 1 96  ? 11.870  11.342  -4.887  1.00 20.82 ? 524 PRO B C   1 
ATOM   1584 O O   . PRO B 1 96  ? 12.593  11.923  -4.080  1.00 22.74 ? 524 PRO B O   1 
ATOM   1585 C CB  . PRO B 1 96  ? 12.630  11.659  -7.293  1.00 21.55 ? 524 PRO B CB  1 
ATOM   1586 C CG  . PRO B 1 96  ? 11.322  11.549  -8.022  1.00 22.66 ? 524 PRO B CG  1 
ATOM   1587 C CD  . PRO B 1 96  ? 11.094  10.052  -8.028  1.00 19.80 ? 524 PRO B CD  1 
ATOM   1588 N N   . CYS B 1 97  ? 10.552  11.244  -4.744  1.00 20.94 ? 525 CYS B N   1 
ATOM   1589 C CA  . CYS B 1 97  ? 9.841   11.822  -3.610  1.00 20.90 ? 525 CYS B CA  1 
ATOM   1590 C C   . CYS B 1 97  ? 8.424   11.257  -3.561  1.00 20.90 ? 525 CYS B C   1 
ATOM   1591 O O   . CYS B 1 97  ? 7.990   10.580  -4.491  1.00 21.08 ? 525 CYS B O   1 
ATOM   1592 C CB  . CYS B 1 97  ? 9.779   13.348  -3.746  1.00 21.35 ? 525 CYS B CB  1 
ATOM   1593 S SG  . CYS B 1 97  ? 8.832   13.941  -5.180  1.00 21.42 ? 525 CYS B SG  1 
ATOM   1594 N N   . LYS B 1 98  ? 7.703   11.532  -2.480  1.00 20.51 ? 526 LYS B N   1 
ATOM   1595 C CA  . LYS B 1 98  ? 6.332   11.048  -2.350  1.00 21.15 ? 526 LYS B CA  1 
ATOM   1596 C C   . LYS B 1 98  ? 5.383   11.878  -3.213  1.00 21.12 ? 526 LYS B C   1 
ATOM   1597 O O   . LYS B 1 98  ? 5.690   13.018  -3.572  1.00 19.72 ? 526 LYS B O   1 
ATOM   1598 C CB  . LYS B 1 98  ? 5.872   11.130  -0.892  1.00 23.72 ? 526 LYS B CB  1 
ATOM   1599 C CG  . LYS B 1 98  ? 6.637   10.228  0.068   1.00 24.52 ? 526 LYS B CG  1 
ATOM   1600 C CD  . LYS B 1 98  ? 6.154   10.418  1.501   1.00 26.92 ? 526 LYS B CD  1 
ATOM   1601 C CE  . LYS B 1 98  ? 6.512   11.795  2.031   1.00 28.28 ? 526 LYS B CE  1 
ATOM   1602 N NZ  . LYS B 1 98  ? 6.124   11.972  3.459   1.00 27.68 ? 526 LYS B NZ  1 
ATOM   1603 N N   . LEU B 1 99  ? 4.233   11.299  -3.548  1.00 20.59 ? 527 LEU B N   1 
ATOM   1604 C CA  . LEU B 1 99  ? 3.222   12.000  -4.332  1.00 21.27 ? 527 LEU B CA  1 
ATOM   1605 C C   . LEU B 1 99  ? 2.562   12.954  -3.350  1.00 22.20 ? 527 LEU B C   1 
ATOM   1606 O O   . LEU B 1 99  ? 2.030   12.527  -2.325  1.00 23.42 ? 527 LEU B O   1 
ATOM   1607 C CB  . LEU B 1 99  ? 2.188   11.015  -4.878  1.00 20.01 ? 527 LEU B CB  1 
ATOM   1608 C CG  . LEU B 1 99  ? 2.747   9.861   -5.715  1.00 18.98 ? 527 LEU B CG  1 
ATOM   1609 C CD1 . LEU B 1 99  ? 1.591   9.006   -6.213  1.00 18.54 ? 527 LEU B CD1 1 
ATOM   1610 C CD2 . LEU B 1 99  ? 3.562   10.406  -6.889  1.00 18.58 ? 527 LEU B CD2 1 
ATOM   1611 N N   . LYS B 1 100 ? 2.590   14.246  -3.657  1.00 22.84 ? 528 LYS B N   1 
ATOM   1612 C CA  . LYS B 1 100 ? 2.032   15.238  -2.746  1.00 24.64 ? 528 LYS B CA  1 
ATOM   1613 C C   . LYS B 1 100 ? 0.759   15.912  -3.238  1.00 25.08 ? 528 LYS B C   1 
ATOM   1614 O O   . LYS B 1 100 ? -0.283  15.828  -2.589  1.00 26.41 ? 528 LYS B O   1 
ATOM   1615 C CB  . LYS B 1 100 ? 3.097   16.296  -2.457  1.00 26.04 ? 528 LYS B CB  1 
ATOM   1616 C CG  . LYS B 1 100 ? 2.827   17.172  -1.249  1.00 28.19 ? 528 LYS B CG  1 
ATOM   1617 C CD  . LYS B 1 100 ? 3.933   18.205  -1.100  1.00 31.18 ? 528 LYS B CD  1 
ATOM   1618 C CE  . LYS B 1 100 ? 3.822   18.961  0.212   1.00 33.34 ? 528 LYS B CE  1 
ATOM   1619 N NZ  . LYS B 1 100 ? 4.015   18.050  1.372   1.00 34.37 ? 528 LYS B NZ  1 
ATOM   1620 N N   . HIS B 1 101 ? 0.849   16.582  -4.384  1.00 24.67 ? 529 HIS B N   1 
ATOM   1621 C CA  . HIS B 1 101 ? -0.294  17.294  -4.958  1.00 23.71 ? 529 HIS B CA  1 
ATOM   1622 C C   . HIS B 1 101 ? -0.559  16.824  -6.381  1.00 21.58 ? 529 HIS B C   1 
ATOM   1623 O O   . HIS B 1 101 ? 0.367   16.726  -7.184  1.00 20.68 ? 529 HIS B O   1 
ATOM   1624 C CB  . HIS B 1 101 ? -0.011  18.801  -4.993  1.00 25.56 ? 529 HIS B CB  1 
ATOM   1625 C CG  . HIS B 1 101 ? 0.451   19.364  -3.686  1.00 27.91 ? 529 HIS B CG  1 
ATOM   1626 N ND1 . HIS B 1 101 ? -0.358  19.426  -2.573  1.00 29.11 ? 529 HIS B ND1 1 
ATOM   1627 C CD2 . HIS B 1 101 ? 1.637   19.907  -3.321  1.00 28.96 ? 529 HIS B CD2 1 
ATOM   1628 C CE1 . HIS B 1 101 ? 0.309   19.984  -1.578  1.00 29.25 ? 529 HIS B CE1 1 
ATOM   1629 N NE2 . HIS B 1 101 ? 1.522   20.286  -2.006  1.00 29.33 ? 529 HIS B NE2 1 
ATOM   1630 N N   . HIS B 1 102 ? -1.818  16.541  -6.695  1.00 22.24 ? 530 HIS B N   1 
ATOM   1631 C CA  . HIS B 1 102 ? -2.157  16.087  -8.038  1.00 22.85 ? 530 HIS B CA  1 
ATOM   1632 C C   . HIS B 1 102 ? -2.490  17.264  -8.942  1.00 22.10 ? 530 HIS B C   1 
ATOM   1633 O O   . HIS B 1 102 ? -3.018  18.284  -8.490  1.00 22.34 ? 530 HIS B O   1 
ATOM   1634 C CB  . HIS B 1 102 ? -3.350  15.126  -8.013  1.00 24.45 ? 530 HIS B CB  1 
ATOM   1635 C CG  . HIS B 1 102 ? -4.668  15.798  -7.777  1.00 28.35 ? 530 HIS B CG  1 
ATOM   1636 N ND1 . HIS B 1 102 ? -5.156  16.067  -6.517  1.00 30.97 ? 530 HIS B ND1 1 
ATOM   1637 C CD2 . HIS B 1 102 ? -5.591  16.277  -8.649  1.00 28.64 ? 530 HIS B CD2 1 
ATOM   1638 C CE1 . HIS B 1 102 ? -6.321  16.682  -6.619  1.00 31.38 ? 530 HIS B CE1 1 
ATOM   1639 N NE2 . HIS B 1 102 ? -6.608  16.821  -7.901  1.00 31.05 ? 530 HIS B NE2 1 
ATOM   1640 N N   . CYS B 1 103 ? -2.174  17.117  -10.224 1.00 21.32 ? 531 CYS B N   1 
ATOM   1641 C CA  . CYS B 1 103 ? -2.466  18.154  -11.204 1.00 20.75 ? 531 CYS B CA  1 
ATOM   1642 C C   . CYS B 1 103 ? -3.963  18.139  -11.458 1.00 20.95 ? 531 CYS B C   1 
ATOM   1643 O O   . CYS B 1 103 ? -4.564  17.072  -11.560 1.00 18.63 ? 531 CYS B O   1 
ATOM   1644 C CB  . CYS B 1 103 ? -1.730  17.876  -12.518 1.00 19.61 ? 531 CYS B CB  1 
ATOM   1645 S SG  . CYS B 1 103 ? 0.056   18.100  -12.438 1.00 23.18 ? 531 CYS B SG  1 
ATOM   1646 N N   . ILE B 1 104 ? -4.563  19.319  -11.555 1.00 21.57 ? 532 ILE B N   1 
ATOM   1647 C CA  . ILE B 1 104 ? -5.994  19.426  -11.814 1.00 23.56 ? 532 ILE B CA  1 
ATOM   1648 C C   . ILE B 1 104 ? -6.228  19.168  -13.297 1.00 24.30 ? 532 ILE B C   1 
ATOM   1649 O O   . ILE B 1 104 ? -5.545  19.745  -14.141 1.00 23.93 ? 532 ILE B O   1 
ATOM   1650 C CB  . ILE B 1 104 ? -6.516  20.834  -11.451 1.00 25.38 ? 532 ILE B CB  1 
ATOM   1651 C CG1 . ILE B 1 104 ? -6.168  21.152  -9.994  1.00 26.58 ? 532 ILE B CG1 1 
ATOM   1652 C CG2 . ILE B 1 104 ? -8.018  20.908  -11.677 1.00 25.26 ? 532 ILE B CG2 1 
ATOM   1653 C CD1 . ILE B 1 104 ? -6.639  22.513  -9.525  1.00 30.13 ? 532 ILE B CD1 1 
ATOM   1654 N N   . ARG B 1 105 ? -7.184  18.298  -13.615 1.00 25.51 ? 533 ARG B N   1 
ATOM   1655 C CA  . ARG B 1 105 ? -7.482  17.979  -15.009 1.00 28.01 ? 533 ARG B CA  1 
ATOM   1656 C C   . ARG B 1 105 ? -7.755  19.249  -15.805 1.00 29.14 ? 533 ARG B C   1 
ATOM   1657 O O   . ARG B 1 105 ? -8.748  19.920  -15.455 1.00 29.64 ? 533 ARG B O   1 
ATOM   1658 C CB  . ARG B 1 105 ? -8.700  17.059  -15.117 1.00 29.61 ? 533 ARG B CB  1 
ATOM   1659 C CG  . ARG B 1 105 ? -8.538  15.674  -14.518 1.00 31.88 ? 533 ARG B CG  1 
ATOM   1660 C CD  . ARG B 1 105 ? -9.735  14.813  -14.909 1.00 32.71 ? 533 ARG B CD  1 
ATOM   1661 N NE  . ARG B 1 105 ? -9.815  13.561  -14.163 1.00 34.18 ? 533 ARG B NE  1 
ATOM   1662 C CZ  . ARG B 1 105 ? -10.731 12.623  -14.388 1.00 34.86 ? 533 ARG B CZ  1 
ATOM   1663 N NH1 . ARG B 1 105 ? -11.640 12.797  -15.338 1.00 34.97 ? 533 ARG B NH1 1 
ATOM   1664 N NH2 . ARG B 1 105 ? -10.744 11.512  -13.665 1.00 32.29 ? 533 ARG B NH2 1 
HETATM 1665 O O   . HOH C 2 .   ? -3.209  -8.467  22.140  1.00 15.12 ? 2   HOH A O   1 
HETATM 1666 O O   . HOH C 2 .   ? -5.586  -1.291  22.538  1.00 13.61 ? 3   HOH A O   1 
HETATM 1667 O O   . HOH C 2 .   ? -13.514 -13.656 10.844  1.00 15.89 ? 4   HOH A O   1 
HETATM 1668 O O   . HOH C 2 .   ? -9.415  -1.157  17.521  1.00 13.43 ? 5   HOH A O   1 
HETATM 1669 O O   . HOH C 2 .   ? 7.605   -4.032  5.369   1.00 13.29 ? 6   HOH A O   1 
HETATM 1670 O O   . HOH C 2 .   ? 4.640   -1.280  7.971   1.00 14.48 ? 8   HOH A O   1 
HETATM 1671 O O   . HOH C 2 .   ? -12.685 -8.166  6.040   1.00 21.27 ? 9   HOH A O   1 
HETATM 1672 O O   . HOH C 2 .   ? -10.795 -21.457 16.075  1.00 21.79 ? 10  HOH A O   1 
HETATM 1673 O O   . HOH C 2 .   ? -2.816  -0.763  0.492   1.00 15.16 ? 13  HOH A O   1 
HETATM 1674 O O   . HOH C 2 .   ? 6.327   -9.955  -1.949  1.00 23.74 ? 14  HOH A O   1 
HETATM 1675 O O   . HOH C 2 .   ? 6.965   -5.226  14.012  1.00 15.35 ? 15  HOH A O   1 
HETATM 1676 O O   . HOH C 2 .   ? 2.214   -22.443 8.613   1.00 10.56 ? 16  HOH A O   1 
HETATM 1677 O O   . HOH C 2 .   ? 0.974   -16.315 2.185   1.00 17.96 ? 17  HOH A O   1 
HETATM 1678 O O   . HOH C 2 .   ? -8.118  -13.067 24.989  1.00 20.26 ? 20  HOH A O   1 
HETATM 1679 O O   . HOH C 2 .   ? 7.831   -3.227  2.785   1.00 22.02 ? 21  HOH A O   1 
HETATM 1680 O O   . HOH C 2 .   ? -5.167  -6.389  -1.169  1.00 18.52 ? 23  HOH A O   1 
HETATM 1681 O O   . HOH C 2 .   ? -16.233 -1.640  11.633  1.00 20.71 ? 24  HOH A O   1 
HETATM 1682 O O   . HOH C 2 .   ? -0.558  5.478   23.044  1.00 24.87 ? 25  HOH A O   1 
HETATM 1683 O O   . HOH C 2 .   ? -11.444 -14.172 17.972  1.00 19.60 ? 27  HOH A O   1 
HETATM 1684 O O   . HOH C 2 .   ? -7.291  1.359   10.958  1.00 28.13 ? 28  HOH A O   1 
HETATM 1685 O O   . HOH C 2 .   ? 2.230   -9.961  21.299  1.00 23.27 ? 29  HOH A O   1 
HETATM 1686 O O   . HOH C 2 .   ? -2.660  -12.676 -0.255  1.00 23.97 ? 32  HOH A O   1 
HETATM 1687 O O   . HOH C 2 .   ? 11.294  -3.079  15.693  1.00 22.08 ? 33  HOH A O   1 
HETATM 1688 O O   . HOH C 2 .   ? -5.535  -0.774  19.869  1.00 16.23 ? 34  HOH A O   1 
HETATM 1689 O O   . HOH C 2 .   ? 2.897   4.786   20.924  1.00 21.43 ? 36  HOH A O   1 
HETATM 1690 O O   . HOH C 2 .   ? 3.829   -8.086  20.359  1.00 25.65 ? 37  HOH A O   1 
HETATM 1691 O O   . HOH C 2 .   ? -7.111  -22.179 8.013   1.00 20.73 ? 39  HOH A O   1 
HETATM 1692 O O   . HOH C 2 .   ? 7.523   -7.116  -0.545  1.00 19.23 ? 40  HOH A O   1 
HETATM 1693 O O   . HOH C 2 .   ? 7.267   -16.850 1.645   1.00 22.86 ? 41  HOH A O   1 
HETATM 1694 O O   . HOH C 2 .   ? 4.006   -15.138 0.245   1.00 17.40 ? 43  HOH A O   1 
HETATM 1695 O O   . HOH C 2 .   ? -1.740  -21.477 2.446   1.00 17.01 ? 44  HOH A O   1 
HETATM 1696 O O   . HOH C 2 .   ? -7.766  6.319   6.655   1.00 44.42 ? 46  HOH A O   1 
HETATM 1697 O O   . HOH C 2 .   ? 8.897   -0.046  2.166   1.00 39.90 ? 49  HOH A O   1 
HETATM 1698 O O   . HOH C 2 .   ? 0.891   -20.307 0.757   1.00 26.56 ? 50  HOH A O   1 
HETATM 1699 O O   . HOH C 2 .   ? 11.397  -2.459  5.900   1.00 17.16 ? 51  HOH A O   1 
HETATM 1700 O O   . HOH C 2 .   ? -11.914 0.287   19.706  1.00 29.55 ? 55  HOH A O   1 
HETATM 1701 O O   . HOH C 2 .   ? -4.646  3.564   17.103  1.00 21.34 ? 56  HOH A O   1 
HETATM 1702 O O   . HOH C 2 .   ? -7.085  4.968   22.580  1.00 37.60 ? 58  HOH A O   1 
HETATM 1703 O O   . HOH C 2 .   ? 6.152   -25.699 14.655  1.00 25.42 ? 59  HOH A O   1 
HETATM 1704 O O   . HOH C 2 .   ? -15.526 -2.899  8.319   1.00 24.18 ? 60  HOH A O   1 
HETATM 1705 O O   . HOH C 2 .   ? 8.485   6.768   6.433   1.00 39.28 ? 64  HOH A O   1 
HETATM 1706 O O   . HOH C 2 .   ? -6.150  -13.643 0.160   1.00 42.45 ? 65  HOH A O   1 
HETATM 1707 O O   . HOH C 2 .   ? 6.881   -13.252 17.850  1.00 28.69 ? 66  HOH A O   1 
HETATM 1708 O O   . HOH C 2 .   ? 2.595   -18.538 2.404   1.00 18.41 ? 69  HOH A O   1 
HETATM 1709 O O   . HOH C 2 .   ? -6.253  1.820   18.747  1.00 17.89 ? 72  HOH A O   1 
HETATM 1710 O O   . HOH C 2 .   ? 3.535   -25.143 6.527   1.00 18.61 ? 73  HOH A O   1 
HETATM 1711 O O   . HOH C 2 .   ? -11.223 -15.275 20.576  1.00 28.44 ? 75  HOH A O   1 
HETATM 1712 O O   . HOH C 2 .   ? -8.772  -7.705  3.656   1.00 31.66 ? 76  HOH A O   1 
HETATM 1713 O O   . HOH C 2 .   ? 4.887   -21.327 2.120   1.00 23.33 ? 77  HOH A O   1 
HETATM 1714 O O   . HOH C 2 .   ? -17.976 -8.524  10.455  1.00 35.61 ? 78  HOH A O   1 
HETATM 1715 O O   . HOH C 2 .   ? 7.068   -0.273  13.810  1.00 20.21 ? 80  HOH A O   1 
HETATM 1716 O O   . HOH C 2 .   ? -11.916 -5.786  21.690  1.00 23.80 ? 81  HOH A O   1 
HETATM 1717 O O   . HOH C 2 .   ? -16.903 -6.450  15.103  1.00 39.22 ? 82  HOH A O   1 
HETATM 1718 O O   . HOH C 2 .   ? 10.422  -10.956 3.969   1.00 19.83 ? 86  HOH A O   1 
HETATM 1719 O O   . HOH C 2 .   ? -1.504  -10.219 25.312  1.00 21.78 ? 89  HOH A O   1 
HETATM 1720 O O   . HOH C 2 .   ? -9.340  -21.056 9.055   1.00 24.69 ? 90  HOH A O   1 
HETATM 1721 O O   . HOH C 2 .   ? -0.683  -7.157  23.798  1.00 18.27 ? 93  HOH A O   1 
HETATM 1722 O O   . HOH C 2 .   ? 0.190   -24.581 4.979   1.00 20.83 ? 98  HOH A O   1 
HETATM 1723 O O   . HOH C 2 .   ? 9.891   -16.573 4.106   1.00 28.50 ? 99  HOH A O   1 
HETATM 1724 O O   . HOH C 2 .   ? -8.856  1.439   17.792  1.00 21.64 ? 106 HOH A O   1 
HETATM 1725 O O   . HOH C 2 .   ? -16.995 -15.294 12.953  1.00 28.68 ? 107 HOH A O   1 
HETATM 1726 O O   . HOH C 2 .   ? -4.422  6.426   2.650   1.00 23.32 ? 108 HOH A O   1 
HETATM 1727 O O   . HOH C 2 .   ? -9.124  -11.312 4.989   1.00 29.22 ? 110 HOH A O   1 
HETATM 1728 O O   . HOH C 2 .   ? -11.301 -9.913  4.580   1.00 31.65 ? 111 HOH A O   1 
HETATM 1729 O O   . HOH C 2 .   ? 8.795   1.635   0.307   1.00 29.97 ? 114 HOH A O   1 
HETATM 1730 O O   . HOH C 2 .   ? -12.252 -11.721 18.941  1.00 24.91 ? 115 HOH A O   1 
HETATM 1731 O O   . HOH C 2 .   ? -5.028  -15.034 27.587  1.00 29.47 ? 118 HOH A O   1 
HETATM 1732 O O   . HOH C 2 .   ? 8.406   4.745   3.229   1.00 31.86 ? 120 HOH A O   1 
HETATM 1733 O O   . HOH C 2 .   ? 4.812   -17.840 0.710   1.00 32.78 ? 122 HOH A O   1 
HETATM 1734 O O   . HOH C 2 .   ? 10.112  -8.555  0.752   1.00 23.66 ? 123 HOH A O   1 
HETATM 1735 O O   . HOH C 2 .   ? -2.398  -26.861 14.273  1.00 26.66 ? 124 HOH A O   1 
HETATM 1736 O O   . HOH C 2 .   ? 4.366   4.168   18.768  1.00 23.39 ? 125 HOH A O   1 
HETATM 1737 O O   . HOH C 2 .   ? -3.917  -19.057 4.793   1.00 29.59 ? 126 HOH A O   1 
HETATM 1738 O O   . HOH C 2 .   ? -0.424  -23.959 2.358   1.00 23.67 ? 127 HOH A O   1 
HETATM 1739 O O   . HOH C 2 .   ? -6.620  -1.762  -1.828  1.00 29.87 ? 129 HOH A O   1 
HETATM 1740 O O   . HOH C 2 .   ? 0.876   6.943   20.690  1.00 27.34 ? 130 HOH A O   1 
HETATM 1741 O O   . HOH C 2 .   ? 8.170   -3.252  18.373  1.00 27.55 ? 132 HOH A O   1 
HETATM 1742 O O   . HOH C 2 .   ? 5.355   -21.115 16.585  1.00 24.27 ? 133 HOH A O   1 
HETATM 1743 O O   . HOH C 2 .   ? -4.464  6.150   16.608  1.00 38.57 ? 134 HOH A O   1 
HETATM 1744 O O   . HOH C 2 .   ? 3.413   -23.180 15.996  1.00 28.29 ? 135 HOH A O   1 
HETATM 1745 O O   . HOH C 2 .   ? -11.205 -5.127  3.512   1.00 25.48 ? 137 HOH A O   1 
HETATM 1746 O O   . HOH C 2 .   ? 10.133  2.395   16.099  1.00 31.18 ? 138 HOH A O   1 
HETATM 1747 O O   . HOH C 2 .   ? -11.672 -2.506  18.964  1.00 31.93 ? 139 HOH A O   1 
HETATM 1748 O O   . HOH C 2 .   ? -13.112 -8.038  16.701  1.00 38.40 ? 140 HOH A O   1 
HETATM 1749 O O   . HOH C 2 .   ? 9.688   -11.804 9.190   1.00 22.59 ? 141 HOH A O   1 
HETATM 1750 O O   . HOH C 2 .   ? -15.084 -5.246  3.986   1.00 32.26 ? 142 HOH A O   1 
HETATM 1751 O O   . HOH C 2 .   ? 3.602   -28.426 12.581  1.00 35.64 ? 144 HOH A O   1 
HETATM 1752 O O   . HOH C 2 .   ? -3.119  -4.210  30.159  1.00 34.95 ? 147 HOH A O   1 
HETATM 1753 O O   . HOH C 2 .   ? -3.825  8.240   9.353   1.00 38.19 ? 148 HOH A O   1 
HETATM 1754 O O   . HOH C 2 .   ? 1.993   -22.874 1.257   1.00 26.17 ? 149 HOH A O   1 
HETATM 1755 O O   . HOH C 2 .   ? -5.995  -8.589  -2.451  1.00 33.64 ? 150 HOH A O   1 
HETATM 1756 O O   . HOH C 2 .   ? -7.909  2.327   22.526  1.00 44.89 ? 151 HOH A O   1 
HETATM 1757 O O   . HOH C 2 .   ? 4.322   4.253   12.731  1.00 29.57 ? 154 HOH A O   1 
HETATM 1758 O O   . HOH C 2 .   ? -5.885  -20.770 5.770   1.00 24.60 ? 155 HOH A O   1 
HETATM 1759 O O   . HOH C 2 .   ? 5.383   -13.553 -1.803  1.00 39.39 ? 157 HOH A O   1 
HETATM 1760 O O   . HOH C 2 .   ? -10.041 -2.448  1.167   1.00 33.74 ? 160 HOH A O   1 
HETATM 1761 O O   . HOH C 2 .   ? 0.896   -15.984 -0.324  1.00 38.32 ? 161 HOH A O   1 
HETATM 1762 O O   . HOH C 2 .   ? -5.557  6.163   24.714  1.00 32.11 ? 163 HOH A O   1 
HETATM 1763 O O   . HOH C 2 .   ? 6.811   4.544   12.250  1.00 38.73 ? 164 HOH A O   1 
HETATM 1764 O O   . HOH C 2 .   ? 0.692   -10.108 -5.311  1.00 39.61 ? 165 HOH A O   1 
HETATM 1765 O O   . HOH C 2 .   ? -8.820  0.941   8.853   1.00 28.20 ? 166 HOH A O   1 
HETATM 1766 O O   . HOH C 2 .   ? -16.070 -12.890 10.596  1.00 31.93 ? 170 HOH A O   1 
HETATM 1767 O O   . HOH C 2 .   ? 7.380   -3.923  0.333   1.00 27.64 ? 173 HOH A O   1 
HETATM 1768 O O   . HOH C 2 .   ? -9.542  -15.943 2.796   1.00 42.41 ? 175 HOH A O   1 
HETATM 1769 O O   . HOH C 2 .   ? -3.543  -13.163 28.879  1.00 37.75 ? 178 HOH A O   1 
HETATM 1770 O O   . HOH C 2 .   ? 12.292  -3.327  18.160  1.00 33.95 ? 179 HOH A O   1 
HETATM 1771 O O   . HOH D 2 .   ? 8.610   1.337   -5.028  1.00 15.77 ? 1   HOH B O   1 
HETATM 1772 O O   . HOH D 2 .   ? -2.942  23.157  -16.485 1.00 28.47 ? 7   HOH B O   1 
HETATM 1773 O O   . HOH D 2 .   ? 11.321  -1.346  -4.900  1.00 22.17 ? 11  HOH B O   1 
HETATM 1774 O O   . HOH D 2 .   ? 5.091   -0.291  -7.742  1.00 14.00 ? 12  HOH B O   1 
HETATM 1775 O O   . HOH D 2 .   ? -7.646  4.090   -17.997 1.00 21.42 ? 18  HOH B O   1 
HETATM 1776 O O   . HOH D 2 .   ? 9.418   3.239   -15.774 1.00 22.18 ? 19  HOH B O   1 
HETATM 1777 O O   . HOH D 2 .   ? -5.801  17.010  -18.262 1.00 23.58 ? 22  HOH B O   1 
HETATM 1778 O O   . HOH D 2 .   ? -4.119  2.456   -20.276 1.00 19.11 ? 26  HOH B O   1 
HETATM 1779 O O   . HOH D 2 .   ? -2.637  7.807   1.090   1.00 23.96 ? 30  HOH B O   1 
HETATM 1780 O O   . HOH D 2 .   ? 7.188   -2.664  -13.419 1.00 23.86 ? 31  HOH B O   1 
HETATM 1781 O O   . HOH D 2 .   ? 2.347   13.149  0.348   1.00 27.40 ? 35  HOH B O   1 
HETATM 1782 O O   . HOH D 2 .   ? -2.328  1.842   -0.627  1.00 23.67 ? 38  HOH B O   1 
HETATM 1783 O O   . HOH D 2 .   ? -5.930  0.378   -19.885 1.00 33.45 ? 42  HOH B O   1 
HETATM 1784 O O   . HOH D 2 .   ? -3.479  3.016   -22.951 1.00 22.58 ? 45  HOH B O   1 
HETATM 1785 O O   . HOH D 2 .   ? 12.472  17.742  -16.807 1.00 27.55 ? 47  HOH B O   1 
HETATM 1786 O O   . HOH D 2 .   ? 6.922   14.886  -1.964  1.00 28.06 ? 48  HOH B O   1 
HETATM 1787 O O   . HOH D 2 .   ? -6.148  8.651   -4.069  1.00 31.17 ? 52  HOH B O   1 
HETATM 1788 O O   . HOH D 2 .   ? 9.302   5.769   -18.136 1.00 37.23 ? 53  HOH B O   1 
HETATM 1789 O O   . HOH D 2 .   ? 1.724   26.540  -22.696 1.00 35.65 ? 54  HOH B O   1 
HETATM 1790 O O   . HOH D 2 .   ? 8.695   2.928   -13.168 1.00 26.83 ? 57  HOH B O   1 
HETATM 1791 O O   . HOH D 2 .   ? 1.548   -5.759  -20.907 1.00 28.89 ? 61  HOH B O   1 
HETATM 1792 O O   . HOH D 2 .   ? -9.355  11.828  -17.277 1.00 46.24 ? 62  HOH B O   1 
HETATM 1793 O O   . HOH D 2 .   ? -2.640  15.308  -24.931 1.00 32.95 ? 63  HOH B O   1 
HETATM 1794 O O   . HOH D 2 .   ? 9.331   7.887   1.918   1.00 28.94 ? 67  HOH B O   1 
HETATM 1795 O O   . HOH D 2 .   ? -17.052 10.592  -16.610 1.00 26.17 ? 68  HOH B O   1 
HETATM 1796 O O   . HOH D 2 .   ? 9.796   4.161   0.799   1.00 28.71 ? 70  HOH B O   1 
HETATM 1797 O O   . HOH D 2 .   ? -8.900  6.794   -19.963 1.00 29.95 ? 71  HOH B O   1 
HETATM 1798 O O   . HOH D 2 .   ? -5.272  11.050  -3.548  1.00 30.72 ? 74  HOH B O   1 
HETATM 1799 O O   . HOH D 2 .   ? -9.876  11.238  -6.835  1.00 27.29 ? 79  HOH B O   1 
HETATM 1800 O O   . HOH D 2 .   ? 0.384   6.050   -29.535 1.00 29.33 ? 83  HOH B O   1 
HETATM 1801 O O   . HOH D 2 .   ? 4.428   4.868   -21.946 1.00 34.07 ? 84  HOH B O   1 
HETATM 1802 O O   . HOH D 2 .   ? -8.043  17.111  -11.046 1.00 38.87 ? 85  HOH B O   1 
HETATM 1803 O O   . HOH D 2 .   ? 6.318   -7.309  -3.254  1.00 23.13 ? 87  HOH B O   1 
HETATM 1804 O O   . HOH D 2 .   ? -1.703  27.218  -13.974 1.00 36.86 ? 88  HOH B O   1 
HETATM 1805 O O   . HOH D 2 .   ? -15.164 8.693   -8.477  1.00 28.45 ? 91  HOH B O   1 
HETATM 1806 O O   . HOH D 2 .   ? -6.347  -6.419  -9.622  1.00 36.70 ? 92  HOH B O   1 
HETATM 1807 O O   . HOH D 2 .   ? 3.091   7.106   -22.816 1.00 26.24 ? 94  HOH B O   1 
HETATM 1808 O O   . HOH D 2 .   ? 15.038  5.027   -7.539  1.00 32.16 ? 95  HOH B O   1 
HETATM 1809 O O   . HOH D 2 .   ? -6.356  -4.218  -2.716  1.00 30.58 ? 96  HOH B O   1 
HETATM 1810 O O   . HOH D 2 .   ? -9.132  10.141  -22.046 1.00 30.75 ? 97  HOH B O   1 
HETATM 1811 O O   . HOH D 2 .   ? 9.283   12.681  -0.158  1.00 25.75 ? 100 HOH B O   1 
HETATM 1812 O O   . HOH D 2 .   ? 13.221  4.792   -0.956  1.00 40.28 ? 101 HOH B O   1 
HETATM 1813 O O   . HOH D 2 .   ? -13.684 3.027   -8.335  1.00 23.95 ? 102 HOH B O   1 
HETATM 1814 O O   . HOH D 2 .   ? -7.745  15.341  -18.885 1.00 38.20 ? 103 HOH B O   1 
HETATM 1815 O O   . HOH D 2 .   ? -14.793 9.271   -18.082 1.00 36.98 ? 104 HOH B O   1 
HETATM 1816 O O   . HOH D 2 .   ? -6.741  0.743   -11.534 1.00 15.80 ? 105 HOH B O   1 
HETATM 1817 O O   . HOH D 2 .   ? 11.684  0.938   -3.155  1.00 32.65 ? 109 HOH B O   1 
HETATM 1818 O O   . HOH D 2 .   ? -14.158 11.077  -15.462 1.00 26.42 ? 112 HOH B O   1 
HETATM 1819 O O   . HOH D 2 .   ? 8.327   0.531   -2.526  1.00 27.25 ? 113 HOH B O   1 
HETATM 1820 O O   . HOH D 2 .   ? -8.099  1.290   -18.327 1.00 31.80 ? 116 HOH B O   1 
HETATM 1821 O O   . HOH D 2 .   ? 5.938   8.306   -21.005 1.00 28.24 ? 117 HOH B O   1 
HETATM 1822 O O   . HOH D 2 .   ? -12.369 6.136   -10.375 1.00 30.28 ? 119 HOH B O   1 
HETATM 1823 O O   . HOH D 2 .   ? -10.451 8.823   -17.570 1.00 30.26 ? 121 HOH B O   1 
HETATM 1824 O O   . HOH D 2 .   ? -8.385  12.841  -5.346  1.00 43.28 ? 128 HOH B O   1 
HETATM 1825 O O   . HOH D 2 .   ? 4.460   -9.821  -4.363  1.00 31.07 ? 131 HOH B O   1 
HETATM 1826 O O   . HOH D 2 .   ? -5.075  18.101  -20.703 1.00 28.10 ? 136 HOH B O   1 
HETATM 1827 O O   . HOH D 2 .   ? -1.073  -4.902  -23.776 1.00 33.39 ? 143 HOH B O   1 
HETATM 1828 O O   . HOH D 2 .   ? 13.889  14.592  -15.796 1.00 34.53 ? 145 HOH B O   1 
HETATM 1829 O O   . HOH D 2 .   ? 13.889  -1.094  -6.563  1.00 34.73 ? 146 HOH B O   1 
HETATM 1830 O O   . HOH D 2 .   ? 8.586   -2.706  -1.622  1.00 39.01 ? 152 HOH B O   1 
HETATM 1831 O O   . HOH D 2 .   ? -10.177 5.466   -18.187 1.00 37.73 ? 153 HOH B O   1 
HETATM 1832 O O   . HOH D 2 .   ? 7.902   -0.107  -14.888 1.00 34.97 ? 156 HOH B O   1 
HETATM 1833 O O   . HOH D 2 .   ? 15.359  12.184  -4.262  1.00 32.33 ? 158 HOH B O   1 
HETATM 1834 O O   . HOH D 2 .   ? -4.397  -3.103  -17.568 1.00 34.06 ? 159 HOH B O   1 
HETATM 1835 O O   . HOH D 2 .   ? -12.593 11.136  -6.410  1.00 38.64 ? 162 HOH B O   1 
HETATM 1836 O O   . HOH D 2 .   ? 8.383   22.775  -4.135  1.00 40.08 ? 167 HOH B O   1 
HETATM 1837 O O   . HOH D 2 .   ? 16.151  5.638   -1.053  1.00 44.58 ? 168 HOH B O   1 
HETATM 1838 O O   . HOH D 2 .   ? 10.280  10.938  1.653   1.00 34.91 ? 169 HOH B O   1 
HETATM 1839 O O   . HOH D 2 .   ? 4.244   21.536  -1.575  1.00 35.57 ? 171 HOH B O   1 
HETATM 1840 O O   . HOH D 2 .   ? 5.596   19.333  -23.524 1.00 38.64 ? 172 HOH B O   1 
HETATM 1841 O O   . HOH D 2 .   ? -11.541 15.008  -12.414 1.00 39.99 ? 174 HOH B O   1 
HETATM 1842 O O   . HOH D 2 .   ? 8.667   17.015  -2.243  1.00 37.36 ? 176 HOH B O   1 
HETATM 1843 O O   . HOH D 2 .   ? 5.780   27.270  -8.415  1.00 43.02 ? 177 HOH B O   1 
# 
loop_
_pdbx_poly_seq_scheme.asym_id 
_pdbx_poly_seq_scheme.entity_id 
_pdbx_poly_seq_scheme.seq_id 
_pdbx_poly_seq_scheme.mon_id 
_pdbx_poly_seq_scheme.ndb_seq_num 
_pdbx_poly_seq_scheme.pdb_seq_num 
_pdbx_poly_seq_scheme.auth_seq_num 
_pdbx_poly_seq_scheme.pdb_mon_id 
_pdbx_poly_seq_scheme.auth_mon_id 
_pdbx_poly_seq_scheme.pdb_strand_id 
_pdbx_poly_seq_scheme.pdb_ins_code 
_pdbx_poly_seq_scheme.hetero 
A 1 1   ILE 1   429 429 ILE ILE A . n 
A 1 2   HIS 2   430 430 HIS HIS A . n 
A 1 3   ARG 3   431 431 ARG ARG A . n 
A 1 4   THR 4   432 432 THR THR A . n 
A 1 5   GLN 5   433 433 GLN GLN A . n 
A 1 6   HIS 6   434 434 HIS HIS A . n 
A 1 7   TRP 7   435 435 TRP TRP A . n 
A 1 8   PHE 8   436 436 PHE PHE A . n 
A 1 9   HIS 9   437 437 HIS HIS A . n 
A 1 10  GLY 10  438 438 GLY GLY A . n 
A 1 11  ARG 11  439 439 ARG ARG A . n 
A 1 12  ILE 12  440 440 ILE ILE A . n 
A 1 13  SER 13  441 441 SER SER A . n 
A 1 14  ARG 14  442 442 ARG ARG A . n 
A 1 15  GLU 15  443 443 GLU GLU A . n 
A 1 16  GLU 16  444 444 GLU GLU A . n 
A 1 17  SER 17  445 445 SER SER A . n 
A 1 18  HIS 18  446 446 HIS HIS A . n 
A 1 19  ARG 19  447 447 ARG ARG A . n 
A 1 20  ILE 20  448 448 ILE ILE A . n 
A 1 21  ILE 21  449 449 ILE ILE A . n 
A 1 22  LYS 22  450 450 LYS LYS A . n 
A 1 23  GLN 23  451 451 GLN GLN A . n 
A 1 24  GLN 24  452 452 GLN GLN A . n 
A 1 25  GLY 25  453 453 GLY GLY A . n 
A 1 26  LEU 26  454 454 LEU LEU A . n 
A 1 27  VAL 27  455 455 VAL VAL A . n 
A 1 28  ASP 28  456 456 ASP ASP A . n 
A 1 29  GLY 29  457 457 GLY GLY A . n 
A 1 30  LEU 30  458 458 LEU LEU A . n 
A 1 31  PHE 31  459 459 PHE PHE A . n 
A 1 32  LEU 32  460 460 LEU LEU A . n 
A 1 33  LEU 33  461 461 LEU LEU A . n 
A 1 34  ARG 34  462 462 ARG ARG A . n 
A 1 35  ASP 35  463 463 ASP ASP A . n 
A 1 36  SER 36  464 464 SER SER A . n 
A 1 37  GLN 37  465 465 GLN GLN A . n 
A 1 38  SER 38  466 466 SER SER A . n 
A 1 39  ASN 39  467 467 ASN ASN A . n 
A 1 40  PRO 40  468 468 PRO PRO A . n 
A 1 41  LYS 41  469 469 LYS LYS A . n 
A 1 42  ALA 42  470 470 ALA ALA A . n 
A 1 43  PHE 43  471 471 PHE PHE A . n 
A 1 44  VAL 44  472 472 VAL VAL A . n 
A 1 45  LEU 45  473 473 LEU LEU A . n 
A 1 46  THR 46  474 474 THR THR A . n 
A 1 47  LEU 47  475 475 LEU LEU A . n 
A 1 48  CYS 48  476 476 CYS CYS A . n 
A 1 49  HIS 49  477 477 HIS HIS A . n 
A 1 50  HIS 50  478 478 HIS HIS A . n 
A 1 51  GLN 51  479 479 GLN GLN A . n 
A 1 52  LYS 52  480 480 LYS LYS A . n 
A 1 53  ILE 53  481 481 ILE ILE A . n 
A 1 54  LYS 54  482 482 LYS LYS A . n 
A 1 55  ASN 55  483 483 ASN ASN A . n 
A 1 56  PHE 56  484 484 PHE PHE A . n 
A 1 57  GLN 57  485 485 GLN GLN A . n 
A 1 58  ILE 58  486 486 ILE ILE A . n 
A 1 59  LEU 59  487 487 LEU LEU A . n 
A 1 60  PRO 60  488 488 PRO PRO A . n 
A 1 61  CYS 61  489 489 CYS CYS A . n 
A 1 62  GLU 62  490 ?   ?   ?   A . n 
A 1 63  ASP 63  491 ?   ?   ?   A . n 
A 1 64  ASP 64  492 ?   ?   ?   A . n 
A 1 65  GLY 65  493 ?   ?   ?   A . n 
A 1 66  GLN 66  494 ?   ?   ?   A . n 
A 1 67  THR 67  495 495 THR THR A . n 
A 1 68  PHE 68  496 496 PHE PHE A . n 
A 1 69  PHE 69  497 497 PHE PHE A . n 
A 1 70  SER 70  498 498 SER SER A . n 
A 1 71  LEU 71  499 499 LEU LEU A . n 
A 1 72  ASP 72  500 500 ASP ASP A . n 
A 1 73  ASP 73  501 501 ASP ASP A . n 
A 1 74  GLY 74  502 502 GLY GLY A . n 
A 1 75  ASN 75  503 503 ASN ASN A . n 
A 1 76  THR 76  504 504 THR THR A . n 
A 1 77  LYS 77  505 505 LYS LYS A . n 
A 1 78  PHE 78  506 506 PHE PHE A . n 
A 1 79  SER 79  507 507 SER SER A . n 
A 1 80  ASP 80  508 508 ASP ASP A . n 
A 1 81  LEU 81  509 509 LEU LEU A . n 
A 1 82  ILE 82  510 510 ILE ILE A . n 
A 1 83  GLN 83  511 511 GLN GLN A . n 
A 1 84  LEU 84  512 512 LEU LEU A . n 
A 1 85  VAL 85  513 513 VAL VAL A . n 
A 1 86  ASP 86  514 514 ASP ASP A . n 
A 1 87  PHE 87  515 515 PHE PHE A . n 
A 1 88  TYR 88  516 516 TYR TYR A . n 
A 1 89  GLN 89  517 517 GLN GLN A . n 
A 1 90  LEU 90  518 518 LEU LEU A . n 
A 1 91  ASN 91  519 519 ASN ASN A . n 
A 1 92  LYS 92  520 520 LYS LYS A . n 
A 1 93  GLY 93  521 521 GLY GLY A . n 
A 1 94  VAL 94  522 522 VAL VAL A . n 
A 1 95  LEU 95  523 523 LEU LEU A . n 
A 1 96  PRO 96  524 524 PRO PRO A . n 
A 1 97  CYS 97  525 525 CYS CYS A . n 
A 1 98  LYS 98  526 526 LYS LYS A . n 
A 1 99  LEU 99  527 527 LEU LEU A . n 
A 1 100 LYS 100 528 528 LYS LYS A . n 
A 1 101 HIS 101 529 529 HIS HIS A . n 
A 1 102 HIS 102 530 530 HIS HIS A . n 
A 1 103 CYS 103 531 531 CYS CYS A . n 
A 1 104 ILE 104 532 532 ILE ILE A . n 
A 1 105 ARG 105 533 533 ARG ARG A . n 
B 1 1   ILE 1   429 429 ILE ILE B . n 
B 1 2   HIS 2   430 430 HIS HIS B . n 
B 1 3   ARG 3   431 431 ARG ARG B . n 
B 1 4   THR 4   432 432 THR THR B . n 
B 1 5   GLN 5   433 433 GLN GLN B . n 
B 1 6   HIS 6   434 434 HIS HIS B . n 
B 1 7   TRP 7   435 435 TRP TRP B . n 
B 1 8   PHE 8   436 436 PHE PHE B . n 
B 1 9   HIS 9   437 437 HIS HIS B . n 
B 1 10  GLY 10  438 438 GLY GLY B . n 
B 1 11  ARG 11  439 439 ARG ARG B . n 
B 1 12  ILE 12  440 440 ILE ILE B . n 
B 1 13  SER 13  441 441 SER SER B . n 
B 1 14  ARG 14  442 442 ARG ARG B . n 
B 1 15  GLU 15  443 443 GLU GLU B . n 
B 1 16  GLU 16  444 444 GLU GLU B . n 
B 1 17  SER 17  445 445 SER SER B . n 
B 1 18  HIS 18  446 446 HIS HIS B . n 
B 1 19  ARG 19  447 447 ARG ARG B . n 
B 1 20  ILE 20  448 448 ILE ILE B . n 
B 1 21  ILE 21  449 449 ILE ILE B . n 
B 1 22  LYS 22  450 450 LYS LYS B . n 
B 1 23  GLN 23  451 451 GLN GLN B . n 
B 1 24  GLN 24  452 452 GLN GLN B . n 
B 1 25  GLY 25  453 453 GLY GLY B . n 
B 1 26  LEU 26  454 454 LEU LEU B . n 
B 1 27  VAL 27  455 455 VAL VAL B . n 
B 1 28  ASP 28  456 456 ASP ASP B . n 
B 1 29  GLY 29  457 457 GLY GLY B . n 
B 1 30  LEU 30  458 458 LEU LEU B . n 
B 1 31  PHE 31  459 459 PHE PHE B . n 
B 1 32  LEU 32  460 460 LEU LEU B . n 
B 1 33  LEU 33  461 461 LEU LEU B . n 
B 1 34  ARG 34  462 462 ARG ARG B . n 
B 1 35  ASP 35  463 463 ASP ASP B . n 
B 1 36  SER 36  464 464 SER SER B . n 
B 1 37  GLN 37  465 465 GLN GLN B . n 
B 1 38  SER 38  466 466 SER SER B . n 
B 1 39  ASN 39  467 467 ASN ASN B . n 
B 1 40  PRO 40  468 468 PRO PRO B . n 
B 1 41  LYS 41  469 469 LYS LYS B . n 
B 1 42  ALA 42  470 470 ALA ALA B . n 
B 1 43  PHE 43  471 471 PHE PHE B . n 
B 1 44  VAL 44  472 472 VAL VAL B . n 
B 1 45  LEU 45  473 473 LEU LEU B . n 
B 1 46  THR 46  474 474 THR THR B . n 
B 1 47  LEU 47  475 475 LEU LEU B . n 
B 1 48  CYS 48  476 476 CYS CYS B . n 
B 1 49  HIS 49  477 477 HIS HIS B . n 
B 1 50  HIS 50  478 478 HIS HIS B . n 
B 1 51  GLN 51  479 479 GLN GLN B . n 
B 1 52  LYS 52  480 480 LYS LYS B . n 
B 1 53  ILE 53  481 481 ILE ILE B . n 
B 1 54  LYS 54  482 482 LYS LYS B . n 
B 1 55  ASN 55  483 483 ASN ASN B . n 
B 1 56  PHE 56  484 484 PHE PHE B . n 
B 1 57  GLN 57  485 485 GLN GLN B . n 
B 1 58  ILE 58  486 486 ILE ILE B . n 
B 1 59  LEU 59  487 487 LEU LEU B . n 
B 1 60  PRO 60  488 488 PRO PRO B . n 
B 1 61  CYS 61  489 489 CYS CYS B . n 
B 1 62  GLU 62  490 ?   ?   ?   B . n 
B 1 63  ASP 63  491 ?   ?   ?   B . n 
B 1 64  ASP 64  492 ?   ?   ?   B . n 
B 1 65  GLY 65  493 ?   ?   ?   B . n 
B 1 66  GLN 66  494 ?   ?   ?   B . n 
B 1 67  THR 67  495 495 THR THR B . n 
B 1 68  PHE 68  496 496 PHE PHE B . n 
B 1 69  PHE 69  497 497 PHE PHE B . n 
B 1 70  SER 70  498 498 SER SER B . n 
B 1 71  LEU 71  499 499 LEU LEU B . n 
B 1 72  ASP 72  500 500 ASP ASP B . n 
B 1 73  ASP 73  501 501 ASP ASP B . n 
B 1 74  GLY 74  502 502 GLY GLY B . n 
B 1 75  ASN 75  503 503 ASN ASN B . n 
B 1 76  THR 76  504 504 THR THR B . n 
B 1 77  LYS 77  505 505 LYS LYS B . n 
B 1 78  PHE 78  506 506 PHE PHE B . n 
B 1 79  SER 79  507 507 SER SER B . n 
B 1 80  ASP 80  508 508 ASP ASP B . n 
B 1 81  LEU 81  509 509 LEU LEU B . n 
B 1 82  ILE 82  510 510 ILE ILE B . n 
B 1 83  GLN 83  511 511 GLN GLN B . n 
B 1 84  LEU 84  512 512 LEU LEU B . n 
B 1 85  VAL 85  513 513 VAL VAL B . n 
B 1 86  ASP 86  514 514 ASP ASP B . n 
B 1 87  PHE 87  515 515 PHE PHE B . n 
B 1 88  TYR 88  516 516 TYR TYR B . n 
B 1 89  GLN 89  517 517 GLN GLN B . n 
B 1 90  LEU 90  518 518 LEU LEU B . n 
B 1 91  ASN 91  519 519 ASN ASN B . n 
B 1 92  LYS 92  520 520 LYS LYS B . n 
B 1 93  GLY 93  521 521 GLY GLY B . n 
B 1 94  VAL 94  522 522 VAL VAL B . n 
B 1 95  LEU 95  523 523 LEU LEU B . n 
B 1 96  PRO 96  524 524 PRO PRO B . n 
B 1 97  CYS 97  525 525 CYS CYS B . n 
B 1 98  LYS 98  526 526 LYS LYS B . n 
B 1 99  LEU 99  527 527 LEU LEU B . n 
B 1 100 LYS 100 528 528 LYS LYS B . n 
B 1 101 HIS 101 529 529 HIS HIS B . n 
B 1 102 HIS 102 530 530 HIS HIS B . n 
B 1 103 CYS 103 531 531 CYS CYS B . n 
B 1 104 ILE 104 532 532 ILE ILE B . n 
B 1 105 ARG 105 533 533 ARG ARG B . n 
# 
loop_
_pdbx_nonpoly_scheme.asym_id 
_pdbx_nonpoly_scheme.entity_id 
_pdbx_nonpoly_scheme.mon_id 
_pdbx_nonpoly_scheme.ndb_seq_num 
_pdbx_nonpoly_scheme.pdb_seq_num 
_pdbx_nonpoly_scheme.auth_seq_num 
_pdbx_nonpoly_scheme.pdb_mon_id 
_pdbx_nonpoly_scheme.auth_mon_id 
_pdbx_nonpoly_scheme.pdb_strand_id 
_pdbx_nonpoly_scheme.pdb_ins_code 
C 2 HOH 1   2   2   HOH HOH A . 
C 2 HOH 2   3   3   HOH HOH A . 
C 2 HOH 3   4   4   HOH HOH A . 
C 2 HOH 4   5   5   HOH HOH A . 
C 2 HOH 5   6   6   HOH HOH A . 
C 2 HOH 6   8   8   HOH HOH A . 
C 2 HOH 7   9   9   HOH HOH A . 
C 2 HOH 8   10  10  HOH HOH A . 
C 2 HOH 9   13  13  HOH HOH A . 
C 2 HOH 10  14  14  HOH HOH A . 
C 2 HOH 11  15  15  HOH HOH A . 
C 2 HOH 12  16  16  HOH HOH A . 
C 2 HOH 13  17  17  HOH HOH A . 
C 2 HOH 14  20  20  HOH HOH A . 
C 2 HOH 15  21  21  HOH HOH A . 
C 2 HOH 16  23  23  HOH HOH A . 
C 2 HOH 17  24  24  HOH HOH A . 
C 2 HOH 18  25  25  HOH HOH A . 
C 2 HOH 19  27  27  HOH HOH A . 
C 2 HOH 20  28  28  HOH HOH A . 
C 2 HOH 21  29  29  HOH HOH A . 
C 2 HOH 22  32  32  HOH HOH A . 
C 2 HOH 23  33  33  HOH HOH A . 
C 2 HOH 24  34  34  HOH HOH A . 
C 2 HOH 25  36  36  HOH HOH A . 
C 2 HOH 26  37  37  HOH HOH A . 
C 2 HOH 27  39  39  HOH HOH A . 
C 2 HOH 28  40  40  HOH HOH A . 
C 2 HOH 29  41  41  HOH HOH A . 
C 2 HOH 30  43  43  HOH HOH A . 
C 2 HOH 31  44  44  HOH HOH A . 
C 2 HOH 32  46  46  HOH HOH A . 
C 2 HOH 33  49  49  HOH HOH A . 
C 2 HOH 34  50  50  HOH HOH A . 
C 2 HOH 35  51  51  HOH HOH A . 
C 2 HOH 36  55  55  HOH HOH A . 
C 2 HOH 37  56  56  HOH HOH A . 
C 2 HOH 38  58  58  HOH HOH A . 
C 2 HOH 39  59  59  HOH HOH A . 
C 2 HOH 40  60  60  HOH HOH A . 
C 2 HOH 41  64  64  HOH HOH A . 
C 2 HOH 42  65  65  HOH HOH A . 
C 2 HOH 43  66  66  HOH HOH A . 
C 2 HOH 44  69  69  HOH HOH A . 
C 2 HOH 45  72  72  HOH HOH A . 
C 2 HOH 46  73  73  HOH HOH A . 
C 2 HOH 47  75  75  HOH HOH A . 
C 2 HOH 48  76  76  HOH HOH A . 
C 2 HOH 49  77  77  HOH HOH A . 
C 2 HOH 50  78  78  HOH HOH A . 
C 2 HOH 51  80  80  HOH HOH A . 
C 2 HOH 52  81  81  HOH HOH A . 
C 2 HOH 53  82  82  HOH HOH A . 
C 2 HOH 54  86  86  HOH HOH A . 
C 2 HOH 55  89  89  HOH HOH A . 
C 2 HOH 56  90  90  HOH HOH A . 
C 2 HOH 57  93  93  HOH HOH A . 
C 2 HOH 58  98  98  HOH HOH A . 
C 2 HOH 59  99  99  HOH HOH A . 
C 2 HOH 60  106 106 HOH HOH A . 
C 2 HOH 61  107 107 HOH HOH A . 
C 2 HOH 62  108 108 HOH HOH A . 
C 2 HOH 63  110 110 HOH HOH A . 
C 2 HOH 64  111 111 HOH HOH A . 
C 2 HOH 65  114 114 HOH HOH A . 
C 2 HOH 66  115 115 HOH HOH A . 
C 2 HOH 67  118 118 HOH HOH A . 
C 2 HOH 68  120 120 HOH HOH A . 
C 2 HOH 69  122 122 HOH HOH A . 
C 2 HOH 70  123 123 HOH HOH A . 
C 2 HOH 71  124 124 HOH HOH A . 
C 2 HOH 72  125 125 HOH HOH A . 
C 2 HOH 73  126 126 HOH HOH A . 
C 2 HOH 74  127 127 HOH HOH A . 
C 2 HOH 75  129 129 HOH HOH A . 
C 2 HOH 76  130 130 HOH HOH A . 
C 2 HOH 77  132 132 HOH HOH A . 
C 2 HOH 78  133 133 HOH HOH A . 
C 2 HOH 79  134 134 HOH HOH A . 
C 2 HOH 80  135 135 HOH HOH A . 
C 2 HOH 81  137 137 HOH HOH A . 
C 2 HOH 82  138 138 HOH HOH A . 
C 2 HOH 83  139 139 HOH HOH A . 
C 2 HOH 84  140 140 HOH HOH A . 
C 2 HOH 85  141 141 HOH HOH A . 
C 2 HOH 86  142 142 HOH HOH A . 
C 2 HOH 87  144 144 HOH HOH A . 
C 2 HOH 88  147 147 HOH HOH A . 
C 2 HOH 89  148 148 HOH HOH A . 
C 2 HOH 90  149 149 HOH HOH A . 
C 2 HOH 91  150 150 HOH HOH A . 
C 2 HOH 92  151 151 HOH HOH A . 
C 2 HOH 93  154 154 HOH HOH A . 
C 2 HOH 94  155 155 HOH HOH A . 
C 2 HOH 95  157 157 HOH HOH A . 
C 2 HOH 96  160 160 HOH HOH A . 
C 2 HOH 97  161 161 HOH HOH A . 
C 2 HOH 98  163 163 HOH HOH A . 
C 2 HOH 99  164 164 HOH HOH A . 
C 2 HOH 100 165 165 HOH HOH A . 
C 2 HOH 101 166 166 HOH HOH A . 
C 2 HOH 102 170 170 HOH HOH A . 
C 2 HOH 103 173 173 HOH HOH A . 
C 2 HOH 104 175 175 HOH HOH A . 
C 2 HOH 105 178 178 HOH HOH A . 
C 2 HOH 106 179 179 HOH HOH A . 
D 2 HOH 1   1   1   HOH HOH B . 
D 2 HOH 2   7   7   HOH HOH B . 
D 2 HOH 3   11  11  HOH HOH B . 
D 2 HOH 4   12  12  HOH HOH B . 
D 2 HOH 5   18  18  HOH HOH B . 
D 2 HOH 6   19  19  HOH HOH B . 
D 2 HOH 7   22  22  HOH HOH B . 
D 2 HOH 8   26  26  HOH HOH B . 
D 2 HOH 9   30  30  HOH HOH B . 
D 2 HOH 10  31  31  HOH HOH B . 
D 2 HOH 11  35  35  HOH HOH B . 
D 2 HOH 12  38  38  HOH HOH B . 
D 2 HOH 13  42  42  HOH HOH B . 
D 2 HOH 14  45  45  HOH HOH B . 
D 2 HOH 15  47  47  HOH HOH B . 
D 2 HOH 16  48  48  HOH HOH B . 
D 2 HOH 17  52  52  HOH HOH B . 
D 2 HOH 18  53  53  HOH HOH B . 
D 2 HOH 19  54  54  HOH HOH B . 
D 2 HOH 20  57  57  HOH HOH B . 
D 2 HOH 21  61  61  HOH HOH B . 
D 2 HOH 22  62  62  HOH HOH B . 
D 2 HOH 23  63  63  HOH HOH B . 
D 2 HOH 24  67  67  HOH HOH B . 
D 2 HOH 25  68  68  HOH HOH B . 
D 2 HOH 26  70  70  HOH HOH B . 
D 2 HOH 27  71  71  HOH HOH B . 
D 2 HOH 28  74  74  HOH HOH B . 
D 2 HOH 29  79  79  HOH HOH B . 
D 2 HOH 30  83  83  HOH HOH B . 
D 2 HOH 31  84  84  HOH HOH B . 
D 2 HOH 32  85  85  HOH HOH B . 
D 2 HOH 33  87  87  HOH HOH B . 
D 2 HOH 34  88  88  HOH HOH B . 
D 2 HOH 35  91  91  HOH HOH B . 
D 2 HOH 36  92  92  HOH HOH B . 
D 2 HOH 37  94  94  HOH HOH B . 
D 2 HOH 38  95  95  HOH HOH B . 
D 2 HOH 39  96  96  HOH HOH B . 
D 2 HOH 40  97  97  HOH HOH B . 
D 2 HOH 41  100 100 HOH HOH B . 
D 2 HOH 42  101 101 HOH HOH B . 
D 2 HOH 43  102 102 HOH HOH B . 
D 2 HOH 44  103 103 HOH HOH B . 
D 2 HOH 45  104 104 HOH HOH B . 
D 2 HOH 46  105 105 HOH HOH B . 
D 2 HOH 47  109 109 HOH HOH B . 
D 2 HOH 48  112 112 HOH HOH B . 
D 2 HOH 49  113 113 HOH HOH B . 
D 2 HOH 50  116 116 HOH HOH B . 
D 2 HOH 51  117 117 HOH HOH B . 
D 2 HOH 52  119 119 HOH HOH B . 
D 2 HOH 53  121 121 HOH HOH B . 
D 2 HOH 54  128 128 HOH HOH B . 
D 2 HOH 55  131 131 HOH HOH B . 
D 2 HOH 56  136 136 HOH HOH B . 
D 2 HOH 57  143 143 HOH HOH B . 
D 2 HOH 58  145 145 HOH HOH B . 
D 2 HOH 59  146 146 HOH HOH B . 
D 2 HOH 60  152 152 HOH HOH B . 
D 2 HOH 61  153 153 HOH HOH B . 
D 2 HOH 62  156 156 HOH HOH B . 
D 2 HOH 63  158 158 HOH HOH B . 
D 2 HOH 64  159 159 HOH HOH B . 
D 2 HOH 65  162 162 HOH HOH B . 
D 2 HOH 66  167 167 HOH HOH B . 
D 2 HOH 67  168 168 HOH HOH B . 
D 2 HOH 68  169 169 HOH HOH B . 
D 2 HOH 69  171 171 HOH HOH B . 
D 2 HOH 70  172 172 HOH HOH B . 
D 2 HOH 71  174 174 HOH HOH B . 
D 2 HOH 72  176 176 HOH HOH B . 
D 2 HOH 73  177 177 HOH HOH B . 
# 
_pdbx_struct_assembly.id                   1 
_pdbx_struct_assembly.details              author_defined_assembly 
_pdbx_struct_assembly.method_details       ? 
_pdbx_struct_assembly.oligomeric_details   dimeric 
_pdbx_struct_assembly.oligomeric_count     2 
# 
_pdbx_struct_assembly_gen.assembly_id       1 
_pdbx_struct_assembly_gen.oper_expression   1 
_pdbx_struct_assembly_gen.asym_id_list      A,B,C,D 
# 
_pdbx_struct_oper_list.id                   1 
_pdbx_struct_oper_list.type                 'identity operation' 
_pdbx_struct_oper_list.name                 1_555 
_pdbx_struct_oper_list.symmetry_operation   x,y,z 
_pdbx_struct_oper_list.matrix[1][1]         1.0000000000 
_pdbx_struct_oper_list.matrix[1][2]         0.0000000000 
_pdbx_struct_oper_list.matrix[1][3]         0.0000000000 
_pdbx_struct_oper_list.vector[1]            0.0000000000 
_pdbx_struct_oper_list.matrix[2][1]         0.0000000000 
_pdbx_struct_oper_list.matrix[2][2]         1.0000000000 
_pdbx_struct_oper_list.matrix[2][3]         0.0000000000 
_pdbx_struct_oper_list.vector[2]            0.0000000000 
_pdbx_struct_oper_list.matrix[3][1]         0.0000000000 
_pdbx_struct_oper_list.matrix[3][2]         0.0000000000 
_pdbx_struct_oper_list.matrix[3][3]         1.0000000000 
_pdbx_struct_oper_list.vector[3]            0.0000000000 
# 
loop_
_pdbx_audit_revision_history.ordinal 
_pdbx_audit_revision_history.data_content_type 
_pdbx_audit_revision_history.major_revision 
_pdbx_audit_revision_history.minor_revision 
_pdbx_audit_revision_history.revision_date 
1 'Structure model' 1 0 2003-04-15 
2 'Structure model' 1 1 2008-04-29 
3 'Structure model' 1 2 2011-07-13 
4 'Structure model' 1 3 2023-08-16 
# 
_pdbx_audit_revision_details.ordinal             1 
_pdbx_audit_revision_details.revision_ordinal    1 
_pdbx_audit_revision_details.data_content_type   'Structure model' 
_pdbx_audit_revision_details.provider            repository 
_pdbx_audit_revision_details.type                'Initial release' 
_pdbx_audit_revision_details.description         ? 
_pdbx_audit_revision_details.details             ? 
# 
loop_
_pdbx_audit_revision_group.ordinal 
_pdbx_audit_revision_group.revision_ordinal 
_pdbx_audit_revision_group.data_content_type 
_pdbx_audit_revision_group.group 
1 2 'Structure model' 'Version format compliance' 
2 3 'Structure model' 'Version format compliance' 
3 4 'Structure model' 'Data collection'           
4 4 'Structure model' 'Database references'       
5 4 'Structure model' 'Refinement description'    
# 
loop_
_pdbx_audit_revision_category.ordinal 
_pdbx_audit_revision_category.revision_ordinal 
_pdbx_audit_revision_category.data_content_type 
_pdbx_audit_revision_category.category 
1 4 'Structure model' chem_comp_atom                
2 4 'Structure model' chem_comp_bond                
3 4 'Structure model' database_2                    
4 4 'Structure model' pdbx_initial_refinement_model 
# 
loop_
_pdbx_audit_revision_item.ordinal 
_pdbx_audit_revision_item.revision_ordinal 
_pdbx_audit_revision_item.data_content_type 
_pdbx_audit_revision_item.item 
1 4 'Structure model' '_database_2.pdbx_DOI'                
2 4 'Structure model' '_database_2.pdbx_database_accession' 
# 
loop_
_software.name 
_software.classification 
_software.version 
_software.citation_id 
_software.pdbx_ordinal 
DENZO     'data reduction' .   ? 1 
SCALEPACK 'data scaling'   .   ? 2 
AMoRE     phasing          .   ? 3 
CNS       refinement       1.1 ? 4 
# 
loop_
_pdbx_validate_torsion.id 
_pdbx_validate_torsion.PDB_model_num 
_pdbx_validate_torsion.auth_comp_id 
_pdbx_validate_torsion.auth_asym_id 
_pdbx_validate_torsion.auth_seq_id 
_pdbx_validate_torsion.PDB_ins_code 
_pdbx_validate_torsion.label_alt_id 
_pdbx_validate_torsion.phi 
_pdbx_validate_torsion.psi 
1 1 ARG A 439 ? ? -77.45  29.91  
2 1 LYS A 528 ? ? -100.59 -63.42 
3 1 GLN B 479 ? ? 58.42   16.38  
# 
loop_
_pdbx_unobs_or_zero_occ_residues.id 
_pdbx_unobs_or_zero_occ_residues.PDB_model_num 
_pdbx_unobs_or_zero_occ_residues.polymer_flag 
_pdbx_unobs_or_zero_occ_residues.occupancy_flag 
_pdbx_unobs_or_zero_occ_residues.auth_asym_id 
_pdbx_unobs_or_zero_occ_residues.auth_comp_id 
_pdbx_unobs_or_zero_occ_residues.auth_seq_id 
_pdbx_unobs_or_zero_occ_residues.PDB_ins_code 
_pdbx_unobs_or_zero_occ_residues.label_asym_id 
_pdbx_unobs_or_zero_occ_residues.label_comp_id 
_pdbx_unobs_or_zero_occ_residues.label_seq_id 
1  1 Y 1 A GLU 490 ? A GLU 62 
2  1 Y 1 A ASP 491 ? A ASP 63 
3  1 Y 1 A ASP 492 ? A ASP 64 
4  1 Y 1 A GLY 493 ? A GLY 65 
5  1 Y 1 A GLN 494 ? A GLN 66 
6  1 Y 1 B GLU 490 ? B GLU 62 
7  1 Y 1 B ASP 491 ? B ASP 63 
8  1 Y 1 B ASP 492 ? B ASP 64 
9  1 Y 1 B GLY 493 ? B GLY 65 
10 1 Y 1 B GLN 494 ? B GLN 66 
# 
loop_
_chem_comp_atom.comp_id 
_chem_comp_atom.atom_id 
_chem_comp_atom.type_symbol 
_chem_comp_atom.pdbx_aromatic_flag 
_chem_comp_atom.pdbx_stereo_config 
_chem_comp_atom.pdbx_ordinal 
ALA N    N N N 1   
ALA CA   C N S 2   
ALA C    C N N 3   
ALA O    O N N 4   
ALA CB   C N N 5   
ALA OXT  O N N 6   
ALA H    H N N 7   
ALA H2   H N N 8   
ALA HA   H N N 9   
ALA HB1  H N N 10  
ALA HB2  H N N 11  
ALA HB3  H N N 12  
ALA HXT  H N N 13  
ARG N    N N N 14  
ARG CA   C N S 15  
ARG C    C N N 16  
ARG O    O N N 17  
ARG CB   C N N 18  
ARG CG   C N N 19  
ARG CD   C N N 20  
ARG NE   N N N 21  
ARG CZ   C N N 22  
ARG NH1  N N N 23  
ARG NH2  N N N 24  
ARG OXT  O N N 25  
ARG H    H N N 26  
ARG H2   H N N 27  
ARG HA   H N N 28  
ARG HB2  H N N 29  
ARG HB3  H N N 30  
ARG HG2  H N N 31  
ARG HG3  H N N 32  
ARG HD2  H N N 33  
ARG HD3  H N N 34  
ARG HE   H N N 35  
ARG HH11 H N N 36  
ARG HH12 H N N 37  
ARG HH21 H N N 38  
ARG HH22 H N N 39  
ARG HXT  H N N 40  
ASN N    N N N 41  
ASN CA   C N S 42  
ASN C    C N N 43  
ASN O    O N N 44  
ASN CB   C N N 45  
ASN CG   C N N 46  
ASN OD1  O N N 47  
ASN ND2  N N N 48  
ASN OXT  O N N 49  
ASN H    H N N 50  
ASN H2   H N N 51  
ASN HA   H N N 52  
ASN HB2  H N N 53  
ASN HB3  H N N 54  
ASN HD21 H N N 55  
ASN HD22 H N N 56  
ASN HXT  H N N 57  
ASP N    N N N 58  
ASP CA   C N S 59  
ASP C    C N N 60  
ASP O    O N N 61  
ASP CB   C N N 62  
ASP CG   C N N 63  
ASP OD1  O N N 64  
ASP OD2  O N N 65  
ASP OXT  O N N 66  
ASP H    H N N 67  
ASP H2   H N N 68  
ASP HA   H N N 69  
ASP HB2  H N N 70  
ASP HB3  H N N 71  
ASP HD2  H N N 72  
ASP HXT  H N N 73  
CYS N    N N N 74  
CYS CA   C N R 75  
CYS C    C N N 76  
CYS O    O N N 77  
CYS CB   C N N 78  
CYS SG   S N N 79  
CYS OXT  O N N 80  
CYS H    H N N 81  
CYS H2   H N N 82  
CYS HA   H N N 83  
CYS HB2  H N N 84  
CYS HB3  H N N 85  
CYS HG   H N N 86  
CYS HXT  H N N 87  
GLN N    N N N 88  
GLN CA   C N S 89  
GLN C    C N N 90  
GLN O    O N N 91  
GLN CB   C N N 92  
GLN CG   C N N 93  
GLN CD   C N N 94  
GLN OE1  O N N 95  
GLN NE2  N N N 96  
GLN OXT  O N N 97  
GLN H    H N N 98  
GLN H2   H N N 99  
GLN HA   H N N 100 
GLN HB2  H N N 101 
GLN HB3  H N N 102 
GLN HG2  H N N 103 
GLN HG3  H N N 104 
GLN HE21 H N N 105 
GLN HE22 H N N 106 
GLN HXT  H N N 107 
GLU N    N N N 108 
GLU CA   C N S 109 
GLU C    C N N 110 
GLU O    O N N 111 
GLU CB   C N N 112 
GLU CG   C N N 113 
GLU CD   C N N 114 
GLU OE1  O N N 115 
GLU OE2  O N N 116 
GLU OXT  O N N 117 
GLU H    H N N 118 
GLU H2   H N N 119 
GLU HA   H N N 120 
GLU HB2  H N N 121 
GLU HB3  H N N 122 
GLU HG2  H N N 123 
GLU HG3  H N N 124 
GLU HE2  H N N 125 
GLU HXT  H N N 126 
GLY N    N N N 127 
GLY CA   C N N 128 
GLY C    C N N 129 
GLY O    O N N 130 
GLY OXT  O N N 131 
GLY H    H N N 132 
GLY H2   H N N 133 
GLY HA2  H N N 134 
GLY HA3  H N N 135 
GLY HXT  H N N 136 
HIS N    N N N 137 
HIS CA   C N S 138 
HIS C    C N N 139 
HIS O    O N N 140 
HIS CB   C N N 141 
HIS CG   C Y N 142 
HIS ND1  N Y N 143 
HIS CD2  C Y N 144 
HIS CE1  C Y N 145 
HIS NE2  N Y N 146 
HIS OXT  O N N 147 
HIS H    H N N 148 
HIS H2   H N N 149 
HIS HA   H N N 150 
HIS HB2  H N N 151 
HIS HB3  H N N 152 
HIS HD1  H N N 153 
HIS HD2  H N N 154 
HIS HE1  H N N 155 
HIS HE2  H N N 156 
HIS HXT  H N N 157 
HOH O    O N N 158 
HOH H1   H N N 159 
HOH H2   H N N 160 
ILE N    N N N 161 
ILE CA   C N S 162 
ILE C    C N N 163 
ILE O    O N N 164 
ILE CB   C N S 165 
ILE CG1  C N N 166 
ILE CG2  C N N 167 
ILE CD1  C N N 168 
ILE OXT  O N N 169 
ILE H    H N N 170 
ILE H2   H N N 171 
ILE HA   H N N 172 
ILE HB   H N N 173 
ILE HG12 H N N 174 
ILE HG13 H N N 175 
ILE HG21 H N N 176 
ILE HG22 H N N 177 
ILE HG23 H N N 178 
ILE HD11 H N N 179 
ILE HD12 H N N 180 
ILE HD13 H N N 181 
ILE HXT  H N N 182 
LEU N    N N N 183 
LEU CA   C N S 184 
LEU C    C N N 185 
LEU O    O N N 186 
LEU CB   C N N 187 
LEU CG   C N N 188 
LEU CD1  C N N 189 
LEU CD2  C N N 190 
LEU OXT  O N N 191 
LEU H    H N N 192 
LEU H2   H N N 193 
LEU HA   H N N 194 
LEU HB2  H N N 195 
LEU HB3  H N N 196 
LEU HG   H N N 197 
LEU HD11 H N N 198 
LEU HD12 H N N 199 
LEU HD13 H N N 200 
LEU HD21 H N N 201 
LEU HD22 H N N 202 
LEU HD23 H N N 203 
LEU HXT  H N N 204 
LYS N    N N N 205 
LYS CA   C N S 206 
LYS C    C N N 207 
LYS O    O N N 208 
LYS CB   C N N 209 
LYS CG   C N N 210 
LYS CD   C N N 211 
LYS CE   C N N 212 
LYS NZ   N N N 213 
LYS OXT  O N N 214 
LYS H    H N N 215 
LYS H2   H N N 216 
LYS HA   H N N 217 
LYS HB2  H N N 218 
LYS HB3  H N N 219 
LYS HG2  H N N 220 
LYS HG3  H N N 221 
LYS HD2  H N N 222 
LYS HD3  H N N 223 
LYS HE2  H N N 224 
LYS HE3  H N N 225 
LYS HZ1  H N N 226 
LYS HZ2  H N N 227 
LYS HZ3  H N N 228 
LYS HXT  H N N 229 
PHE N    N N N 230 
PHE CA   C N S 231 
PHE C    C N N 232 
PHE O    O N N 233 
PHE CB   C N N 234 
PHE CG   C Y N 235 
PHE CD1  C Y N 236 
PHE CD2  C Y N 237 
PHE CE1  C Y N 238 
PHE CE2  C Y N 239 
PHE CZ   C Y N 240 
PHE OXT  O N N 241 
PHE H    H N N 242 
PHE H2   H N N 243 
PHE HA   H N N 244 
PHE HB2  H N N 245 
PHE HB3  H N N 246 
PHE HD1  H N N 247 
PHE HD2  H N N 248 
PHE HE1  H N N 249 
PHE HE2  H N N 250 
PHE HZ   H N N 251 
PHE HXT  H N N 252 
PRO N    N N N 253 
PRO CA   C N S 254 
PRO C    C N N 255 
PRO O    O N N 256 
PRO CB   C N N 257 
PRO CG   C N N 258 
PRO CD   C N N 259 
PRO OXT  O N N 260 
PRO H    H N N 261 
PRO HA   H N N 262 
PRO HB2  H N N 263 
PRO HB3  H N N 264 
PRO HG2  H N N 265 
PRO HG3  H N N 266 
PRO HD2  H N N 267 
PRO HD3  H N N 268 
PRO HXT  H N N 269 
SER N    N N N 270 
SER CA   C N S 271 
SER C    C N N 272 
SER O    O N N 273 
SER CB   C N N 274 
SER OG   O N N 275 
SER OXT  O N N 276 
SER H    H N N 277 
SER H2   H N N 278 
SER HA   H N N 279 
SER HB2  H N N 280 
SER HB3  H N N 281 
SER HG   H N N 282 
SER HXT  H N N 283 
THR N    N N N 284 
THR CA   C N S 285 
THR C    C N N 286 
THR O    O N N 287 
THR CB   C N R 288 
THR OG1  O N N 289 
THR CG2  C N N 290 
THR OXT  O N N 291 
THR H    H N N 292 
THR H2   H N N 293 
THR HA   H N N 294 
THR HB   H N N 295 
THR HG1  H N N 296 
THR HG21 H N N 297 
THR HG22 H N N 298 
THR HG23 H N N 299 
THR HXT  H N N 300 
TRP N    N N N 301 
TRP CA   C N S 302 
TRP C    C N N 303 
TRP O    O N N 304 
TRP CB   C N N 305 
TRP CG   C Y N 306 
TRP CD1  C Y N 307 
TRP CD2  C Y N 308 
TRP NE1  N Y N 309 
TRP CE2  C Y N 310 
TRP CE3  C Y N 311 
TRP CZ2  C Y N 312 
TRP CZ3  C Y N 313 
TRP CH2  C Y N 314 
TRP OXT  O N N 315 
TRP H    H N N 316 
TRP H2   H N N 317 
TRP HA   H N N 318 
TRP HB2  H N N 319 
TRP HB3  H N N 320 
TRP HD1  H N N 321 
TRP HE1  H N N 322 
TRP HE3  H N N 323 
TRP HZ2  H N N 324 
TRP HZ3  H N N 325 
TRP HH2  H N N 326 
TRP HXT  H N N 327 
TYR N    N N N 328 
TYR CA   C N S 329 
TYR C    C N N 330 
TYR O    O N N 331 
TYR CB   C N N 332 
TYR CG   C Y N 333 
TYR CD1  C Y N 334 
TYR CD2  C Y N 335 
TYR CE1  C Y N 336 
TYR CE2  C Y N 337 
TYR CZ   C Y N 338 
TYR OH   O N N 339 
TYR OXT  O N N 340 
TYR H    H N N 341 
TYR H2   H N N 342 
TYR HA   H N N 343 
TYR HB2  H N N 344 
TYR HB3  H N N 345 
TYR HD1  H N N 346 
TYR HD2  H N N 347 
TYR HE1  H N N 348 
TYR HE2  H N N 349 
TYR HH   H N N 350 
TYR HXT  H N N 351 
VAL N    N N N 352 
VAL CA   C N S 353 
VAL C    C N N 354 
VAL O    O N N 355 
VAL CB   C N N 356 
VAL CG1  C N N 357 
VAL CG2  C N N 358 
VAL OXT  O N N 359 
VAL H    H N N 360 
VAL H2   H N N 361 
VAL HA   H N N 362 
VAL HB   H N N 363 
VAL HG11 H N N 364 
VAL HG12 H N N 365 
VAL HG13 H N N 366 
VAL HG21 H N N 367 
VAL HG22 H N N 368 
VAL HG23 H N N 369 
VAL HXT  H N N 370 
# 
loop_
_chem_comp_bond.comp_id 
_chem_comp_bond.atom_id_1 
_chem_comp_bond.atom_id_2 
_chem_comp_bond.value_order 
_chem_comp_bond.pdbx_aromatic_flag 
_chem_comp_bond.pdbx_stereo_config 
_chem_comp_bond.pdbx_ordinal 
ALA N   CA   sing N N 1   
ALA N   H    sing N N 2   
ALA N   H2   sing N N 3   
ALA CA  C    sing N N 4   
ALA CA  CB   sing N N 5   
ALA CA  HA   sing N N 6   
ALA C   O    doub N N 7   
ALA C   OXT  sing N N 8   
ALA CB  HB1  sing N N 9   
ALA CB  HB2  sing N N 10  
ALA CB  HB3  sing N N 11  
ALA OXT HXT  sing N N 12  
ARG N   CA   sing N N 13  
ARG N   H    sing N N 14  
ARG N   H2   sing N N 15  
ARG CA  C    sing N N 16  
ARG CA  CB   sing N N 17  
ARG CA  HA   sing N N 18  
ARG C   O    doub N N 19  
ARG C   OXT  sing N N 20  
ARG CB  CG   sing N N 21  
ARG CB  HB2  sing N N 22  
ARG CB  HB3  sing N N 23  
ARG CG  CD   sing N N 24  
ARG CG  HG2  sing N N 25  
ARG CG  HG3  sing N N 26  
ARG CD  NE   sing N N 27  
ARG CD  HD2  sing N N 28  
ARG CD  HD3  sing N N 29  
ARG NE  CZ   sing N N 30  
ARG NE  HE   sing N N 31  
ARG CZ  NH1  sing N N 32  
ARG CZ  NH2  doub N N 33  
ARG NH1 HH11 sing N N 34  
ARG NH1 HH12 sing N N 35  
ARG NH2 HH21 sing N N 36  
ARG NH2 HH22 sing N N 37  
ARG OXT HXT  sing N N 38  
ASN N   CA   sing N N 39  
ASN N   H    sing N N 40  
ASN N   H2   sing N N 41  
ASN CA  C    sing N N 42  
ASN CA  CB   sing N N 43  
ASN CA  HA   sing N N 44  
ASN C   O    doub N N 45  
ASN C   OXT  sing N N 46  
ASN CB  CG   sing N N 47  
ASN CB  HB2  sing N N 48  
ASN CB  HB3  sing N N 49  
ASN CG  OD1  doub N N 50  
ASN CG  ND2  sing N N 51  
ASN ND2 HD21 sing N N 52  
ASN ND2 HD22 sing N N 53  
ASN OXT HXT  sing N N 54  
ASP N   CA   sing N N 55  
ASP N   H    sing N N 56  
ASP N   H2   sing N N 57  
ASP CA  C    sing N N 58  
ASP CA  CB   sing N N 59  
ASP CA  HA   sing N N 60  
ASP C   O    doub N N 61  
ASP C   OXT  sing N N 62  
ASP CB  CG   sing N N 63  
ASP CB  HB2  sing N N 64  
ASP CB  HB3  sing N N 65  
ASP CG  OD1  doub N N 66  
ASP CG  OD2  sing N N 67  
ASP OD2 HD2  sing N N 68  
ASP OXT HXT  sing N N 69  
CYS N   CA   sing N N 70  
CYS N   H    sing N N 71  
CYS N   H2   sing N N 72  
CYS CA  C    sing N N 73  
CYS CA  CB   sing N N 74  
CYS CA  HA   sing N N 75  
CYS C   O    doub N N 76  
CYS C   OXT  sing N N 77  
CYS CB  SG   sing N N 78  
CYS CB  HB2  sing N N 79  
CYS CB  HB3  sing N N 80  
CYS SG  HG   sing N N 81  
CYS OXT HXT  sing N N 82  
GLN N   CA   sing N N 83  
GLN N   H    sing N N 84  
GLN N   H2   sing N N 85  
GLN CA  C    sing N N 86  
GLN CA  CB   sing N N 87  
GLN CA  HA   sing N N 88  
GLN C   O    doub N N 89  
GLN C   OXT  sing N N 90  
GLN CB  CG   sing N N 91  
GLN CB  HB2  sing N N 92  
GLN CB  HB3  sing N N 93  
GLN CG  CD   sing N N 94  
GLN CG  HG2  sing N N 95  
GLN CG  HG3  sing N N 96  
GLN CD  OE1  doub N N 97  
GLN CD  NE2  sing N N 98  
GLN NE2 HE21 sing N N 99  
GLN NE2 HE22 sing N N 100 
GLN OXT HXT  sing N N 101 
GLU N   CA   sing N N 102 
GLU N   H    sing N N 103 
GLU N   H2   sing N N 104 
GLU CA  C    sing N N 105 
GLU CA  CB   sing N N 106 
GLU CA  HA   sing N N 107 
GLU C   O    doub N N 108 
GLU C   OXT  sing N N 109 
GLU CB  CG   sing N N 110 
GLU CB  HB2  sing N N 111 
GLU CB  HB3  sing N N 112 
GLU CG  CD   sing N N 113 
GLU CG  HG2  sing N N 114 
GLU CG  HG3  sing N N 115 
GLU CD  OE1  doub N N 116 
GLU CD  OE2  sing N N 117 
GLU OE2 HE2  sing N N 118 
GLU OXT HXT  sing N N 119 
GLY N   CA   sing N N 120 
GLY N   H    sing N N 121 
GLY N   H2   sing N N 122 
GLY CA  C    sing N N 123 
GLY CA  HA2  sing N N 124 
GLY CA  HA3  sing N N 125 
GLY C   O    doub N N 126 
GLY C   OXT  sing N N 127 
GLY OXT HXT  sing N N 128 
HIS N   CA   sing N N 129 
HIS N   H    sing N N 130 
HIS N   H2   sing N N 131 
HIS CA  C    sing N N 132 
HIS CA  CB   sing N N 133 
HIS CA  HA   sing N N 134 
HIS C   O    doub N N 135 
HIS C   OXT  sing N N 136 
HIS CB  CG   sing N N 137 
HIS CB  HB2  sing N N 138 
HIS CB  HB3  sing N N 139 
HIS CG  ND1  sing Y N 140 
HIS CG  CD2  doub Y N 141 
HIS ND1 CE1  doub Y N 142 
HIS ND1 HD1  sing N N 143 
HIS CD2 NE2  sing Y N 144 
HIS CD2 HD2  sing N N 145 
HIS CE1 NE2  sing Y N 146 
HIS CE1 HE1  sing N N 147 
HIS NE2 HE2  sing N N 148 
HIS OXT HXT  sing N N 149 
HOH O   H1   sing N N 150 
HOH O   H2   sing N N 151 
ILE N   CA   sing N N 152 
ILE N   H    sing N N 153 
ILE N   H2   sing N N 154 
ILE CA  C    sing N N 155 
ILE CA  CB   sing N N 156 
ILE CA  HA   sing N N 157 
ILE C   O    doub N N 158 
ILE C   OXT  sing N N 159 
ILE CB  CG1  sing N N 160 
ILE CB  CG2  sing N N 161 
ILE CB  HB   sing N N 162 
ILE CG1 CD1  sing N N 163 
ILE CG1 HG12 sing N N 164 
ILE CG1 HG13 sing N N 165 
ILE CG2 HG21 sing N N 166 
ILE CG2 HG22 sing N N 167 
ILE CG2 HG23 sing N N 168 
ILE CD1 HD11 sing N N 169 
ILE CD1 HD12 sing N N 170 
ILE CD1 HD13 sing N N 171 
ILE OXT HXT  sing N N 172 
LEU N   CA   sing N N 173 
LEU N   H    sing N N 174 
LEU N   H2   sing N N 175 
LEU CA  C    sing N N 176 
LEU CA  CB   sing N N 177 
LEU CA  HA   sing N N 178 
LEU C   O    doub N N 179 
LEU C   OXT  sing N N 180 
LEU CB  CG   sing N N 181 
LEU CB  HB2  sing N N 182 
LEU CB  HB3  sing N N 183 
LEU CG  CD1  sing N N 184 
LEU CG  CD2  sing N N 185 
LEU CG  HG   sing N N 186 
LEU CD1 HD11 sing N N 187 
LEU CD1 HD12 sing N N 188 
LEU CD1 HD13 sing N N 189 
LEU CD2 HD21 sing N N 190 
LEU CD2 HD22 sing N N 191 
LEU CD2 HD23 sing N N 192 
LEU OXT HXT  sing N N 193 
LYS N   CA   sing N N 194 
LYS N   H    sing N N 195 
LYS N   H2   sing N N 196 
LYS CA  C    sing N N 197 
LYS CA  CB   sing N N 198 
LYS CA  HA   sing N N 199 
LYS C   O    doub N N 200 
LYS C   OXT  sing N N 201 
LYS CB  CG   sing N N 202 
LYS CB  HB2  sing N N 203 
LYS CB  HB3  sing N N 204 
LYS CG  CD   sing N N 205 
LYS CG  HG2  sing N N 206 
LYS CG  HG3  sing N N 207 
LYS CD  CE   sing N N 208 
LYS CD  HD2  sing N N 209 
LYS CD  HD3  sing N N 210 
LYS CE  NZ   sing N N 211 
LYS CE  HE2  sing N N 212 
LYS CE  HE3  sing N N 213 
LYS NZ  HZ1  sing N N 214 
LYS NZ  HZ2  sing N N 215 
LYS NZ  HZ3  sing N N 216 
LYS OXT HXT  sing N N 217 
PHE N   CA   sing N N 218 
PHE N   H    sing N N 219 
PHE N   H2   sing N N 220 
PHE CA  C    sing N N 221 
PHE CA  CB   sing N N 222 
PHE CA  HA   sing N N 223 
PHE C   O    doub N N 224 
PHE C   OXT  sing N N 225 
PHE CB  CG   sing N N 226 
PHE CB  HB2  sing N N 227 
PHE CB  HB3  sing N N 228 
PHE CG  CD1  doub Y N 229 
PHE CG  CD2  sing Y N 230 
PHE CD1 CE1  sing Y N 231 
PHE CD1 HD1  sing N N 232 
PHE CD2 CE2  doub Y N 233 
PHE CD2 HD2  sing N N 234 
PHE CE1 CZ   doub Y N 235 
PHE CE1 HE1  sing N N 236 
PHE CE2 CZ   sing Y N 237 
PHE CE2 HE2  sing N N 238 
PHE CZ  HZ   sing N N 239 
PHE OXT HXT  sing N N 240 
PRO N   CA   sing N N 241 
PRO N   CD   sing N N 242 
PRO N   H    sing N N 243 
PRO CA  C    sing N N 244 
PRO CA  CB   sing N N 245 
PRO CA  HA   sing N N 246 
PRO C   O    doub N N 247 
PRO C   OXT  sing N N 248 
PRO CB  CG   sing N N 249 
PRO CB  HB2  sing N N 250 
PRO CB  HB3  sing N N 251 
PRO CG  CD   sing N N 252 
PRO CG  HG2  sing N N 253 
PRO CG  HG3  sing N N 254 
PRO CD  HD2  sing N N 255 
PRO CD  HD3  sing N N 256 
PRO OXT HXT  sing N N 257 
SER N   CA   sing N N 258 
SER N   H    sing N N 259 
SER N   H2   sing N N 260 
SER CA  C    sing N N 261 
SER CA  CB   sing N N 262 
SER CA  HA   sing N N 263 
SER C   O    doub N N 264 
SER C   OXT  sing N N 265 
SER CB  OG   sing N N 266 
SER CB  HB2  sing N N 267 
SER CB  HB3  sing N N 268 
SER OG  HG   sing N N 269 
SER OXT HXT  sing N N 270 
THR N   CA   sing N N 271 
THR N   H    sing N N 272 
THR N   H2   sing N N 273 
THR CA  C    sing N N 274 
THR CA  CB   sing N N 275 
THR CA  HA   sing N N 276 
THR C   O    doub N N 277 
THR C   OXT  sing N N 278 
THR CB  OG1  sing N N 279 
THR CB  CG2  sing N N 280 
THR CB  HB   sing N N 281 
THR OG1 HG1  sing N N 282 
THR CG2 HG21 sing N N 283 
THR CG2 HG22 sing N N 284 
THR CG2 HG23 sing N N 285 
THR OXT HXT  sing N N 286 
TRP N   CA   sing N N 287 
TRP N   H    sing N N 288 
TRP N   H2   sing N N 289 
TRP CA  C    sing N N 290 
TRP CA  CB   sing N N 291 
TRP CA  HA   sing N N 292 
TRP C   O    doub N N 293 
TRP C   OXT  sing N N 294 
TRP CB  CG   sing N N 295 
TRP CB  HB2  sing N N 296 
TRP CB  HB3  sing N N 297 
TRP CG  CD1  doub Y N 298 
TRP CG  CD2  sing Y N 299 
TRP CD1 NE1  sing Y N 300 
TRP CD1 HD1  sing N N 301 
TRP CD2 CE2  doub Y N 302 
TRP CD2 CE3  sing Y N 303 
TRP NE1 CE2  sing Y N 304 
TRP NE1 HE1  sing N N 305 
TRP CE2 CZ2  sing Y N 306 
TRP CE3 CZ3  doub Y N 307 
TRP CE3 HE3  sing N N 308 
TRP CZ2 CH2  doub Y N 309 
TRP CZ2 HZ2  sing N N 310 
TRP CZ3 CH2  sing Y N 311 
TRP CZ3 HZ3  sing N N 312 
TRP CH2 HH2  sing N N 313 
TRP OXT HXT  sing N N 314 
TYR N   CA   sing N N 315 
TYR N   H    sing N N 316 
TYR N   H2   sing N N 317 
TYR CA  C    sing N N 318 
TYR CA  CB   sing N N 319 
TYR CA  HA   sing N N 320 
TYR C   O    doub N N 321 
TYR C   OXT  sing N N 322 
TYR CB  CG   sing N N 323 
TYR CB  HB2  sing N N 324 
TYR CB  HB3  sing N N 325 
TYR CG  CD1  doub Y N 326 
TYR CG  CD2  sing Y N 327 
TYR CD1 CE1  sing Y N 328 
TYR CD1 HD1  sing N N 329 
TYR CD2 CE2  doub Y N 330 
TYR CD2 HD2  sing N N 331 
TYR CE1 CZ   doub Y N 332 
TYR CE1 HE1  sing N N 333 
TYR CE2 CZ   sing Y N 334 
TYR CE2 HE2  sing N N 335 
TYR CZ  OH   sing N N 336 
TYR OH  HH   sing N N 337 
TYR OXT HXT  sing N N 338 
VAL N   CA   sing N N 339 
VAL N   H    sing N N 340 
VAL N   H2   sing N N 341 
VAL CA  C    sing N N 342 
VAL CA  CB   sing N N 343 
VAL CA  HA   sing N N 344 
VAL C   O    doub N N 345 
VAL C   OXT  sing N N 346 
VAL CB  CG1  sing N N 347 
VAL CB  CG2  sing N N 348 
VAL CB  HB   sing N N 349 
VAL CG1 HG11 sing N N 350 
VAL CG1 HG12 sing N N 351 
VAL CG1 HG13 sing N N 352 
VAL CG2 HG21 sing N N 353 
VAL CG2 HG22 sing N N 354 
VAL CG2 HG23 sing N N 355 
VAL OXT HXT  sing N N 356 
# 
_pdbx_entity_nonpoly.entity_id   2 
_pdbx_entity_nonpoly.name        water 
_pdbx_entity_nonpoly.comp_id     HOH 
# 
_pdbx_initial_refinement_model.id               1 
_pdbx_initial_refinement_model.entity_id_list   ? 
_pdbx_initial_refinement_model.type             'experimental model' 
_pdbx_initial_refinement_model.source_name      PDB 
_pdbx_initial_refinement_model.accession_code   1A81 
_pdbx_initial_refinement_model.details          'PDB ENTRY 1A81' 
# 
